data_8C8G
#
_entry.id   8C8G
#
_cell.length_a   1.00
_cell.length_b   1.00
_cell.length_c   1.00
_cell.angle_alpha   90.00
_cell.angle_beta   90.00
_cell.angle_gamma   90.00
#
_symmetry.space_group_name_H-M   'P 1'
#
loop_
_entity.id
_entity.type
_entity.pdbx_description
1 polymer 'Putative botulinum-like toxin Wo'
2 polymer 'Structural protein'
#
loop_
_entity_poly.entity_id
_entity_poly.type
_entity_poly.pdbx_seq_one_letter_code
_entity_poly.pdbx_strand_id
1 'polypeptide(L)'
;MDVLEMFDVNYESPILESFDSTTQSLNDVHVFMSRIQMSAYDADGEGRIEYRNLKLYEISSGIFISTDRLDTGASGVEDD
HEMVDYYSSARLTREFLGESLDSQKSDYFEGIKKVFSFYKNKCNESRYIKEFFEEIQFRNICGFPKQAGTSSTDIFDQFN
SVDVLLQDPVTSVWNKKVGSKKANIVIIPPATNLPITEACATAGFQPEGFPKLGSGSFFTVQFDPFFSTRFKAHETDDVA
LLDPTLTLLHEMTHGLHFQKGIANPVNRSGETPAWATTWGRVTGDNDAFKETPMEELLTFNKHTIDDDIEISDHLKSTYI
GFLYNGRNEDDPTESVDGVYQNVSSFLNQYRGFEISSDFQHFIESCYGVKYNQESKKFIVNPRNIKRYVQDGFFIDEAKF
ARILNIKTRSYYTLMPDNLGVWSYRVDILNRLRETFDEDRGLLSQELDFHTALTPVVSENPALELEVAGMQRMVSLPKIK
ASYLPSDIKIKNFTGQKISHDTILDTNISGIIISKIKYKSDFVVDESMPRSSLNTTNYNLSPIKGTKFETDIRDKTSVKV
TVSEITAPMINHVMKLDNSKVLTERPSLNEDLEETFKNTKDVYIPKTTAMMKLKEGADQTLGAVGFAVWSGQILEDLYNL
AQKKEVSIDQIKDDLMSILPFYCAYKNLSAEKYEQAFANATLDAFLIFATDGGGFAGLGITVGAIAINSMYAKAETMEAY
DSMFGKYVDQYQNDIKNFTLNAYVQWENNILSRLWNESRLAITGFRNMLKTVKTVMEFDATNQAYSEEDRKIIKAKCEEI
FSEFPMLMQTFAKNSMTANLENASKIFNDIVWQKIKEELDQYVIDSKKYFLDSLEEAYNNGSISAESYYKYQTEAREKFV
SPREVIDLYIAAHDTVVKRKRYIRRYSRKYDLATDFKGNTVHLNGLGEGTQDIQDLYGNYSVYADKKTVSTQEGHFDQTI
KIAKDTNTINKVVLAVSSNNGKEYALNKDEQYTISFWLRMPVPSSSEERRIFSYSAVSGVNKEVEELILQVKNNEFVLAT
ANLLRNSEFVIEPRIALNRWVKITIVNENTRIKVYQNDNLLGLIKDSSRKKPIAQRGTFKFYNYNVDYQLDDISYYNGTI
SQRDIKYTFKEDHGQFVYDHWGERLQYNKAYYLLSDDNKSAFETVYETKRLKLKSVPGVDIKYLGMNDRVYGYYGGLQFK
LVPLDSKNMNNYVRWGDKFTMQSIETTNLSLAIIQDNAYFAPTQLKLISNEGKSEEEIFTFDRNIKLQNAAILVGTGNSK
QGPISAYKRGYSGDLWINGARLDGYVTVVNKSNYSNDEIQEKFKWIFVPKDANWVEGSYPYDVPDYALESGKETAAAKFE
RQHMDSSTSAA
;
A
2 'polypeptide(L)'
;MGSDYKDDDDKSGMDNKLKTENIRYFRTAAGSEDVLEVKAYEVYPNVWAIPSRYMMEPLQDLDEVTNPEQFSIYDKKYLA
DIQEQDEFLKSIQAAIEDIKKRTFGLELLTAVSGAVPLPKDTGATNTTLQCIDENGKHTHDVVANVVLWGPGNNLNSNRL
ISKSDDDSNGIGSMVELIWNPQILIKNIGTNRIKPATDELVGLLTKALFRLYGLGLNKIRYPFYQLDDKKYYSLTAEDLI
SYGGFSANVVNLQPYYFLEDQFTKVKEKYESAKKRIDDIKVNDEYSQMLTLKYQFDLYSLFHISTSYIVSTVIPANDKYG
GLVSYYTGPNALIDSKTDEKLTSMVKIPLKKIKYSKNQSREYDEYDLTNGEDSTQYFENFTFPKSKHVFVETQPTPENVF
VNLPSEEITKIILPVIPAESDLIKIPFQPATPKSITTELITTDVPTLGLIFPAVKSKQNLSDIKMTSKLSDALDSDKQTF
AFDNTLVDKLSELTSVSDAELFGIIRLIKNELLSVIDNFTTFGDNWSCPRWIDYCFQQVFGSDLKNLIVQGDFEKVFNIS
DTLILPKQLPEDILQLKPYLFYQWYAKRYTRILRLESLFYQILNEHITLIRSLVSSNNKGQYLQGFMNDLDKIAYNAQYM
LSDWTIQLGYYDFKNQVTQVIKTSSMTSEFNIDDLLYDYDTFKLTISQFGADSINNFTPSQDLKLALNDNNSPILLLGND
EIKSNGSITQTDDSLDDETSLLLSKNTSFEGNFSAKYLLSSVGVNFTFKSIENLNFSVDFMNINIAFSNNFFEITQTGQE
TKKYSIAKLFGWNSLVYLIKHSSVEIWDIHSNILLVSHDLTAPQNNIVKAPIKLTNLDNELILKSFEVFEQDEEANYNDI
EQGFKNGIIYTAKKMPIIVGEKYALKSSILDDMGILTSDENKKYPVFSTDVEVESSLNIILESTTGDKISVDAGVNIRTI
NSNGEENYLGIEDNHLIFVPKEEAELFYLKKAVVEDTIDIFYVVKTLGNMFINVERISDNIYRLNFKAGILYSTMESDML
VLPAEEANTAFYIQPIGLASLEVKDSVLGEGNPWLKEDNFLDATDDYGNQIDLSDNRISVTGSVDTDKVGTYSVVYSYTG
IDKTNTEKATITVKLDKSSIKTQDSTLQNGKEWVRADNLVEVIDEDGNKVDYSDDRIIQEGDVDINKAGVYDITFRYRGK
FKIISSSFKVTVINDIWYDSIKNACKTYLIDYGERINDVKGITFQNILEATRGKLYGYRVVYDNPHDVINQNPPKDFHFD
LIKPFDVKNPSRVHLADYSGYLRLFIISTGKINTDIKVKIYAVLENKDEIEIFDNHQNDKRHEEIAEIYKSNFDDNNYSA
DGKYFISVLFKNDVQAVVKDEIYGYEIFYSYFTKFRKDTAFQTDGSKRIFFHDYFNFEVPLDYKDSTFINVILKNGEKIR
IYKFAGYYYYSGHHHHHH
;
B
#
# COMPACT_ATOMS: atom_id res chain seq x y z
N ASP A 2 42.48 -7.40 14.07
CA ASP A 2 42.78 -7.41 12.61
C ASP A 2 42.64 -5.99 12.03
N VAL A 3 41.50 -5.34 12.26
CA VAL A 3 41.13 -4.11 11.52
C VAL A 3 41.72 -2.89 12.23
N LEU A 4 41.18 -2.55 13.39
CA LEU A 4 41.71 -1.38 14.14
C LEU A 4 42.66 -1.88 15.22
N GLU A 5 43.47 -2.89 14.89
CA GLU A 5 44.48 -3.47 15.80
C GLU A 5 45.46 -2.36 16.14
N MET A 6 45.44 -1.89 17.38
CA MET A 6 46.20 -0.68 17.74
C MET A 6 47.58 -1.09 18.25
N PHE A 7 48.57 -0.34 17.82
CA PHE A 7 49.98 -0.49 18.26
C PHE A 7 50.11 0.00 19.69
N ASP A 8 51.10 -0.55 20.39
CA ASP A 8 51.53 -0.02 21.71
C ASP A 8 52.19 1.34 21.47
N VAL A 9 51.38 2.38 21.43
CA VAL A 9 51.86 3.78 21.31
C VAL A 9 51.24 4.57 22.43
N ASN A 10 52.05 5.30 23.18
CA ASN A 10 51.57 6.22 24.22
C ASN A 10 51.84 7.65 23.77
N TYR A 11 51.36 8.61 24.54
CA TYR A 11 51.76 10.02 24.39
C TYR A 11 53.21 10.17 24.84
N GLU A 12 53.62 9.33 25.80
CA GLU A 12 54.97 9.40 26.41
C GLU A 12 55.98 8.61 25.57
N SER A 13 55.55 7.97 24.48
CA SER A 13 56.46 7.19 23.61
C SER A 13 57.45 8.12 22.93
N PRO A 14 58.73 7.74 22.84
CA PRO A 14 59.74 8.61 22.27
C PRO A 14 59.62 8.74 20.75
N ILE A 15 59.89 9.93 20.26
CA ILE A 15 59.89 10.23 18.80
C ILE A 15 61.06 9.51 18.15
N LEU A 16 60.96 9.31 16.85
CA LEU A 16 62.10 8.76 16.07
C LEU A 16 63.15 9.86 15.92
N GLU A 17 64.36 9.64 16.46
CA GLU A 17 65.49 10.59 16.30
C GLU A 17 66.64 9.98 15.50
N SER A 18 66.64 8.65 15.30
CA SER A 18 67.66 7.95 14.48
C SER A 18 67.02 6.69 13.90
N PHE A 19 67.26 6.41 12.62
CA PHE A 19 66.60 5.28 11.93
C PHE A 19 67.60 4.17 11.60
N ASP A 20 68.73 4.51 11.00
CA ASP A 20 69.87 3.59 10.71
C ASP A 20 69.56 2.70 9.48
N SER A 21 68.29 2.55 9.09
CA SER A 21 67.86 2.15 7.73
C SER A 21 68.07 0.64 7.46
N THR A 22 68.77 -0.10 8.32
CA THR A 22 69.15 -1.50 8.02
C THR A 22 68.59 -2.44 9.07
N THR A 23 68.83 -2.16 10.34
CA THR A 23 68.51 -3.08 11.46
C THR A 23 67.00 -3.10 11.69
N GLN A 24 66.34 -1.95 11.62
CA GLN A 24 64.93 -1.80 12.06
C GLN A 24 64.07 -1.34 10.88
N SER A 25 62.84 -1.84 10.83
CA SER A 25 61.89 -1.52 9.73
C SER A 25 61.24 -0.17 9.99
N LEU A 26 60.78 0.46 8.92
CA LEU A 26 60.02 1.73 8.99
C LEU A 26 58.58 1.43 9.42
N ASN A 27 58.08 0.21 9.19
CA ASN A 27 56.73 -0.21 9.62
C ASN A 27 56.65 -0.32 11.13
N ASP A 28 57.78 -0.34 11.83
CA ASP A 28 57.83 -0.45 13.31
C ASP A 28 58.03 0.93 13.95
N VAL A 29 58.30 1.95 13.15
CA VAL A 29 58.31 3.36 13.65
C VAL A 29 56.85 3.75 13.91
N HIS A 30 56.55 4.35 15.04
CA HIS A 30 55.13 4.67 15.35
C HIS A 30 54.95 6.11 15.81
N VAL A 31 55.92 6.68 16.50
CA VAL A 31 55.93 8.14 16.79
C VAL A 31 57.07 8.77 16.01
N PHE A 32 56.75 9.76 15.21
CA PHE A 32 57.74 10.43 14.35
C PHE A 32 57.24 11.79 13.91
N MET A 33 58.17 12.64 13.52
CA MET A 33 57.84 13.98 13.00
C MET A 33 57.52 13.82 11.51
N SER A 34 56.53 14.55 11.03
CA SER A 34 56.07 14.46 9.63
C SER A 34 55.63 15.82 9.14
N ARG A 35 54.93 15.80 8.03
CA ARG A 35 54.48 17.00 7.30
C ARG A 35 53.11 16.71 6.69
N ILE A 36 52.13 17.54 7.02
CA ILE A 36 50.74 17.46 6.48
C ILE A 36 50.47 18.77 5.77
N GLN A 37 49.88 18.69 4.59
CA GLN A 37 49.51 19.89 3.80
C GLN A 37 48.29 20.57 4.42
N MET A 38 48.40 21.87 4.73
CA MET A 38 47.30 22.64 5.34
C MET A 38 47.04 23.91 4.53
N SER A 39 45.88 24.50 4.74
CA SER A 39 45.46 25.78 4.09
C SER A 39 45.81 26.93 5.01
N ALA A 40 47.06 27.38 5.01
CA ALA A 40 47.50 28.41 5.97
C ALA A 40 46.90 29.77 5.59
N TYR A 41 46.76 30.63 6.59
CA TYR A 41 46.33 32.03 6.42
C TYR A 41 47.39 32.94 7.05
N ASP A 42 47.29 34.23 6.76
CA ASP A 42 48.29 35.23 7.22
C ASP A 42 47.55 36.37 7.91
N ALA A 43 48.26 37.47 8.18
CA ALA A 43 47.70 38.72 8.72
C ALA A 43 46.77 39.35 7.68
N ASP A 44 47.02 39.12 6.40
CA ASP A 44 46.23 39.72 5.29
C ASP A 44 44.83 39.08 5.24
N GLY A 45 44.69 37.85 5.75
CA GLY A 45 43.49 37.01 5.56
C GLY A 45 43.57 36.21 4.26
N GLU A 46 44.66 36.31 3.52
CA GLU A 46 44.86 35.56 2.26
C GLU A 46 45.19 34.10 2.60
N GLY A 47 44.53 33.17 1.91
CA GLY A 47 44.79 31.73 2.07
C GLY A 47 45.98 31.30 1.24
N ARG A 48 46.76 30.34 1.75
CA ARG A 48 47.84 29.67 0.97
C ARG A 48 48.02 28.24 1.48
N ILE A 49 48.30 27.32 0.56
CA ILE A 49 48.34 25.88 0.88
C ILE A 49 49.79 25.55 1.19
N GLU A 50 50.08 25.38 2.47
CA GLU A 50 51.45 25.16 2.96
C GLU A 50 51.54 23.77 3.57
N TYR A 51 52.77 23.36 3.85
CA TYR A 51 53.06 22.14 4.64
C TYR A 51 53.36 22.56 6.06
N ARG A 52 52.97 21.73 7.02
CA ARG A 52 53.30 21.98 8.45
C ARG A 52 53.97 20.78 9.07
N ASN A 53 54.99 20.99 9.90
CA ASN A 53 55.61 19.87 10.65
C ASN A 53 54.69 19.52 11.81
N LEU A 54 54.63 18.24 12.15
CA LEU A 54 53.74 17.77 13.23
C LEU A 54 54.29 16.45 13.76
N LYS A 55 54.31 16.29 15.07
CA LYS A 55 54.71 14.98 15.62
C LYS A 55 53.54 14.03 15.39
N LEU A 56 53.80 12.93 14.70
CA LEU A 56 52.74 11.92 14.42
C LEU A 56 52.78 10.79 15.43
N TYR A 57 51.70 10.06 15.54
CA TYR A 57 51.59 8.83 16.35
C TYR A 57 50.76 7.82 15.58
N GLU A 58 51.39 6.85 14.96
CA GLU A 58 50.67 5.81 14.19
C GLU A 58 49.96 4.90 15.19
N ILE A 59 48.72 5.23 15.51
CA ILE A 59 47.94 4.52 16.56
C ILE A 59 47.43 3.19 16.01
N SER A 60 47.21 3.06 14.70
CA SER A 60 46.88 1.76 14.09
C SER A 60 47.48 1.70 12.68
N SER A 61 47.28 0.57 12.02
CA SER A 61 48.16 0.10 10.92
C SER A 61 48.31 1.09 9.78
N GLY A 62 47.42 2.07 9.60
CA GLY A 62 47.65 3.11 8.58
C GLY A 62 47.20 4.46 9.06
N ILE A 63 46.84 4.57 10.32
CA ILE A 63 46.09 5.73 10.85
C ILE A 63 47.06 6.49 11.74
N PHE A 64 47.22 7.76 11.48
CA PHE A 64 48.13 8.62 12.24
C PHE A 64 47.28 9.64 12.98
N ILE A 65 47.73 10.05 14.15
CA ILE A 65 47.10 11.20 14.83
C ILE A 65 48.24 12.13 15.21
N SER A 66 47.92 13.40 15.35
CA SER A 66 48.86 14.40 15.88
C SER A 66 48.16 15.16 16.98
N THR A 67 48.95 15.75 17.85
CA THR A 67 48.42 16.61 18.91
C THR A 67 49.19 17.90 18.90
N ASP A 68 48.91 18.79 17.97
CA ASP A 68 49.78 19.97 17.83
C ASP A 68 48.99 21.26 17.66
N ARG A 69 47.86 21.22 16.96
CA ARG A 69 47.13 22.43 16.56
C ARG A 69 48.08 23.31 15.74
N LEU A 70 48.19 22.98 14.46
CA LEU A 70 49.12 23.65 13.52
C LEU A 70 48.80 25.14 13.42
N ASP A 71 49.83 25.99 13.40
CA ASP A 71 49.59 27.45 13.40
C ASP A 71 49.14 27.88 12.00
N THR A 72 47.84 27.75 11.72
CA THR A 72 47.28 27.88 10.36
C THR A 72 46.65 29.27 10.24
N GLY A 73 47.31 30.28 10.80
CA GLY A 73 46.79 31.65 10.86
C GLY A 73 45.78 31.84 11.97
N ALA A 74 45.50 33.09 12.31
CA ALA A 74 44.55 33.48 13.37
C ALA A 74 43.13 33.06 12.98
N SER A 75 42.26 32.96 13.97
CA SER A 75 40.83 32.65 13.78
C SER A 75 40.10 33.88 13.25
N GLY A 76 40.52 35.08 13.68
CA GLY A 76 39.81 36.34 13.41
C GLY A 76 38.74 36.62 14.44
N VAL A 77 38.37 35.63 15.24
CA VAL A 77 37.34 35.76 16.30
C VAL A 77 38.05 35.69 17.63
N GLU A 78 37.70 36.62 18.53
CA GLU A 78 38.36 36.82 19.84
C GLU A 78 38.26 35.56 20.70
N ASP A 79 39.07 35.52 21.75
CA ASP A 79 39.12 34.35 22.65
C ASP A 79 37.82 34.27 23.43
N ASP A 80 37.37 33.04 23.67
CA ASP A 80 36.20 32.69 24.49
C ASP A 80 34.93 33.30 23.90
N HIS A 81 34.91 33.55 22.60
CA HIS A 81 33.67 33.97 21.89
C HIS A 81 33.02 32.76 21.27
N GLU A 82 31.81 32.95 20.76
CA GLU A 82 31.03 31.83 20.21
C GLU A 82 30.09 32.40 19.17
N MET A 83 30.32 32.10 17.91
CA MET A 83 29.34 32.44 16.88
C MET A 83 28.27 31.34 16.89
N VAL A 84 28.62 30.13 16.48
CA VAL A 84 27.82 28.93 16.83
C VAL A 84 28.77 27.83 17.31
N ASP A 85 30.05 27.93 16.93
CA ASP A 85 31.12 27.06 17.47
C ASP A 85 32.00 27.91 18.37
N TYR A 86 32.53 27.29 19.42
CA TYR A 86 33.35 27.99 20.43
C TYR A 86 34.70 28.33 19.82
N TYR A 87 35.00 29.60 19.72
CA TYR A 87 36.31 30.07 19.22
C TYR A 87 37.21 30.33 20.41
N SER A 88 38.37 29.70 20.41
CA SER A 88 39.43 29.95 21.40
C SER A 88 40.79 29.80 20.70
N SER A 89 41.80 30.48 21.21
CA SER A 89 43.19 30.32 20.72
C SER A 89 44.01 29.56 21.74
N ALA A 90 43.46 29.27 22.92
CA ALA A 90 44.23 28.71 24.05
C ALA A 90 44.19 27.20 24.05
N ARG A 91 43.22 26.56 23.41
CA ARG A 91 43.06 25.09 23.46
C ARG A 91 44.21 24.48 22.65
N LEU A 92 45.03 23.67 23.30
CA LEU A 92 46.21 22.96 22.76
C LEU A 92 47.28 23.95 22.25
N THR A 93 47.27 25.21 22.69
CA THR A 93 48.42 26.12 22.51
C THR A 93 48.87 26.68 23.85
N ARG A 94 47.94 26.97 24.75
CA ARG A 94 48.24 27.56 26.06
C ARG A 94 47.53 26.76 27.15
N GLU A 95 47.53 27.29 28.36
CA GLU A 95 46.70 26.77 29.46
C GLU A 95 45.26 27.19 29.19
N PHE A 96 44.38 26.22 29.00
CA PHE A 96 42.96 26.43 28.61
C PHE A 96 42.07 25.67 29.57
N LEU A 97 41.19 26.38 30.27
CA LEU A 97 40.14 25.83 31.17
C LEU A 97 40.75 24.99 32.28
N GLY A 98 41.71 25.56 33.02
CA GLY A 98 42.24 25.00 34.28
C GLY A 98 43.04 23.73 34.07
N GLU A 99 43.72 23.60 32.93
CA GLU A 99 44.65 22.47 32.69
C GLU A 99 45.76 22.91 31.76
N SER A 100 46.96 22.36 31.98
CA SER A 100 48.19 22.80 31.30
C SER A 100 48.18 22.33 29.85
N LEU A 101 49.14 22.82 29.07
CA LEU A 101 49.25 22.50 27.62
C LEU A 101 49.53 21.01 27.46
N ASP A 102 50.44 20.47 28.27
CA ASP A 102 50.86 19.06 28.18
C ASP A 102 49.69 18.17 28.63
N SER A 103 48.86 18.63 29.55
CA SER A 103 47.72 17.82 30.02
C SER A 103 46.62 17.84 28.95
N GLN A 104 46.47 18.95 28.23
CA GLN A 104 45.56 19.01 27.06
C GLN A 104 46.11 18.14 25.94
N LYS A 105 47.43 18.08 25.81
CA LYS A 105 48.06 17.32 24.71
C LYS A 105 48.04 15.84 25.07
N SER A 106 48.13 15.50 26.35
CA SER A 106 48.11 14.08 26.77
C SER A 106 46.69 13.56 26.68
N ASP A 107 45.71 14.42 26.92
CA ASP A 107 44.28 14.02 26.91
C ASP A 107 43.83 13.80 25.48
N TYR A 108 44.28 14.63 24.55
CA TYR A 108 43.83 14.55 23.15
C TYR A 108 44.37 13.27 22.51
N PHE A 109 45.55 12.84 22.90
CA PHE A 109 46.08 11.54 22.43
C PHE A 109 45.17 10.43 23.00
N GLU A 110 44.99 10.45 24.31
CA GLU A 110 44.30 9.37 25.04
C GLU A 110 42.81 9.43 24.72
N GLY A 111 42.34 10.60 24.26
CA GLY A 111 40.92 10.82 23.90
C GLY A 111 40.60 10.25 22.55
N ILE A 112 41.43 10.55 21.55
CA ILE A 112 41.24 10.03 20.17
C ILE A 112 41.44 8.52 20.18
N LYS A 113 42.43 8.05 20.93
CA LYS A 113 42.75 6.60 20.96
C LYS A 113 41.62 5.86 21.69
N LYS A 114 40.83 6.55 22.48
CA LYS A 114 39.66 5.92 23.13
C LYS A 114 38.46 5.95 22.19
N VAL A 115 38.40 6.93 21.31
CA VAL A 115 37.32 6.98 20.30
C VAL A 115 37.49 5.78 19.37
N PHE A 116 38.71 5.53 18.88
CA PHE A 116 38.97 4.40 17.97
C PHE A 116 38.90 3.08 18.71
N SER A 117 39.04 3.08 20.03
CA SER A 117 38.81 1.85 20.82
C SER A 117 37.34 1.51 20.74
N PHE A 118 36.49 2.53 20.70
CA PHE A 118 35.02 2.33 20.65
C PHE A 118 34.65 1.78 19.27
N TYR A 119 35.28 2.30 18.22
CA TYR A 119 35.01 1.84 16.84
C TYR A 119 35.46 0.39 16.66
N LYS A 120 36.52 -0.03 17.33
CA LYS A 120 37.02 -1.41 17.21
C LYS A 120 36.06 -2.34 17.94
N ASN A 121 35.43 -1.88 19.01
CA ASN A 121 34.41 -2.72 19.70
C ASN A 121 33.15 -2.78 18.85
N LYS A 122 32.93 -1.78 18.02
CA LYS A 122 31.80 -1.79 17.05
C LYS A 122 32.24 -2.40 15.72
N CYS A 123 33.48 -2.82 15.57
CA CYS A 123 33.95 -3.51 14.34
C CYS A 123 33.41 -4.95 14.37
N ASN A 124 33.40 -5.60 15.53
CA ASN A 124 33.08 -7.04 15.57
C ASN A 124 31.58 -7.23 15.79
N GLU A 125 30.87 -6.22 16.28
CA GLU A 125 29.42 -6.39 16.58
C GLU A 125 28.61 -6.03 15.34
N SER A 126 29.22 -5.48 14.29
CA SER A 126 28.51 -5.23 13.02
C SER A 126 29.46 -5.39 11.85
N ARG A 127 29.06 -6.19 10.87
CA ARG A 127 29.79 -6.39 9.58
C ARG A 127 29.85 -5.07 8.81
N TYR A 128 28.91 -4.18 9.06
CA TYR A 128 28.68 -2.99 8.21
C TYR A 128 29.63 -1.88 8.65
N ILE A 129 30.09 -1.92 9.89
CA ILE A 129 31.11 -0.97 10.40
C ILE A 129 32.48 -1.56 10.13
N LYS A 130 32.64 -2.89 10.23
CA LYS A 130 33.92 -3.57 9.93
C LYS A 130 34.31 -3.29 8.48
N GLU A 131 33.37 -3.42 7.55
CA GLU A 131 33.61 -3.20 6.11
C GLU A 131 33.96 -1.74 5.87
N PHE A 132 33.57 -0.84 6.76
CA PHE A 132 33.89 0.59 6.60
C PHE A 132 35.33 0.84 7.03
N PHE A 133 35.68 0.42 8.24
CA PHE A 133 37.00 0.73 8.79
C PHE A 133 38.07 0.05 7.94
N GLU A 134 37.78 -1.13 7.40
CA GLU A 134 38.67 -1.77 6.42
C GLU A 134 38.79 -0.88 5.19
N GLU A 135 37.69 -0.65 4.49
CA GLU A 135 37.69 0.13 3.24
C GLU A 135 38.40 1.45 3.47
N ILE A 136 38.58 1.90 4.71
CA ILE A 136 39.06 3.28 4.96
C ILE A 136 40.45 3.30 5.59
N GLN A 137 40.89 2.19 6.18
CA GLN A 137 42.23 2.10 6.78
C GLN A 137 43.15 1.29 5.87
N PHE A 138 42.70 0.15 5.37
CA PHE A 138 43.56 -0.80 4.65
C PHE A 138 43.58 -0.55 3.15
N ARG A 139 42.94 0.52 2.70
CA ARG A 139 42.71 0.70 1.25
C ARG A 139 44.01 1.13 0.61
N ASN A 140 44.20 0.75 -0.64
CA ASN A 140 45.26 1.32 -1.50
C ASN A 140 44.75 2.66 -2.02
N ILE A 141 45.57 3.69 -1.93
CA ILE A 141 45.16 5.06 -2.34
C ILE A 141 46.07 5.55 -3.45
N CYS A 142 45.48 5.96 -4.54
CA CYS A 142 46.21 6.38 -5.77
C CYS A 142 45.77 7.80 -6.14
N GLY A 143 46.72 8.69 -6.39
CA GLY A 143 46.44 10.06 -6.86
C GLY A 143 47.03 10.32 -8.22
N PHE A 144 46.32 11.01 -9.10
CA PHE A 144 46.61 10.96 -10.54
C PHE A 144 47.79 11.82 -10.94
N PRO A 145 47.74 13.17 -10.80
CA PRO A 145 48.77 13.99 -11.43
C PRO A 145 50.00 13.89 -10.50
N LYS A 146 50.82 12.86 -10.75
CA LYS A 146 52.01 12.54 -9.93
C LYS A 146 52.93 13.75 -9.95
N GLN A 147 53.34 14.21 -8.78
CA GLN A 147 54.05 15.49 -8.62
C GLN A 147 55.54 15.31 -8.98
N ALA A 148 56.28 16.42 -8.92
CA ALA A 148 57.75 16.42 -9.11
C ALA A 148 58.40 15.63 -7.98
N GLY A 149 59.45 14.87 -8.32
CA GLY A 149 60.22 14.05 -7.37
C GLY A 149 59.63 12.67 -7.16
N THR A 150 58.41 12.42 -7.66
CA THR A 150 57.81 11.07 -7.63
C THR A 150 57.89 10.47 -9.04
N SER A 151 58.60 9.36 -9.17
CA SER A 151 58.64 8.59 -10.44
C SER A 151 57.31 7.88 -10.64
N SER A 152 57.03 7.51 -11.88
CA SER A 152 55.95 6.54 -12.17
C SER A 152 56.40 5.15 -11.71
N THR A 153 55.43 4.28 -11.46
CA THR A 153 55.64 2.96 -10.82
C THR A 153 56.33 3.18 -9.47
N ASP A 154 55.63 3.89 -8.58
CA ASP A 154 56.13 4.22 -7.23
C ASP A 154 54.92 4.37 -6.32
N ILE A 155 54.76 3.44 -5.39
CA ILE A 155 53.45 3.23 -4.73
C ILE A 155 53.28 4.23 -3.60
N PHE A 156 54.32 4.92 -3.16
CA PHE A 156 54.18 5.90 -2.04
C PHE A 156 54.63 7.27 -2.49
N ASP A 157 53.71 8.20 -2.40
CA ASP A 157 53.93 9.63 -2.72
C ASP A 157 53.07 10.43 -1.78
N GLN A 158 52.81 11.69 -2.11
CA GLN A 158 52.20 12.62 -1.14
C GLN A 158 50.73 12.24 -0.94
N PHE A 159 50.14 11.50 -1.87
CA PHE A 159 48.70 11.16 -1.79
C PHE A 159 48.46 10.09 -0.72
N ASN A 160 49.36 9.13 -0.54
CA ASN A 160 49.05 8.00 0.35
C ASN A 160 50.18 7.76 1.33
N SER A 161 51.00 8.76 1.62
CA SER A 161 52.10 8.56 2.59
C SER A 161 52.39 9.83 3.37
N VAL A 162 52.95 9.65 4.55
CA VAL A 162 53.45 10.74 5.40
C VAL A 162 54.95 10.53 5.54
N ASP A 163 55.70 11.61 5.39
CA ASP A 163 57.19 11.55 5.39
C ASP A 163 57.64 11.25 6.81
N VAL A 164 58.69 10.46 6.93
CA VAL A 164 59.39 10.27 8.22
C VAL A 164 60.63 11.17 8.19
N LEU A 165 60.65 12.14 9.07
CA LEU A 165 61.71 13.16 9.13
C LEU A 165 62.58 12.91 10.37
N LEU A 166 63.89 12.95 10.18
CA LEU A 166 64.83 13.06 11.32
C LEU A 166 65.39 14.49 11.32
N GLN A 167 66.11 14.81 12.38
CA GLN A 167 66.64 16.18 12.58
C GLN A 167 68.03 16.25 11.95
N ASP A 168 68.35 17.39 11.34
CA ASP A 168 69.69 17.61 10.74
C ASP A 168 70.74 17.67 11.85
N PRO A 169 71.99 17.25 11.57
CA PRO A 169 73.10 17.55 12.47
C PRO A 169 73.49 19.04 12.43
N VAL A 170 73.32 19.69 11.29
CA VAL A 170 73.81 21.08 11.05
C VAL A 170 72.85 22.08 11.70
N THR A 171 71.58 21.70 11.89
CA THR A 171 70.55 22.61 12.46
C THR A 171 69.42 21.78 13.04
N SER A 172 68.61 22.39 13.88
CA SER A 172 67.55 21.68 14.65
C SER A 172 66.28 21.45 13.81
N VAL A 173 66.33 21.71 12.49
CA VAL A 173 65.12 21.63 11.63
C VAL A 173 64.85 20.16 11.32
N TRP A 174 63.61 19.70 11.51
CA TRP A 174 63.20 18.32 11.17
C TRP A 174 62.83 18.27 9.69
N ASN A 175 63.80 18.00 8.83
CA ASN A 175 63.49 17.81 7.40
C ASN A 175 64.37 16.76 6.76
N LYS A 176 65.20 16.04 7.53
CA LYS A 176 66.06 14.98 6.95
C LYS A 176 65.15 13.78 6.70
N LYS A 177 64.66 13.63 5.47
CA LYS A 177 63.66 12.59 5.14
C LYS A 177 64.36 11.23 5.13
N VAL A 178 63.80 10.25 5.81
CA VAL A 178 64.39 8.89 5.86
C VAL A 178 63.43 7.88 5.25
N GLY A 179 62.40 8.36 4.55
CA GLY A 179 61.37 7.48 3.99
C GLY A 179 59.99 8.00 4.31
N SER A 180 58.99 7.23 3.91
CA SER A 180 57.57 7.65 4.02
C SER A 180 56.74 6.40 4.12
N LYS A 181 55.92 6.33 5.16
CA LYS A 181 55.09 5.14 5.36
C LYS A 181 53.62 5.39 4.98
N LYS A 182 52.88 4.30 4.85
CA LYS A 182 51.52 4.31 4.25
C LYS A 182 50.57 5.05 5.18
N ALA A 183 49.90 6.06 4.63
CA ALA A 183 48.91 6.87 5.37
C ALA A 183 47.53 6.66 4.75
N ASN A 184 46.52 6.55 5.60
CA ASN A 184 45.11 6.61 5.17
C ASN A 184 44.37 7.73 5.89
N ILE A 185 44.54 7.82 7.18
CA ILE A 185 43.81 8.80 8.04
C ILE A 185 44.85 9.63 8.79
N VAL A 186 44.63 10.91 8.94
CA VAL A 186 45.38 11.73 9.93
C VAL A 186 44.36 12.51 10.75
N ILE A 187 44.38 12.33 12.06
CA ILE A 187 43.47 13.04 12.99
C ILE A 187 44.29 14.08 13.75
N ILE A 188 44.16 15.34 13.39
CA ILE A 188 44.83 16.44 14.10
C ILE A 188 43.77 17.18 14.88
N PRO A 189 44.13 18.04 15.87
CA PRO A 189 43.15 18.94 16.47
C PRO A 189 42.67 19.98 15.47
N PRO A 190 41.55 20.67 15.75
CA PRO A 190 41.21 21.87 14.99
C PRO A 190 42.33 22.90 15.14
N ALA A 191 42.77 23.41 14.00
CA ALA A 191 43.92 24.31 13.83
C ALA A 191 43.61 25.67 14.46
N THR A 192 44.52 26.60 14.29
CA THR A 192 44.43 27.93 14.94
C THR A 192 43.31 28.73 14.29
N ASN A 193 43.12 28.62 12.98
CA ASN A 193 42.13 29.49 12.28
C ASN A 193 40.73 28.91 12.43
N LEU A 194 40.56 27.79 13.13
CA LEU A 194 39.24 27.14 13.23
C LEU A 194 38.79 27.17 14.68
N PRO A 195 37.48 27.11 14.94
CA PRO A 195 36.98 27.00 16.31
C PRO A 195 37.29 25.64 16.93
N ILE A 196 37.02 25.55 18.22
CA ILE A 196 37.44 24.39 19.03
C ILE A 196 36.57 23.22 18.67
N THR A 197 35.29 23.45 18.37
CA THR A 197 34.31 22.36 18.21
C THR A 197 34.15 21.96 16.75
N GLU A 198 34.91 22.55 15.81
CA GLU A 198 34.65 22.32 14.37
C GLU A 198 35.41 21.09 13.90
N ALA A 199 34.69 20.00 13.69
CA ALA A 199 35.20 18.85 12.92
C ALA A 199 35.11 19.18 11.45
N CYS A 200 36.23 19.05 10.74
CA CYS A 200 36.29 19.24 9.29
C CYS A 200 37.23 18.20 8.72
N ALA A 201 36.83 17.54 7.64
CA ALA A 201 37.66 16.56 6.93
C ALA A 201 38.22 17.26 5.71
N THR A 202 39.41 16.84 5.31
CA THR A 202 40.11 17.45 4.16
C THR A 202 40.93 16.34 3.54
N ALA A 203 41.06 16.37 2.22
CA ALA A 203 42.03 15.51 1.52
C ALA A 203 43.42 15.87 2.04
N GLY A 204 44.26 14.87 2.24
CA GLY A 204 45.59 15.05 2.84
C GLY A 204 46.44 15.86 1.89
N PHE A 205 46.48 15.42 0.63
CA PHE A 205 47.25 16.16 -0.38
C PHE A 205 46.31 16.67 -1.47
N GLN A 206 46.23 17.98 -1.61
CA GLN A 206 45.55 18.62 -2.75
C GLN A 206 46.62 19.23 -3.64
N PRO A 207 46.86 18.68 -4.85
CA PRO A 207 47.84 19.27 -5.73
C PRO A 207 47.40 20.62 -6.31
N GLU A 208 48.35 21.37 -6.86
CA GLU A 208 48.04 22.61 -7.61
C GLU A 208 47.27 22.23 -8.88
N GLY A 209 46.19 22.98 -9.13
CA GLY A 209 45.26 22.77 -10.24
C GLY A 209 43.97 22.16 -9.76
N PHE A 210 43.10 21.84 -10.69
CA PHE A 210 41.74 21.38 -10.34
C PHE A 210 41.82 19.90 -9.99
N PRO A 211 41.18 19.48 -8.89
CA PRO A 211 41.18 18.07 -8.53
C PRO A 211 40.44 17.20 -9.56
N LYS A 212 41.06 16.08 -9.91
CA LYS A 212 40.47 15.08 -10.81
C LYS A 212 39.61 14.13 -10.00
N LEU A 213 38.49 13.72 -10.59
CA LEU A 213 37.62 12.70 -9.98
C LEU A 213 38.32 11.34 -10.05
N GLY A 214 38.45 10.67 -8.92
CA GLY A 214 39.16 9.38 -8.80
C GLY A 214 40.56 9.55 -8.21
N SER A 215 41.11 10.77 -8.21
CA SER A 215 42.44 11.06 -7.62
C SER A 215 42.33 10.96 -6.10
N GLY A 216 42.68 9.82 -5.55
CA GLY A 216 42.57 9.55 -4.12
C GLY A 216 43.65 10.26 -3.32
N SER A 217 43.42 10.35 -2.03
CA SER A 217 44.37 10.93 -1.06
C SER A 217 44.08 10.31 0.29
N PHE A 218 45.04 10.33 1.19
CA PHE A 218 44.71 10.10 2.60
C PHE A 218 43.88 11.31 3.04
N PHE A 219 43.06 11.15 4.06
CA PHE A 219 42.23 12.30 4.50
C PHE A 219 42.68 12.77 5.87
N THR A 220 42.74 14.07 6.05
CA THR A 220 43.04 14.70 7.34
C THR A 220 41.73 15.14 7.98
N VAL A 221 41.54 14.79 9.24
CA VAL A 221 40.38 15.27 10.03
C VAL A 221 40.87 16.16 11.16
N GLN A 222 40.38 17.39 11.21
CA GLN A 222 40.60 18.27 12.38
C GLN A 222 39.42 18.07 13.31
N PHE A 223 39.55 17.19 14.28
CA PHE A 223 38.44 16.80 15.15
C PHE A 223 38.90 16.76 16.60
N ASP A 224 38.12 17.37 17.48
CA ASP A 224 38.39 17.35 18.93
C ASP A 224 37.25 16.60 19.61
N PRO A 225 37.50 15.46 20.25
CA PRO A 225 36.41 14.70 20.85
C PRO A 225 35.98 15.19 22.22
N PHE A 226 36.54 16.30 22.68
CA PHE A 226 36.27 16.80 24.05
C PHE A 226 35.20 17.89 24.02
N PHE A 227 34.80 18.34 22.84
CA PHE A 227 33.78 19.40 22.72
C PHE A 227 32.69 18.93 21.78
N SER A 228 31.49 19.44 22.03
CA SER A 228 30.36 19.26 21.09
C SER A 228 29.51 20.52 21.09
N THR A 229 28.58 20.58 20.16
CA THR A 229 27.57 21.64 20.09
C THR A 229 26.22 21.01 20.34
N ARG A 230 25.30 21.77 20.89
CA ARG A 230 23.95 21.24 21.18
C ARG A 230 23.14 21.27 19.91
N PHE A 231 22.13 20.42 19.88
CA PHE A 231 21.18 20.37 18.75
C PHE A 231 19.79 20.18 19.30
N LYS A 232 18.83 20.78 18.63
CA LYS A 232 17.39 20.59 18.94
C LYS A 232 16.92 19.34 18.20
N ALA A 233 16.61 18.29 18.94
CA ALA A 233 16.41 16.94 18.35
C ALA A 233 15.07 16.89 17.60
N HIS A 234 14.83 15.79 16.90
CA HIS A 234 13.53 15.45 16.26
C HIS A 234 12.42 15.44 17.32
N GLU A 235 12.72 14.93 18.52
CA GLU A 235 11.84 15.06 19.72
C GLU A 235 11.79 16.55 20.10
N THR A 236 10.61 17.13 20.03
CA THR A 236 10.43 18.61 19.93
C THR A 236 10.72 19.29 21.27
N ASP A 237 11.63 20.27 21.21
CA ASP A 237 12.18 21.05 22.36
C ASP A 237 12.78 20.12 23.42
N ASP A 238 13.30 18.95 23.01
CA ASP A 238 14.13 18.08 23.87
C ASP A 238 15.54 18.20 23.34
N VAL A 239 16.30 19.15 23.88
CA VAL A 239 17.65 19.51 23.37
C VAL A 239 18.65 18.46 23.85
N ALA A 240 19.61 18.11 23.00
CA ALA A 240 20.61 17.07 23.30
C ALA A 240 21.97 17.55 22.84
N LEU A 241 22.97 16.68 22.97
CA LEU A 241 24.34 17.00 22.56
C LEU A 241 24.78 16.08 21.44
N LEU A 242 25.43 16.66 20.46
CA LEU A 242 25.94 15.89 19.30
C LEU A 242 27.04 14.94 19.78
N ASP A 243 26.87 13.65 19.52
CA ASP A 243 27.83 12.61 19.92
C ASP A 243 29.10 12.79 19.10
N PRO A 244 30.26 12.99 19.74
CA PRO A 244 31.50 13.20 18.98
C PRO A 244 32.02 11.91 18.33
N THR A 245 31.65 10.74 18.82
CA THR A 245 32.01 9.47 18.13
C THR A 245 31.14 9.26 16.89
N LEU A 246 30.08 10.02 16.71
CA LEU A 246 29.38 10.07 15.39
C LEU A 246 29.91 11.23 14.56
N THR A 247 30.40 12.28 15.20
CA THR A 247 30.93 13.45 14.47
C THR A 247 32.23 13.06 13.76
N LEU A 248 33.01 12.14 14.33
CA LEU A 248 34.20 11.65 13.62
C LEU A 248 33.75 10.72 12.49
N LEU A 249 32.79 9.83 12.74
CA LEU A 249 32.31 8.87 11.72
C LEU A 249 31.62 9.62 10.59
N HIS A 250 31.13 10.84 10.82
CA HIS A 250 30.56 11.66 9.73
C HIS A 250 31.68 12.13 8.80
N GLU A 251 32.87 12.36 9.34
CA GLU A 251 34.02 12.92 8.57
C GLU A 251 34.85 11.81 7.94
N MET A 252 34.98 10.69 8.61
CA MET A 252 35.57 9.51 7.95
C MET A 252 34.71 9.12 6.74
N THR A 253 33.39 9.24 6.85
CA THR A 253 32.47 9.07 5.72
C THR A 253 32.78 10.15 4.69
N HIS A 254 33.07 11.35 5.15
CA HIS A 254 33.56 12.42 4.22
C HIS A 254 34.91 12.01 3.68
N GLY A 255 35.71 11.33 4.49
CA GLY A 255 37.11 11.04 4.14
C GLY A 255 37.23 9.82 3.26
N LEU A 256 36.29 8.89 3.33
CA LEU A 256 36.26 7.73 2.41
C LEU A 256 36.07 8.27 1.00
N HIS A 257 35.35 9.37 0.84
CA HIS A 257 35.17 10.01 -0.48
C HIS A 257 36.50 10.62 -0.92
N PHE A 258 37.29 11.12 0.03
CA PHE A 258 38.61 11.73 -0.30
C PHE A 258 39.63 10.67 -0.70
N GLN A 259 39.48 9.47 -0.17
CA GLN A 259 40.37 8.34 -0.52
C GLN A 259 39.99 7.83 -1.90
N LYS A 260 38.73 7.95 -2.31
CA LYS A 260 38.29 7.44 -3.62
C LYS A 260 38.45 8.54 -4.65
N GLY A 261 38.57 9.80 -4.23
CA GLY A 261 38.63 10.93 -5.16
C GLY A 261 37.26 11.55 -5.47
N ILE A 262 36.17 10.93 -5.08
CA ILE A 262 34.80 11.43 -5.35
C ILE A 262 34.33 12.30 -4.20
N ALA A 263 34.94 13.46 -3.97
CA ALA A 263 34.47 14.36 -2.87
C ALA A 263 34.44 15.81 -3.32
N ASN A 264 35.29 16.18 -4.26
CA ASN A 264 35.24 17.51 -4.90
C ASN A 264 35.05 17.29 -6.39
N PRO A 265 33.81 17.04 -6.88
CA PRO A 265 33.57 17.07 -8.31
C PRO A 265 33.76 18.51 -8.78
N VAL A 266 34.49 18.62 -9.88
CA VAL A 266 34.97 19.92 -10.41
C VAL A 266 34.87 19.84 -11.94
N ASN A 267 34.47 20.92 -12.58
CA ASN A 267 34.42 20.97 -14.07
C ASN A 267 35.79 21.34 -14.64
N ARG A 268 35.86 21.63 -15.93
CA ARG A 268 37.12 22.04 -16.60
C ARG A 268 37.50 23.45 -16.16
N SER A 269 36.52 24.30 -15.86
CA SER A 269 36.76 25.70 -15.45
C SER A 269 37.13 25.76 -13.97
N GLY A 270 36.97 24.67 -13.22
CA GLY A 270 37.47 24.56 -11.83
C GLY A 270 36.38 24.65 -10.78
N GLU A 271 35.22 25.18 -11.12
CA GLU A 271 34.11 25.38 -10.14
C GLU A 271 33.35 24.07 -9.96
N THR A 272 32.51 23.99 -8.93
CA THR A 272 31.68 22.81 -8.71
C THR A 272 30.56 22.82 -9.75
N PRO A 273 30.26 21.70 -10.43
CA PRO A 273 29.14 21.64 -11.34
C PRO A 273 27.80 21.80 -10.62
N ALA A 274 26.79 22.23 -11.36
CA ALA A 274 25.46 22.55 -10.82
C ALA A 274 24.78 21.26 -10.35
N TRP A 275 25.15 20.11 -10.90
CA TRP A 275 24.52 18.82 -10.51
C TRP A 275 25.12 18.30 -9.20
N ALA A 276 26.08 19.02 -8.62
CA ALA A 276 26.81 18.56 -7.42
C ALA A 276 26.45 19.40 -6.20
N THR A 277 25.74 20.52 -6.36
CA THR A 277 25.21 21.30 -5.22
C THR A 277 23.69 21.44 -5.32
N THR A 278 23.08 21.93 -4.25
CA THR A 278 21.70 22.44 -4.26
C THR A 278 21.74 23.88 -3.77
N TRP A 279 20.98 24.76 -4.40
CA TRP A 279 21.01 26.20 -4.06
C TRP A 279 19.68 26.63 -3.44
N GLY A 280 19.75 27.38 -2.37
CA GLY A 280 18.61 28.11 -1.79
C GLY A 280 18.68 29.56 -2.20
N ARG A 281 17.65 30.32 -1.91
CA ARG A 281 17.56 31.68 -2.44
C ARG A 281 16.60 32.49 -1.58
N VAL A 282 16.99 33.72 -1.26
CA VAL A 282 16.07 34.76 -0.73
C VAL A 282 16.36 36.03 -1.47
N THR A 283 15.38 36.52 -2.22
CA THR A 283 15.52 37.68 -3.13
C THR A 283 14.93 38.90 -2.44
N GLY A 284 15.51 40.07 -2.69
CA GLY A 284 15.07 41.32 -2.06
C GLY A 284 15.90 42.51 -2.50
N ASP A 285 16.41 43.29 -1.54
CA ASP A 285 17.33 44.42 -1.81
C ASP A 285 18.60 43.85 -2.45
N ASN A 286 19.25 42.91 -1.78
CA ASN A 286 20.36 42.12 -2.36
C ASN A 286 19.99 40.65 -2.22
N ASP A 287 20.49 39.81 -3.10
CA ASP A 287 20.14 38.36 -3.10
C ASP A 287 20.97 37.64 -2.03
N ALA A 288 20.33 36.78 -1.27
CA ALA A 288 21.00 35.83 -0.36
C ALA A 288 20.83 34.41 -0.89
N PHE A 289 21.89 33.64 -0.95
CA PHE A 289 21.83 32.24 -1.43
C PHE A 289 22.42 31.33 -0.39
N LYS A 290 22.11 30.04 -0.52
CA LYS A 290 22.65 29.01 0.38
C LYS A 290 22.99 27.80 -0.47
N GLU A 291 24.26 27.44 -0.52
CA GLU A 291 24.72 26.25 -1.25
C GLU A 291 24.87 25.10 -0.23
N THR A 292 24.24 24.00 -0.53
CA THR A 292 24.46 22.72 0.18
C THR A 292 24.92 21.71 -0.85
N PRO A 293 26.21 21.33 -0.87
CA PRO A 293 26.71 20.39 -1.86
C PRO A 293 26.16 18.98 -1.67
N MET A 294 25.99 18.27 -2.78
CA MET A 294 25.36 16.94 -2.75
C MET A 294 26.29 15.92 -2.14
N GLU A 295 27.54 16.25 -1.87
CA GLU A 295 28.42 15.35 -1.10
C GLU A 295 28.05 15.43 0.37
N GLU A 296 27.57 16.58 0.83
CA GLU A 296 27.07 16.74 2.21
C GLU A 296 25.72 16.04 2.34
N LEU A 297 24.90 16.08 1.29
CA LEU A 297 23.59 15.42 1.31
C LEU A 297 23.77 13.91 1.31
N LEU A 298 24.88 13.41 0.78
CA LEU A 298 25.12 11.95 0.74
C LEU A 298 25.85 11.43 1.98
N THR A 299 26.48 12.31 2.74
CA THR A 299 27.23 11.91 3.94
C THR A 299 26.29 11.86 5.15
N PHE A 300 25.23 12.65 5.12
CA PHE A 300 24.17 12.66 6.16
C PHE A 300 22.85 12.34 5.47
N ASN A 301 22.80 11.27 4.68
CA ASN A 301 21.59 10.94 3.90
C ASN A 301 20.52 10.43 4.87
N LYS A 302 19.93 11.36 5.63
CA LYS A 302 18.95 11.03 6.69
C LYS A 302 17.55 11.20 6.10
N HIS A 303 16.76 10.14 6.12
CA HIS A 303 15.43 10.11 5.46
C HIS A 303 14.34 10.35 6.48
N THR A 304 14.16 11.63 6.82
CA THR A 304 13.06 12.09 7.68
C THR A 304 12.46 13.35 7.07
N ILE A 305 11.34 13.78 7.61
CA ILE A 305 10.61 14.95 7.06
C ILE A 305 11.30 16.22 7.55
N ASP A 306 11.81 16.20 8.76
CA ASP A 306 12.33 17.42 9.44
C ASP A 306 13.83 17.56 9.16
N ASP A 307 14.32 16.96 8.09
CA ASP A 307 15.73 17.04 7.69
C ASP A 307 15.82 17.40 6.20
N ASP A 308 16.33 18.59 5.90
CA ASP A 308 16.49 19.05 4.50
C ASP A 308 17.70 18.41 3.83
N ILE A 309 18.65 17.87 4.61
CA ILE A 309 19.96 17.39 4.10
C ILE A 309 19.79 15.91 3.72
N GLU A 310 19.21 15.67 2.55
CA GLU A 310 18.91 14.30 2.08
C GLU A 310 18.63 14.32 0.58
N ILE A 311 18.90 13.20 -0.07
CA ILE A 311 18.44 12.95 -1.46
C ILE A 311 17.92 11.54 -1.57
N SER A 312 17.10 11.30 -2.58
CA SER A 312 16.48 9.98 -2.83
C SER A 312 17.51 8.99 -3.39
N ASP A 313 17.13 7.73 -3.48
CA ASP A 313 18.01 6.65 -3.94
C ASP A 313 18.21 6.75 -5.44
N HIS A 314 17.29 7.35 -6.18
CA HIS A 314 17.48 7.51 -7.65
C HIS A 314 18.20 8.81 -7.97
N LEU A 315 18.12 9.80 -7.10
CA LEU A 315 18.90 11.04 -7.28
C LEU A 315 20.32 10.79 -6.81
N LYS A 316 20.50 9.91 -5.84
CA LYS A 316 21.86 9.52 -5.38
C LYS A 316 22.56 8.82 -6.54
N SER A 317 21.87 7.87 -7.15
CA SER A 317 22.44 7.04 -8.24
C SER A 317 22.71 7.92 -9.46
N THR A 318 22.01 9.03 -9.61
CA THR A 318 22.22 9.94 -10.73
C THR A 318 23.53 10.69 -10.48
N TYR A 319 23.77 11.07 -9.24
CA TYR A 319 25.03 11.76 -8.85
C TYR A 319 26.17 10.76 -8.90
N ILE A 320 25.94 9.54 -8.45
CA ILE A 320 26.98 8.47 -8.48
C ILE A 320 27.30 8.19 -9.94
N GLY A 321 26.31 8.19 -10.80
CA GLY A 321 26.59 7.93 -12.22
C GLY A 321 27.17 9.12 -12.95
N PHE A 322 27.07 10.31 -12.39
CA PHE A 322 27.66 11.50 -13.04
C PHE A 322 29.09 11.69 -12.56
N LEU A 323 29.44 11.17 -11.39
CA LEU A 323 30.84 11.11 -10.95
C LEU A 323 31.57 10.06 -11.78
N TYR A 324 30.90 8.99 -12.16
CA TYR A 324 31.53 7.85 -12.84
C TYR A 324 31.83 8.24 -14.29
N ASN A 325 30.82 8.67 -15.03
CA ASN A 325 30.97 8.88 -16.49
C ASN A 325 31.13 10.37 -16.82
N GLY A 326 31.21 11.24 -15.81
CA GLY A 326 31.27 12.70 -16.04
C GLY A 326 29.96 13.20 -16.61
N ARG A 327 29.95 14.40 -17.17
CA ARG A 327 28.73 14.98 -17.74
C ARG A 327 29.12 16.08 -18.71
N ASN A 328 29.04 15.78 -20.00
CA ASN A 328 29.34 16.77 -21.07
C ASN A 328 28.24 17.83 -21.08
N GLU A 329 28.62 19.09 -21.11
CA GLU A 329 27.67 20.22 -21.28
C GLU A 329 27.79 20.75 -22.71
N ASP A 330 26.89 21.65 -23.11
CA ASP A 330 27.00 22.34 -24.41
C ASP A 330 28.18 23.29 -24.38
N ASP A 331 28.47 23.89 -23.23
CA ASP A 331 29.72 24.64 -23.02
C ASP A 331 30.76 23.65 -22.51
N PRO A 332 31.78 23.29 -23.31
CA PRO A 332 32.72 22.24 -22.90
C PRO A 332 33.69 22.63 -21.78
N THR A 333 33.74 23.90 -21.38
CA THR A 333 34.55 24.33 -20.19
C THR A 333 33.77 24.03 -18.90
N GLU A 334 32.50 23.64 -18.98
CA GLU A 334 31.69 23.31 -17.79
C GLU A 334 31.39 21.81 -17.77
N SER A 335 32.02 21.03 -18.65
CA SER A 335 31.91 19.56 -18.64
C SER A 335 32.68 19.00 -17.44
N VAL A 336 32.31 17.83 -17.00
CA VAL A 336 33.01 17.16 -15.88
C VAL A 336 33.70 15.92 -16.44
N ASP A 337 34.96 15.72 -16.03
CA ASP A 337 35.78 14.60 -16.57
C ASP A 337 35.31 13.28 -15.99
N GLY A 338 34.95 13.22 -14.73
CA GLY A 338 34.41 11.96 -14.18
C GLY A 338 35.50 10.94 -13.86
N VAL A 339 35.14 9.87 -13.18
CA VAL A 339 36.13 8.94 -12.60
C VAL A 339 36.67 8.07 -13.72
N TYR A 340 35.78 7.53 -14.54
CA TYR A 340 36.16 6.56 -15.58
C TYR A 340 37.11 7.21 -16.57
N GLN A 341 36.91 8.47 -16.91
CA GLN A 341 37.72 9.15 -17.95
C GLN A 341 38.96 9.77 -17.31
N ASN A 342 39.18 9.55 -16.02
CA ASN A 342 40.40 10.03 -15.32
C ASN A 342 41.26 8.87 -14.87
N VAL A 343 40.67 7.75 -14.47
CA VAL A 343 41.42 6.50 -14.21
C VAL A 343 41.97 5.99 -15.55
N SER A 344 41.18 6.04 -16.61
CA SER A 344 41.58 5.54 -17.94
C SER A 344 42.65 6.43 -18.56
N SER A 345 42.70 7.71 -18.20
CA SER A 345 43.74 8.64 -18.71
C SER A 345 44.98 8.55 -17.82
N PHE A 346 44.88 7.83 -16.71
CA PHE A 346 46.00 7.65 -15.76
C PHE A 346 46.65 6.29 -15.96
N LEU A 347 45.88 5.26 -16.28
CA LEU A 347 46.40 3.90 -16.46
C LEU A 347 46.89 3.70 -17.90
N ASN A 348 46.73 4.65 -18.80
CA ASN A 348 47.28 4.49 -20.18
C ASN A 348 48.69 5.08 -20.25
N GLN A 349 49.19 5.67 -19.17
CA GLN A 349 50.61 6.07 -19.11
C GLN A 349 51.49 4.83 -18.88
N TYR A 350 50.88 3.73 -18.41
CA TYR A 350 51.61 2.46 -18.17
C TYR A 350 51.34 1.46 -19.30
N ARG A 351 50.96 1.92 -20.49
CA ARG A 351 50.43 0.99 -21.51
C ARG A 351 51.57 0.24 -22.20
N GLY A 352 52.81 0.74 -22.16
CA GLY A 352 53.94 0.07 -22.82
C GLY A 352 55.20 0.11 -21.97
N PHE A 353 55.07 0.13 -20.64
CA PHE A 353 56.19 0.52 -19.75
C PHE A 353 56.63 -0.61 -18.81
N GLU A 354 55.86 -1.69 -18.68
CA GLU A 354 56.22 -2.90 -17.87
C GLU A 354 56.42 -2.46 -16.42
N ILE A 355 55.31 -2.20 -15.74
CA ILE A 355 55.29 -1.89 -14.29
C ILE A 355 55.64 -3.16 -13.50
N SER A 356 55.95 -3.00 -12.22
CA SER A 356 56.33 -4.10 -11.30
C SER A 356 55.08 -4.89 -10.89
N SER A 357 55.26 -5.89 -10.02
CA SER A 357 54.16 -6.77 -9.56
C SER A 357 53.44 -6.12 -8.38
N ASP A 358 54.19 -5.50 -7.47
CA ASP A 358 53.58 -4.88 -6.26
C ASP A 358 52.87 -3.59 -6.67
N PHE A 359 53.31 -2.93 -7.72
CA PHE A 359 52.62 -1.71 -8.22
C PHE A 359 51.37 -2.12 -8.98
N GLN A 360 51.41 -3.27 -9.67
CA GLN A 360 50.26 -3.75 -10.46
C GLN A 360 49.12 -4.15 -9.50
N HIS A 361 49.44 -4.89 -8.45
CA HIS A 361 48.45 -5.27 -7.42
C HIS A 361 48.01 -4.02 -6.65
N PHE A 362 48.86 -3.01 -6.57
CA PHE A 362 48.52 -1.74 -5.87
C PHE A 362 47.39 -1.04 -6.61
N ILE A 363 47.35 -1.15 -7.93
CA ILE A 363 46.30 -0.47 -8.73
C ILE A 363 45.10 -1.38 -8.88
N GLU A 364 45.33 -2.68 -9.08
CA GLU A 364 44.25 -3.65 -9.34
C GLU A 364 43.32 -3.75 -8.13
N SER A 365 43.78 -3.42 -6.94
CA SER A 365 42.91 -3.34 -5.75
C SER A 365 42.41 -1.91 -5.55
N CYS A 366 43.13 -0.91 -6.08
CA CYS A 366 42.73 0.52 -6.02
C CYS A 366 41.46 0.74 -6.87
N TYR A 367 41.41 0.21 -8.09
CA TYR A 367 40.33 0.51 -9.06
C TYR A 367 39.64 -0.75 -9.58
N GLY A 368 39.98 -1.94 -9.09
CA GLY A 368 39.31 -3.20 -9.48
C GLY A 368 39.60 -3.61 -10.92
N VAL A 369 40.57 -2.96 -11.57
CA VAL A 369 40.94 -3.24 -12.98
C VAL A 369 41.70 -4.56 -13.06
N LYS A 370 41.96 -5.03 -14.26
CA LYS A 370 42.82 -6.21 -14.50
C LYS A 370 43.92 -5.86 -15.50
N TYR A 371 45.09 -6.43 -15.28
CA TYR A 371 46.32 -6.18 -16.06
C TYR A 371 46.73 -7.48 -16.73
N ASN A 372 46.90 -7.47 -18.04
CA ASN A 372 47.38 -8.66 -18.78
C ASN A 372 48.88 -8.53 -18.98
N GLN A 373 49.57 -9.66 -18.96
CA GLN A 373 51.06 -9.69 -19.10
C GLN A 373 51.42 -9.32 -20.54
N GLU A 374 50.67 -9.85 -21.51
CA GLU A 374 50.78 -9.43 -22.92
C GLU A 374 50.20 -8.02 -23.08
N SER A 375 50.65 -7.32 -24.13
CA SER A 375 50.16 -6.00 -24.58
C SER A 375 50.51 -4.87 -23.59
N LYS A 376 51.13 -5.20 -22.45
CA LYS A 376 51.80 -4.26 -21.50
C LYS A 376 50.81 -3.22 -20.92
N LYS A 377 49.50 -3.41 -21.00
CA LYS A 377 48.56 -2.31 -20.69
C LYS A 377 47.55 -2.73 -19.61
N PHE A 378 46.88 -1.74 -19.04
CA PHE A 378 45.79 -1.94 -18.07
C PHE A 378 44.47 -2.00 -18.82
N ILE A 379 43.86 -3.18 -18.83
CA ILE A 379 42.49 -3.35 -19.38
C ILE A 379 41.53 -2.75 -18.36
N VAL A 380 40.92 -1.62 -18.70
CA VAL A 380 40.04 -0.88 -17.76
C VAL A 380 38.60 -1.27 -18.05
N ASN A 381 37.81 -1.50 -17.00
CA ASN A 381 36.46 -2.10 -17.15
C ASN A 381 35.42 -1.08 -16.72
N PRO A 382 34.51 -0.61 -17.59
CA PRO A 382 33.57 0.44 -17.22
C PRO A 382 32.37 -0.08 -16.42
N ARG A 383 32.62 -1.05 -15.55
CA ARG A 383 31.63 -1.59 -14.60
C ARG A 383 32.24 -1.70 -13.21
N ASN A 384 33.54 -1.92 -13.10
CA ASN A 384 34.27 -1.97 -11.80
C ASN A 384 34.60 -0.56 -11.34
N ILE A 385 34.52 0.43 -12.22
CA ILE A 385 34.70 1.85 -11.85
C ILE A 385 33.34 2.43 -11.48
N LYS A 386 32.27 2.02 -12.15
CA LYS A 386 30.91 2.35 -11.66
C LYS A 386 30.73 1.68 -10.30
N ARG A 387 31.25 0.48 -10.10
CA ARG A 387 31.24 -0.20 -8.80
C ARG A 387 32.22 0.49 -7.86
N TYR A 388 33.16 1.28 -8.34
CA TYR A 388 34.18 1.94 -7.48
C TYR A 388 33.60 3.19 -6.86
N VAL A 389 32.84 3.95 -7.64
CA VAL A 389 32.22 5.22 -7.19
C VAL A 389 31.00 4.90 -6.34
N GLN A 390 30.25 3.86 -6.69
CA GLN A 390 29.01 3.45 -5.99
C GLN A 390 29.39 2.95 -4.59
N ASP A 391 30.54 2.31 -4.46
CA ASP A 391 30.98 1.74 -3.16
C ASP A 391 31.65 2.82 -2.32
N GLY A 392 31.84 4.01 -2.87
CA GLY A 392 32.33 5.16 -2.10
C GLY A 392 31.24 5.71 -1.23
N PHE A 393 29.98 5.57 -1.63
CA PHE A 393 28.81 6.12 -0.88
C PHE A 393 28.00 4.99 -0.28
N PHE A 394 28.63 3.93 0.20
CA PHE A 394 27.84 2.78 0.66
C PHE A 394 27.30 3.00 2.07
N ILE A 395 27.83 4.00 2.76
CA ILE A 395 27.42 4.29 4.16
C ILE A 395 27.46 5.80 4.37
N ASP A 396 26.85 6.24 5.46
CA ASP A 396 26.58 7.67 5.71
C ASP A 396 26.26 7.81 7.19
N GLU A 397 26.22 9.05 7.67
CA GLU A 397 26.06 9.33 9.12
C GLU A 397 24.69 8.83 9.59
N ALA A 398 23.71 8.73 8.70
CA ALA A 398 22.36 8.27 9.06
C ALA A 398 22.39 6.77 9.31
N LYS A 399 23.18 6.01 8.56
CA LYS A 399 23.24 4.54 8.76
C LYS A 399 24.11 4.21 9.95
N PHE A 400 25.07 5.06 10.27
CA PHE A 400 25.89 4.88 11.49
C PHE A 400 25.02 5.13 12.71
N ALA A 401 24.18 6.16 12.64
CA ALA A 401 23.29 6.51 13.77
C ALA A 401 22.15 5.50 13.89
N ARG A 402 21.92 4.63 12.92
CA ARG A 402 20.90 3.57 13.05
C ARG A 402 21.52 2.33 13.67
N ILE A 403 22.75 2.00 13.29
CA ILE A 403 23.51 0.86 13.91
C ILE A 403 23.80 1.24 15.35
N LEU A 404 24.55 2.32 15.51
CA LEU A 404 24.86 2.89 16.85
C LEU A 404 23.62 3.69 17.25
N ASN A 405 22.84 3.27 18.25
CA ASN A 405 21.55 3.96 18.56
C ASN A 405 21.85 5.31 19.21
N ILE A 406 22.39 6.24 18.42
CA ILE A 406 22.70 7.61 18.90
C ILE A 406 22.04 8.61 17.99
N LYS A 407 21.47 9.64 18.57
CA LYS A 407 20.60 10.59 17.84
C LYS A 407 21.44 11.72 17.33
N THR A 408 21.03 12.27 16.20
CA THR A 408 21.86 13.25 15.49
C THR A 408 21.00 14.26 14.77
N ARG A 409 21.66 15.31 14.32
CA ARG A 409 21.08 16.34 13.44
C ARG A 409 22.26 17.06 12.79
N SER A 410 22.10 17.44 11.54
CA SER A 410 23.20 18.06 10.78
C SER A 410 23.55 19.44 11.37
N TYR A 411 24.77 19.89 11.17
CA TYR A 411 25.18 21.29 11.48
C TYR A 411 24.55 22.25 10.48
N TYR A 412 24.07 21.73 9.34
CA TYR A 412 23.52 22.51 8.22
C TYR A 412 22.04 22.80 8.46
N THR A 413 21.44 22.27 9.53
CA THR A 413 20.06 22.58 9.95
C THR A 413 20.01 22.89 11.44
N LEU A 414 20.85 23.79 11.91
CA LEU A 414 20.85 24.16 13.35
C LEU A 414 20.11 25.47 13.54
N MET A 415 18.88 25.40 14.05
CA MET A 415 18.03 26.58 14.34
C MET A 415 18.37 27.09 15.73
N PRO A 416 18.86 28.34 15.87
CA PRO A 416 19.00 28.96 17.18
C PRO A 416 17.65 29.30 17.82
N ASP A 417 17.02 28.28 18.40
CA ASP A 417 16.01 28.50 19.46
C ASP A 417 16.80 28.58 20.76
N ASN A 418 17.02 29.79 21.26
CA ASN A 418 18.03 30.09 22.30
C ASN A 418 17.61 29.50 23.65
N LEU A 419 17.96 28.24 23.89
CA LEU A 419 17.93 27.63 25.25
C LEU A 419 19.25 27.93 25.98
N GLY A 420 20.17 28.68 25.37
CA GLY A 420 21.40 29.21 25.99
C GLY A 420 22.61 29.05 25.11
N VAL A 421 23.55 28.20 25.51
CA VAL A 421 24.90 28.12 24.87
C VAL A 421 24.98 26.83 24.04
N TRP A 422 25.67 26.90 22.90
CA TRP A 422 25.80 25.75 21.99
C TRP A 422 26.87 24.79 22.51
N SER A 423 28.06 25.31 22.81
CA SER A 423 29.30 24.51 22.96
C SER A 423 29.38 23.91 24.35
N TYR A 424 29.62 22.62 24.44
CA TYR A 424 29.65 21.89 25.73
C TYR A 424 30.98 21.15 25.82
N ARG A 425 31.36 20.75 27.02
CA ARG A 425 32.61 19.98 27.26
C ARG A 425 32.24 18.52 27.37
N VAL A 426 32.68 17.71 26.44
CA VAL A 426 32.44 16.24 26.53
C VAL A 426 33.62 15.62 27.25
N ASP A 427 33.36 14.79 28.25
CA ASP A 427 34.44 14.24 29.11
C ASP A 427 34.73 12.82 28.64
N ILE A 428 35.55 12.62 27.61
CA ILE A 428 35.66 11.27 27.01
C ILE A 428 36.62 10.43 27.84
N LEU A 429 37.27 10.99 28.86
CA LEU A 429 38.26 10.23 29.66
C LEU A 429 37.71 9.91 31.04
N ASN A 430 36.42 10.21 31.26
CA ASN A 430 35.67 9.83 32.49
C ASN A 430 36.38 10.40 33.71
N ARG A 431 36.82 11.66 33.63
CA ARG A 431 37.57 12.31 34.72
C ARG A 431 36.61 12.68 35.85
N LEU A 432 35.44 13.23 35.52
CA LEU A 432 34.45 13.69 36.53
C LEU A 432 33.42 12.59 36.78
N ARG A 433 32.75 12.10 35.73
CA ARG A 433 31.80 10.97 35.84
C ARG A 433 31.97 10.05 34.65
N GLU A 434 31.42 8.83 34.73
CA GLU A 434 31.56 7.81 33.67
C GLU A 434 30.73 8.26 32.45
N THR A 435 31.40 8.88 31.49
CA THR A 435 30.75 9.59 30.38
C THR A 435 30.77 8.75 29.12
N PHE A 436 31.88 8.09 28.82
CA PHE A 436 32.10 7.45 27.51
C PHE A 436 32.85 6.15 27.75
N ASP A 437 32.21 5.01 27.48
CA ASP A 437 32.88 3.69 27.55
C ASP A 437 33.57 3.41 26.22
N GLU A 438 34.30 2.32 26.16
CA GLU A 438 34.89 1.81 24.91
C GLU A 438 33.95 0.75 24.33
N ASP A 439 33.18 0.04 25.15
CA ASP A 439 32.21 -0.97 24.64
C ASP A 439 31.02 -0.23 24.04
N ARG A 440 30.32 0.54 24.85
CA ARG A 440 29.21 1.44 24.41
C ARG A 440 29.79 2.84 24.30
N GLY A 441 29.15 3.75 23.59
CA GLY A 441 29.76 5.08 23.42
C GLY A 441 29.44 5.99 24.59
N LEU A 442 29.14 7.25 24.30
CA LEU A 442 28.63 8.20 25.31
C LEU A 442 27.47 7.55 26.04
N LEU A 443 27.45 7.63 27.36
CA LEU A 443 26.38 7.05 28.18
C LEU A 443 25.21 8.01 28.32
N SER A 444 25.24 9.15 27.63
CA SER A 444 24.11 10.12 27.56
C SER A 444 24.31 11.05 26.37
N GLN A 445 23.27 11.77 26.04
CA GLN A 445 23.36 12.93 25.14
C GLN A 445 22.56 14.08 25.71
N GLU A 446 21.76 13.82 26.76
CA GLU A 446 21.09 14.87 27.55
C GLU A 446 22.17 15.81 28.09
N LEU A 447 22.02 17.09 27.84
CA LEU A 447 23.12 18.04 28.09
C LEU A 447 23.09 18.52 29.53
N ASP A 448 22.55 17.72 30.45
CA ASP A 448 22.77 17.98 31.88
C ASP A 448 24.02 17.23 32.36
N PHE A 449 24.43 16.16 31.67
CA PHE A 449 25.75 15.51 31.92
C PHE A 449 26.87 16.50 31.63
N HIS A 450 26.97 16.88 30.37
CA HIS A 450 28.18 17.56 29.82
C HIS A 450 28.21 18.99 30.32
N THR A 451 29.37 19.43 30.78
CA THR A 451 29.55 20.79 31.32
C THR A 451 29.43 21.77 30.18
N ALA A 452 28.57 22.76 30.31
CA ALA A 452 28.42 23.79 29.26
C ALA A 452 29.65 24.69 29.32
N LEU A 453 30.15 25.10 28.16
CA LEU A 453 31.18 26.15 28.10
C LEU A 453 30.58 27.48 28.53
N THR A 454 31.44 28.37 29.02
CA THR A 454 31.01 29.72 29.44
C THR A 454 31.69 30.74 28.55
N PRO A 455 31.09 31.09 27.40
CA PRO A 455 31.61 32.17 26.58
C PRO A 455 31.18 33.54 27.10
N VAL A 456 31.80 34.55 26.55
CA VAL A 456 31.60 35.96 26.96
C VAL A 456 30.56 36.58 26.02
N VAL A 457 30.71 36.34 24.72
CA VAL A 457 29.80 36.89 23.68
C VAL A 457 29.31 35.72 22.83
N SER A 458 27.99 35.58 22.72
CA SER A 458 27.34 34.46 22.00
C SER A 458 26.41 35.03 20.92
N GLU A 459 26.92 35.21 19.71
CA GLU A 459 26.16 35.83 18.59
C GLU A 459 25.82 34.75 17.55
N ASN A 460 24.58 34.30 17.52
CA ASN A 460 24.17 33.30 16.50
C ASN A 460 24.09 33.99 15.16
N PRO A 461 24.59 33.37 14.07
CA PRO A 461 24.44 33.97 12.75
C PRO A 461 22.98 33.87 12.30
N ALA A 462 22.50 34.88 11.58
CA ALA A 462 21.08 34.93 11.22
C ALA A 462 20.88 35.60 9.87
N LEU A 463 19.82 35.21 9.20
CA LEU A 463 19.33 35.86 7.96
C LEU A 463 18.32 36.92 8.37
N GLU A 464 18.66 38.19 8.22
CA GLU A 464 17.79 39.30 8.66
C GLU A 464 16.89 39.72 7.50
N LEU A 465 15.60 39.38 7.58
CA LEU A 465 14.63 39.67 6.50
C LEU A 465 13.68 40.77 6.96
N GLU A 466 13.58 41.82 6.17
CA GLU A 466 12.64 42.93 6.42
C GLU A 466 11.71 43.08 5.22
N VAL A 467 10.47 43.47 5.49
CA VAL A 467 9.52 43.79 4.40
C VAL A 467 9.72 45.25 4.05
N ALA A 468 9.59 45.56 2.77
CA ALA A 468 10.08 46.80 2.13
C ALA A 468 9.46 48.04 2.79
N GLY A 469 8.14 48.17 2.68
CA GLY A 469 7.41 49.36 3.19
C GLY A 469 7.08 49.25 4.67
N MET A 470 7.67 48.29 5.39
CA MET A 470 7.22 47.95 6.76
C MET A 470 8.41 47.99 7.71
N GLN A 471 8.19 47.64 8.98
CA GLN A 471 9.26 47.69 10.02
C GLN A 471 9.03 46.59 11.05
N ARG A 472 9.65 45.44 10.80
CA ARG A 472 9.81 44.32 11.74
C ARG A 472 10.89 43.40 11.16
N MET A 473 11.97 43.26 11.90
CA MET A 473 13.11 42.44 11.46
C MET A 473 12.80 40.99 11.82
N VAL A 474 12.99 40.09 10.87
CA VAL A 474 12.86 38.63 11.12
C VAL A 474 14.26 38.03 10.97
N SER A 475 14.90 37.71 12.08
CA SER A 475 16.22 37.04 12.08
C SER A 475 15.96 35.55 11.95
N LEU A 476 15.92 35.07 10.73
CA LEU A 476 15.78 33.62 10.51
C LEU A 476 17.12 32.97 10.81
N PRO A 477 17.13 31.66 11.17
CA PRO A 477 18.36 30.88 11.10
C PRO A 477 18.97 30.92 9.70
N LYS A 478 20.30 30.91 9.64
CA LYS A 478 21.00 31.00 8.34
C LYS A 478 21.26 29.58 7.84
N ILE A 479 20.22 28.81 7.65
CA ILE A 479 20.34 27.39 7.24
C ILE A 479 19.62 27.20 5.91
N LYS A 480 19.69 26.01 5.35
CA LYS A 480 19.04 25.68 4.07
C LYS A 480 17.52 25.74 4.19
N ALA A 481 16.95 25.54 5.39
CA ALA A 481 15.47 25.49 5.56
C ALA A 481 14.84 26.87 5.31
N SER A 482 15.57 27.95 5.59
CA SER A 482 15.02 29.31 5.58
C SER A 482 15.09 29.91 4.18
N TYR A 483 15.56 29.16 3.19
CA TYR A 483 15.71 29.66 1.81
C TYR A 483 14.74 28.94 0.89
N LEU A 484 14.45 29.53 -0.26
CA LEU A 484 13.59 28.85 -1.26
C LEU A 484 14.44 27.91 -2.07
N PRO A 485 14.18 26.59 -2.04
CA PRO A 485 14.94 25.65 -2.85
C PRO A 485 14.76 25.89 -4.36
N SER A 486 15.85 26.31 -5.01
CA SER A 486 15.85 26.76 -6.42
C SER A 486 15.57 25.58 -7.36
N ASP A 487 14.93 25.88 -8.48
CA ASP A 487 14.70 24.88 -9.55
C ASP A 487 16.03 24.58 -10.22
N ILE A 488 16.15 23.38 -10.78
CA ILE A 488 17.34 23.06 -11.62
C ILE A 488 17.10 23.64 -13.00
N LYS A 489 18.18 24.09 -13.64
CA LYS A 489 18.13 24.77 -14.95
C LYS A 489 17.61 23.78 -15.99
N ILE A 490 16.66 24.21 -16.81
CA ILE A 490 16.07 23.32 -17.86
C ILE A 490 17.15 23.09 -18.91
N LYS A 491 17.21 21.86 -19.45
CA LYS A 491 18.41 21.43 -20.19
C LYS A 491 18.36 21.95 -21.62
N ASN A 492 17.25 21.70 -22.32
CA ASN A 492 17.04 22.11 -23.74
C ASN A 492 18.11 21.43 -24.60
N PHE A 493 18.00 20.12 -24.75
CA PHE A 493 18.82 19.30 -25.66
C PHE A 493 18.67 19.80 -27.09
N THR A 494 19.80 20.09 -27.75
CA THR A 494 19.82 20.59 -29.15
C THR A 494 20.49 19.55 -30.05
N GLY A 495 20.71 19.94 -31.31
CA GLY A 495 21.34 19.08 -32.34
C GLY A 495 22.78 18.72 -32.00
N GLN A 496 23.28 17.67 -32.65
CA GLN A 496 24.63 17.12 -32.39
C GLN A 496 25.55 17.29 -33.60
N LYS A 497 25.02 17.20 -34.83
CA LYS A 497 25.82 17.25 -36.09
C LYS A 497 26.79 16.07 -36.11
N ILE A 498 26.24 14.86 -36.21
CA ILE A 498 27.01 13.58 -36.08
C ILE A 498 27.77 13.29 -37.37
N SER A 499 29.07 13.09 -37.24
CA SER A 499 29.98 12.66 -38.33
C SER A 499 30.38 11.19 -38.08
N HIS A 500 31.25 10.65 -38.92
CA HIS A 500 31.77 9.27 -38.77
C HIS A 500 32.85 9.19 -37.69
N ASP A 501 33.43 10.31 -37.28
CA ASP A 501 34.60 10.31 -36.36
C ASP A 501 34.23 10.90 -35.00
N THR A 502 32.96 11.24 -34.76
CA THR A 502 32.53 11.89 -33.50
C THR A 502 32.61 10.88 -32.36
N ILE A 503 33.35 11.20 -31.33
CA ILE A 503 33.54 10.29 -30.17
C ILE A 503 32.37 10.55 -29.22
N LEU A 504 31.24 9.96 -29.56
CA LEU A 504 30.04 10.02 -28.69
C LEU A 504 30.20 9.02 -27.55
N ASP A 505 29.56 9.32 -26.44
CA ASP A 505 29.75 8.57 -25.18
C ASP A 505 29.08 7.22 -25.31
N THR A 506 29.66 6.22 -24.65
CA THR A 506 29.23 4.80 -24.73
C THR A 506 28.70 4.31 -23.39
N ASN A 507 29.31 4.71 -22.29
CA ASN A 507 29.00 4.14 -20.96
C ASN A 507 27.85 4.90 -20.31
N ILE A 508 27.14 5.75 -21.05
CA ILE A 508 25.94 6.46 -20.52
C ILE A 508 24.87 5.44 -20.21
N SER A 509 24.47 5.37 -18.96
CA SER A 509 23.29 4.61 -18.50
C SER A 509 22.25 5.64 -18.14
N GLY A 510 21.00 5.34 -18.48
CA GLY A 510 19.91 6.27 -18.13
C GLY A 510 19.53 6.11 -16.68
N ILE A 511 18.24 6.00 -16.45
CA ILE A 511 17.70 5.60 -15.14
C ILE A 511 17.91 4.11 -15.01
N ILE A 512 18.49 3.70 -13.90
CA ILE A 512 18.61 2.26 -13.57
C ILE A 512 17.48 1.93 -12.62
N ILE A 513 16.69 0.92 -12.96
CA ILE A 513 15.51 0.50 -12.15
C ILE A 513 15.97 -0.43 -11.05
N SER A 514 16.54 -1.57 -11.40
CA SER A 514 16.96 -2.62 -10.43
C SER A 514 18.49 -2.64 -10.41
N LYS A 515 19.06 -2.40 -9.25
CA LYS A 515 20.52 -2.48 -9.05
C LYS A 515 20.80 -3.10 -7.68
N ILE A 516 21.63 -4.12 -7.63
CA ILE A 516 22.15 -4.60 -6.33
C ILE A 516 23.26 -3.63 -5.93
N LYS A 517 23.03 -2.83 -4.91
CA LYS A 517 24.01 -1.81 -4.45
C LYS A 517 24.86 -2.36 -3.30
N TYR A 518 25.03 -3.67 -3.24
CA TYR A 518 25.89 -4.35 -2.23
C TYR A 518 27.33 -3.95 -2.47
N LYS A 519 27.91 -3.22 -1.52
CA LYS A 519 29.35 -2.91 -1.56
C LYS A 519 30.12 -4.20 -1.36
N SER A 520 30.88 -4.58 -2.38
CA SER A 520 31.62 -5.86 -2.40
C SER A 520 32.63 -5.87 -1.28
N ASP A 521 32.83 -7.03 -0.65
CA ASP A 521 33.66 -7.14 0.57
C ASP A 521 35.11 -6.77 0.26
N PHE A 522 35.79 -6.23 1.26
CA PHE A 522 37.18 -5.76 1.11
C PHE A 522 38.10 -6.93 1.43
N VAL A 523 38.87 -7.36 0.44
CA VAL A 523 39.89 -8.42 0.65
C VAL A 523 41.14 -7.73 1.20
N VAL A 524 41.75 -8.32 2.22
CA VAL A 524 43.01 -7.78 2.79
C VAL A 524 44.18 -8.36 1.99
N ASP A 525 45.27 -7.60 1.89
CA ASP A 525 46.52 -8.12 1.31
C ASP A 525 47.65 -7.78 2.29
N GLU A 526 48.03 -8.75 3.11
CA GLU A 526 49.12 -8.59 4.10
C GLU A 526 50.48 -8.53 3.38
N SER A 527 50.57 -9.01 2.14
CA SER A 527 51.85 -9.05 1.37
C SER A 527 51.94 -7.81 0.48
N MET A 528 51.81 -6.63 1.07
CA MET A 528 52.06 -5.34 0.37
C MET A 528 52.78 -4.43 1.34
N PRO A 529 53.75 -3.65 0.85
CA PRO A 529 54.51 -2.78 1.73
C PRO A 529 53.70 -1.61 2.28
N ARG A 530 53.95 -1.26 3.54
CA ARG A 530 53.33 -0.12 4.23
C ARG A 530 54.32 1.03 4.34
N SER A 531 55.49 0.95 3.71
CA SER A 531 56.47 2.06 3.74
C SER A 531 57.38 1.99 2.54
N SER A 532 58.24 2.99 2.40
CA SER A 532 59.33 2.99 1.41
C SER A 532 60.45 3.87 1.93
N LEU A 533 61.67 3.40 1.80
CA LEU A 533 62.89 4.07 2.32
C LEU A 533 63.45 4.95 1.20
N ASN A 534 62.61 5.77 0.58
CA ASN A 534 62.99 6.60 -0.59
C ASN A 534 62.98 8.06 -0.16
N THR A 535 64.14 8.57 0.22
CA THR A 535 64.34 10.03 0.43
C THR A 535 64.26 10.71 -0.94
N THR A 536 63.08 11.19 -1.29
CA THR A 536 62.86 12.03 -2.49
C THR A 536 62.20 13.32 -2.03
N ASN A 537 62.90 14.43 -2.19
CA ASN A 537 62.38 15.77 -1.81
C ASN A 537 61.16 16.09 -2.67
N TYR A 538 60.14 16.64 -2.04
CA TYR A 538 58.89 17.06 -2.71
C TYR A 538 58.99 18.55 -3.06
N ASN A 539 57.92 19.10 -3.62
CA ASN A 539 57.77 20.55 -3.79
C ASN A 539 56.85 21.04 -2.67
N LEU A 540 57.42 21.52 -1.57
CA LEU A 540 56.66 22.00 -0.40
C LEU A 540 56.54 23.52 -0.44
N SER A 541 56.61 24.12 -1.63
CA SER A 541 56.48 25.58 -1.81
C SER A 541 55.02 25.98 -1.55
N PRO A 542 54.79 27.17 -0.96
CA PRO A 542 53.43 27.63 -0.69
C PRO A 542 52.59 27.85 -1.96
N ILE A 543 51.65 26.94 -2.19
CA ILE A 543 50.61 27.09 -3.25
C ILE A 543 49.58 28.10 -2.76
N LYS A 544 49.33 29.14 -3.55
CA LYS A 544 48.33 30.18 -3.18
C LYS A 544 46.94 29.61 -3.47
N GLY A 545 46.08 29.61 -2.45
CA GLY A 545 44.73 29.03 -2.51
C GLY A 545 44.33 28.45 -1.17
N THR A 546 43.33 27.60 -1.15
CA THR A 546 42.90 26.89 0.07
C THR A 546 42.39 25.51 -0.32
N LYS A 547 42.37 24.60 0.62
CA LYS A 547 41.92 23.23 0.35
C LYS A 547 40.42 23.13 0.59
N PHE A 548 39.77 22.28 -0.21
CA PHE A 548 38.34 21.97 -0.05
C PHE A 548 38.12 21.24 1.28
N GLU A 549 37.56 21.94 2.24
CA GLU A 549 37.32 21.36 3.59
C GLU A 549 35.83 21.14 3.71
N THR A 550 35.43 19.93 4.03
CA THR A 550 34.02 19.63 4.26
C THR A 550 33.60 20.21 5.60
N ASP A 551 32.30 20.42 5.74
CA ASP A 551 31.61 20.76 7.01
C ASP A 551 32.10 22.10 7.54
N ILE A 552 32.29 23.07 6.66
CA ILE A 552 32.62 24.45 7.12
C ILE A 552 31.31 25.20 7.40
N ARG A 553 31.22 25.81 8.58
CA ARG A 553 29.97 26.38 9.11
C ARG A 553 29.98 27.87 8.77
N ASP A 554 28.95 28.31 8.06
CA ASP A 554 28.86 29.71 7.58
C ASP A 554 28.47 30.60 8.76
N LYS A 555 29.29 31.61 9.06
CA LYS A 555 29.14 32.41 10.29
C LYS A 555 28.90 33.88 9.97
N THR A 556 28.47 34.20 8.75
CA THR A 556 28.15 35.60 8.38
C THR A 556 26.68 35.84 8.68
N SER A 557 26.19 37.04 8.41
CA SER A 557 24.77 37.39 8.59
C SER A 557 24.36 38.33 7.47
N VAL A 558 23.45 37.88 6.62
CA VAL A 558 23.02 38.66 5.44
C VAL A 558 21.73 39.40 5.79
N LYS A 559 21.70 40.70 5.50
CA LYS A 559 20.47 41.52 5.62
C LYS A 559 19.82 41.65 4.25
N VAL A 560 18.63 41.12 4.10
CA VAL A 560 17.85 41.22 2.84
C VAL A 560 16.55 41.93 3.14
N THR A 561 16.23 42.97 2.38
CA THR A 561 14.93 43.68 2.48
C THR A 561 14.02 43.12 1.40
N VAL A 562 13.22 42.13 1.76
CA VAL A 562 12.34 41.42 0.78
C VAL A 562 11.14 42.32 0.45
N SER A 563 10.43 41.94 -0.61
CA SER A 563 9.15 42.60 -1.01
C SER A 563 7.98 41.80 -0.45
N GLU A 564 8.04 40.48 -0.47
CA GLU A 564 6.91 39.60 -0.09
C GLU A 564 7.31 38.76 1.12
N ILE A 565 6.36 38.48 1.99
CA ILE A 565 6.62 37.71 3.21
C ILE A 565 6.71 36.26 2.78
N THR A 566 7.85 35.65 3.02
CA THR A 566 8.12 34.24 2.64
C THR A 566 7.55 33.31 3.71
N ALA A 567 7.38 32.04 3.37
CA ALA A 567 6.79 31.07 4.30
C ALA A 567 7.67 30.92 5.51
N PRO A 568 8.99 30.71 5.37
CA PRO A 568 9.90 30.77 6.51
C PRO A 568 9.63 31.96 7.45
N MET A 569 9.34 33.17 6.92
CA MET A 569 8.96 34.33 7.76
C MET A 569 7.55 34.12 8.34
N ILE A 570 6.56 33.68 7.55
CA ILE A 570 5.20 33.37 8.09
C ILE A 570 5.35 32.37 9.23
N ASN A 571 6.24 31.41 9.09
CA ASN A 571 6.52 30.42 10.14
C ASN A 571 7.06 31.16 11.35
N HIS A 572 7.84 32.20 11.14
CA HIS A 572 8.55 32.86 12.27
C HIS A 572 7.55 33.67 13.08
N VAL A 573 6.77 34.52 12.42
CA VAL A 573 5.86 35.43 13.15
C VAL A 573 4.63 34.68 13.67
N MET A 574 4.40 33.45 13.26
CA MET A 574 3.36 32.61 13.89
C MET A 574 3.83 32.13 15.26
N LYS A 575 5.09 32.27 15.62
CA LYS A 575 5.64 31.72 16.88
C LYS A 575 5.41 32.76 17.97
N LEU A 576 5.01 32.31 19.16
CA LEU A 576 4.61 33.24 20.26
C LEU A 576 5.71 34.25 20.57
N ASP A 577 6.91 34.14 19.96
CA ASP A 577 8.08 35.00 20.27
C ASP A 577 8.44 34.79 21.76
N ASN A 578 8.53 33.54 22.20
CA ASN A 578 8.82 33.21 23.63
C ASN A 578 10.21 33.72 24.00
N SER A 579 10.47 33.93 25.30
CA SER A 579 11.69 34.50 25.92
C SER A 579 11.27 35.39 27.09
N LYS A 580 10.00 35.79 27.11
CA LYS A 580 9.48 36.72 28.15
C LYS A 580 8.76 35.94 29.25
N VAL A 581 8.28 36.67 30.25
CA VAL A 581 7.17 36.21 31.12
C VAL A 581 5.97 37.11 30.80
N LEU A 582 4.86 36.49 30.44
CA LEU A 582 3.70 37.20 29.85
C LEU A 582 3.00 38.03 30.93
N THR A 583 3.01 39.34 30.75
CA THR A 583 2.26 40.30 31.61
C THR A 583 0.90 40.58 30.99
N GLU A 584 0.88 41.06 29.75
CA GLU A 584 -0.38 41.27 28.99
C GLU A 584 -0.66 40.04 28.12
N ARG A 585 -1.84 39.99 27.53
CA ARG A 585 -2.22 38.90 26.61
C ARG A 585 -1.39 39.05 25.34
N PRO A 586 -1.01 37.95 24.67
CA PRO A 586 -0.44 38.06 23.34
C PRO A 586 -1.37 38.80 22.36
N SER A 587 -0.86 39.84 21.73
CA SER A 587 -1.59 40.59 20.68
C SER A 587 -1.68 39.70 19.43
N LEU A 588 -2.68 38.84 19.38
CA LEU A 588 -2.90 37.95 18.21
C LEU A 588 -3.45 38.78 17.06
N ASN A 589 -2.85 38.67 15.89
CA ASN A 589 -3.19 39.50 14.72
C ASN A 589 -3.52 38.58 13.56
N GLU A 590 -4.68 38.76 12.95
CA GLU A 590 -5.20 37.83 11.93
C GLU A 590 -4.65 38.21 10.57
N ASP A 591 -4.02 39.37 10.43
CA ASP A 591 -3.55 39.84 9.10
C ASP A 591 -2.04 39.75 9.07
N LEU A 592 -1.52 39.20 7.99
CA LEU A 592 -0.06 38.91 7.87
C LEU A 592 0.68 40.22 7.62
N GLU A 593 0.12 41.10 6.82
CA GLU A 593 0.83 42.33 6.40
C GLU A 593 0.72 43.40 7.49
N GLU A 594 -0.07 43.17 8.54
CA GLU A 594 -0.14 44.09 9.70
C GLU A 594 0.63 43.52 10.88
N THR A 595 0.90 42.22 10.90
CA THR A 595 1.80 41.63 11.92
C THR A 595 3.20 42.21 11.74
N PHE A 596 3.60 42.48 10.50
CA PHE A 596 4.92 43.08 10.16
C PHE A 596 4.88 44.60 10.30
N LYS A 597 4.17 45.12 11.29
CA LYS A 597 4.09 46.59 11.50
C LYS A 597 4.19 46.93 12.99
N ASN A 598 4.33 45.94 13.85
CA ASN A 598 4.18 46.15 15.30
C ASN A 598 5.35 45.59 16.10
N THR A 599 6.11 44.63 15.54
CA THR A 599 7.20 43.83 16.18
C THR A 599 6.81 43.32 17.58
N LYS A 600 5.52 43.13 17.83
CA LYS A 600 5.03 42.49 19.07
C LYS A 600 3.85 41.56 18.77
N ASP A 601 3.23 41.66 17.61
CA ASP A 601 2.04 40.83 17.30
C ASP A 601 2.48 39.42 16.92
N VAL A 602 1.59 38.48 17.17
CA VAL A 602 1.70 37.11 16.65
C VAL A 602 0.74 36.99 15.49
N TYR A 603 1.20 36.52 14.35
CA TYR A 603 0.31 36.29 13.20
C TYR A 603 -0.47 35.00 13.44
N ILE A 604 -1.76 35.11 13.67
CA ILE A 604 -2.62 33.90 13.70
C ILE A 604 -3.31 33.82 12.34
N PRO A 605 -3.51 32.62 11.78
CA PRO A 605 -4.32 32.48 10.59
C PRO A 605 -5.80 32.78 10.88
N LYS A 606 -6.57 33.09 9.84
CA LYS A 606 -8.00 33.43 10.01
C LYS A 606 -8.81 32.14 9.91
N THR A 607 -8.61 31.23 10.84
CA THR A 607 -9.40 29.98 10.90
C THR A 607 -10.42 30.13 12.02
N THR A 608 -11.31 29.17 12.16
CA THR A 608 -12.29 29.17 13.26
C THR A 608 -11.67 28.50 14.49
N ALA A 609 -10.35 28.30 14.51
CA ALA A 609 -9.62 27.90 15.73
C ALA A 609 -8.94 29.11 16.37
N MET A 610 -8.46 30.05 15.58
CA MET A 610 -7.76 31.25 16.09
C MET A 610 -8.77 32.37 16.33
N MET A 611 -9.87 32.41 15.59
CA MET A 611 -10.91 33.42 15.85
C MET A 611 -11.65 33.05 17.13
N LYS A 612 -11.61 31.79 17.56
CA LYS A 612 -12.07 31.41 18.91
C LYS A 612 -10.93 31.52 19.91
N LEU A 613 -9.73 31.94 19.50
CA LEU A 613 -8.59 32.14 20.43
C LEU A 613 -8.34 33.63 20.59
N LYS A 614 -8.54 34.41 19.53
CA LYS A 614 -8.44 35.88 19.59
C LYS A 614 -9.53 36.39 20.52
N GLU A 615 -10.76 35.93 20.32
CA GLU A 615 -11.85 36.10 21.31
C GLU A 615 -11.69 34.98 22.33
N GLY A 616 -11.49 35.33 23.59
CA GLY A 616 -11.23 34.31 24.62
C GLY A 616 -12.48 33.52 24.95
N ALA A 617 -12.40 32.73 26.00
CA ALA A 617 -13.61 32.14 26.60
C ALA A 617 -14.42 33.27 27.22
N ASP A 618 -15.73 33.09 27.32
CA ASP A 618 -16.54 34.03 28.12
C ASP A 618 -16.33 33.70 29.59
N GLN A 619 -15.84 34.66 30.38
CA GLN A 619 -15.44 34.42 31.78
C GLN A 619 -16.68 34.34 32.66
N THR A 620 -17.85 34.76 32.14
CA THR A 620 -19.15 34.65 32.85
C THR A 620 -19.43 33.17 33.12
N LEU A 621 -19.27 32.35 32.09
CA LEU A 621 -19.25 30.87 32.26
C LEU A 621 -17.90 30.51 32.88
N GLY A 622 -17.89 29.63 33.87
CA GLY A 622 -16.67 29.40 34.67
C GLY A 622 -15.77 28.38 34.01
N ALA A 623 -15.57 27.27 34.69
CA ALA A 623 -14.76 26.14 34.21
C ALA A 623 -15.46 25.51 33.00
N VAL A 624 -16.78 25.57 32.94
CA VAL A 624 -17.57 24.86 31.90
C VAL A 624 -17.39 25.62 30.59
N GLY A 625 -17.35 26.94 30.63
CA GLY A 625 -17.21 27.75 29.41
C GLY A 625 -15.83 27.64 28.82
N PHE A 626 -14.83 27.45 29.68
CA PHE A 626 -13.42 27.25 29.25
C PHE A 626 -13.28 25.88 28.59
N ALA A 627 -13.97 24.87 29.10
CA ALA A 627 -13.87 23.49 28.58
C ALA A 627 -14.52 23.43 27.20
N VAL A 628 -15.54 24.24 26.98
CA VAL A 628 -16.25 24.28 25.68
C VAL A 628 -15.43 25.13 24.73
N TRP A 629 -14.81 26.19 25.23
CA TRP A 629 -13.99 27.10 24.40
C TRP A 629 -12.74 26.39 23.90
N SER A 630 -11.97 25.84 24.82
CA SER A 630 -10.70 25.16 24.51
C SER A 630 -10.99 23.86 23.75
N GLY A 631 -12.08 23.18 24.09
CA GLY A 631 -12.47 21.92 23.43
C GLY A 631 -12.87 22.16 21.99
N GLN A 632 -13.50 23.28 21.71
CA GLN A 632 -13.93 23.61 20.34
C GLN A 632 -12.70 24.03 19.53
N ILE A 633 -11.72 24.68 20.16
CA ILE A 633 -10.47 25.12 19.48
C ILE A 633 -9.71 23.85 19.05
N LEU A 634 -9.62 22.87 19.93
CA LEU A 634 -8.94 21.58 19.63
C LEU A 634 -9.63 20.90 18.44
N GLU A 635 -10.95 20.95 18.37
CA GLU A 635 -11.68 20.34 17.23
C GLU A 635 -11.45 21.18 15.99
N ASP A 636 -11.36 22.50 16.11
CA ASP A 636 -11.22 23.35 14.91
C ASP A 636 -9.79 23.28 14.38
N LEU A 637 -8.83 22.84 15.20
CA LEU A 637 -7.41 22.66 14.76
C LEU A 637 -7.30 21.32 14.06
N TYR A 638 -8.10 20.33 14.44
CA TYR A 638 -8.10 19.02 13.77
C TYR A 638 -8.74 19.14 12.39
N ASN A 639 -9.61 20.10 12.19
CA ASN A 639 -10.21 20.35 10.87
C ASN A 639 -9.15 20.93 9.93
N LEU A 640 -8.16 21.65 10.45
CA LEU A 640 -7.07 22.16 9.59
C LEU A 640 -6.12 21.01 9.23
N ALA A 641 -6.16 19.90 9.97
CA ALA A 641 -5.20 18.80 9.80
C ALA A 641 -5.71 17.74 8.81
N GLN A 642 -7.01 17.70 8.50
CA GLN A 642 -7.58 16.72 7.55
C GLN A 642 -7.38 17.23 6.14
N LYS A 643 -6.80 16.37 5.30
CA LYS A 643 -6.59 16.71 3.86
C LYS A 643 -7.91 16.57 3.16
N LYS A 644 -8.19 17.53 2.29
CA LYS A 644 -9.43 17.57 1.52
C LYS A 644 -9.07 17.81 0.06
N GLU A 645 -9.83 17.20 -0.82
CA GLU A 645 -9.49 17.13 -2.25
C GLU A 645 -10.15 18.30 -2.97
N VAL A 646 -9.44 18.90 -3.90
CA VAL A 646 -9.97 19.92 -4.82
C VAL A 646 -9.79 19.41 -6.24
N SER A 647 -10.17 20.20 -7.23
CA SER A 647 -10.03 19.85 -8.66
C SER A 647 -9.38 21.00 -9.40
N ILE A 648 -8.49 20.70 -10.32
CA ILE A 648 -7.79 21.71 -11.17
C ILE A 648 -8.00 21.33 -12.62
N ASP A 649 -8.15 22.33 -13.49
CA ASP A 649 -8.27 22.11 -14.95
C ASP A 649 -6.95 21.58 -15.51
N GLN A 650 -5.81 21.86 -14.85
CA GLN A 650 -4.49 21.37 -15.29
C GLN A 650 -4.40 19.86 -15.10
N ILE A 651 -4.90 19.36 -13.97
CA ILE A 651 -4.80 17.92 -13.64
C ILE A 651 -6.11 17.24 -14.01
N LYS A 652 -6.12 16.55 -15.15
CA LYS A 652 -7.29 15.75 -15.57
C LYS A 652 -7.32 14.44 -14.78
N ASP A 653 -8.53 13.92 -14.57
CA ASP A 653 -8.79 12.54 -14.08
C ASP A 653 -8.31 12.36 -12.64
N ASP A 654 -8.05 13.43 -11.91
CA ASP A 654 -7.46 13.32 -10.55
C ASP A 654 -7.86 14.52 -9.72
N LEU A 655 -8.11 14.29 -8.44
CA LEU A 655 -8.41 15.36 -7.47
C LEU A 655 -7.16 15.60 -6.63
N MET A 656 -6.57 16.78 -6.77
CA MET A 656 -5.40 17.17 -5.96
C MET A 656 -5.83 17.54 -4.55
N SER A 657 -4.90 17.44 -3.60
CA SER A 657 -5.19 17.49 -2.15
C SER A 657 -4.60 18.76 -1.54
N ILE A 658 -5.27 19.31 -0.54
CA ILE A 658 -4.79 20.48 0.22
C ILE A 658 -5.25 20.32 1.67
N LEU A 659 -4.50 20.86 2.61
CA LEU A 659 -4.89 20.92 4.03
C LEU A 659 -5.43 22.32 4.25
N PRO A 660 -6.60 22.49 4.88
CA PRO A 660 -7.12 23.81 5.24
C PRO A 660 -6.12 24.78 5.87
N PHE A 661 -5.12 24.27 6.61
CA PHE A 661 -4.10 25.10 7.29
C PHE A 661 -3.31 25.92 6.28
N TYR A 662 -3.18 25.46 5.04
CA TYR A 662 -2.26 26.07 4.07
C TYR A 662 -2.70 27.46 3.70
N CYS A 663 -3.91 27.88 4.10
CA CYS A 663 -4.40 29.26 3.90
C CYS A 663 -3.53 30.25 4.68
N ALA A 664 -2.85 29.77 5.73
CA ALA A 664 -2.07 30.63 6.65
C ALA A 664 -0.95 31.29 5.88
N TYR A 665 -0.48 30.65 4.82
CA TYR A 665 0.69 31.10 4.06
C TYR A 665 0.30 32.00 2.89
N LYS A 666 -0.99 32.17 2.62
CA LYS A 666 -1.44 33.16 1.62
C LYS A 666 -2.42 34.14 2.24
N ASN A 667 -2.58 34.13 3.56
CA ASN A 667 -3.35 35.13 4.34
C ASN A 667 -4.80 35.12 3.85
N LEU A 668 -5.38 33.93 3.75
CA LEU A 668 -6.80 33.77 3.36
C LEU A 668 -7.54 33.13 4.53
N SER A 669 -8.86 33.28 4.45
CA SER A 669 -9.81 33.10 5.57
C SER A 669 -10.19 31.63 5.73
N ALA A 670 -9.53 30.71 5.01
CA ALA A 670 -9.80 29.25 4.94
C ALA A 670 -11.11 28.94 4.19
N GLU A 671 -11.95 29.93 3.87
CA GLU A 671 -13.10 29.74 2.96
C GLU A 671 -12.94 30.58 1.70
N LYS A 672 -12.22 31.70 1.77
CA LYS A 672 -11.73 32.39 0.54
C LYS A 672 -10.60 31.57 -0.08
N TYR A 673 -9.91 30.78 0.73
CA TYR A 673 -8.83 29.87 0.29
C TYR A 673 -9.41 28.73 -0.55
N GLU A 674 -10.60 28.25 -0.21
CA GLU A 674 -11.28 27.20 -1.00
C GLU A 674 -11.85 27.81 -2.28
N GLN A 675 -12.15 29.11 -2.25
CA GLN A 675 -12.65 29.84 -3.46
C GLN A 675 -11.54 29.88 -4.51
N ALA A 676 -10.27 30.03 -4.09
CA ALA A 676 -9.15 30.29 -5.02
C ALA A 676 -8.77 29.04 -5.80
N PHE A 677 -9.32 27.86 -5.50
CA PHE A 677 -8.99 26.61 -6.24
C PHE A 677 -9.94 26.38 -7.40
N ALA A 678 -11.07 27.09 -7.44
CA ALA A 678 -11.82 27.25 -8.71
C ALA A 678 -11.15 28.39 -9.48
N ASN A 679 -11.01 28.21 -10.80
CA ASN A 679 -10.25 29.10 -11.71
C ASN A 679 -8.80 29.18 -11.21
N ALA A 680 -8.15 28.04 -11.07
CA ALA A 680 -6.81 27.94 -10.44
C ALA A 680 -5.80 27.33 -11.41
N THR A 681 -4.56 27.29 -10.95
CA THR A 681 -3.43 26.72 -11.70
C THR A 681 -2.67 25.78 -10.75
N LEU A 682 -1.55 25.26 -11.20
CA LEU A 682 -0.67 24.42 -10.36
C LEU A 682 0.29 25.28 -9.57
N ASP A 683 0.30 26.60 -9.77
CA ASP A 683 1.15 27.51 -8.98
C ASP A 683 0.43 27.86 -7.68
N ALA A 684 -0.80 27.39 -7.49
CA ALA A 684 -1.39 27.18 -6.14
C ALA A 684 -0.86 25.84 -5.63
N PHE A 685 -1.33 25.38 -4.48
CA PHE A 685 -0.72 24.22 -3.76
C PHE A 685 0.69 24.54 -3.25
N LEU A 686 1.22 25.72 -3.58
CA LEU A 686 2.53 26.16 -3.09
C LEU A 686 2.26 27.12 -1.95
N ILE A 687 2.55 26.69 -0.73
CA ILE A 687 2.48 27.61 0.43
C ILE A 687 3.67 28.57 0.33
N PHE A 688 4.71 28.17 -0.39
CA PHE A 688 5.98 28.92 -0.44
C PHE A 688 6.31 29.11 -1.90
N ALA A 689 5.74 30.14 -2.48
CA ALA A 689 5.75 30.34 -3.95
C ALA A 689 6.50 31.60 -4.32
N THR A 690 7.04 32.34 -3.36
CA THR A 690 7.89 33.52 -3.64
C THR A 690 9.22 33.35 -2.92
N ASP A 691 10.30 33.78 -3.56
CA ASP A 691 11.63 33.78 -2.92
C ASP A 691 11.80 35.03 -2.06
N GLY A 692 10.87 35.97 -2.13
CA GLY A 692 10.94 37.21 -1.32
C GLY A 692 10.74 38.41 -2.20
N GLY A 693 11.11 38.30 -3.47
CA GLY A 693 11.06 39.43 -4.44
C GLY A 693 10.00 39.21 -5.48
N GLY A 694 9.94 37.99 -6.03
CA GLY A 694 9.11 37.68 -7.20
C GLY A 694 8.43 36.35 -7.03
N PHE A 695 7.43 36.10 -7.88
CA PHE A 695 6.70 34.82 -7.91
C PHE A 695 7.61 33.74 -8.47
N ALA A 696 7.69 32.61 -7.77
CA ALA A 696 8.50 31.47 -8.18
C ALA A 696 7.61 30.24 -8.25
N GLY A 697 6.99 30.03 -9.41
CA GLY A 697 6.02 28.95 -9.63
C GLY A 697 6.66 27.58 -9.72
N LEU A 698 5.83 26.54 -9.82
CA LEU A 698 6.27 25.14 -9.98
C LEU A 698 6.93 25.00 -11.34
N GLY A 699 8.19 24.55 -11.35
CA GLY A 699 8.99 24.36 -12.57
C GLY A 699 8.62 23.06 -13.23
N ILE A 700 7.44 23.01 -13.81
CA ILE A 700 6.95 21.78 -14.48
C ILE A 700 7.34 21.85 -15.95
N THR A 701 7.88 22.97 -16.42
CA THR A 701 8.31 23.11 -17.83
C THR A 701 9.50 22.18 -18.08
N VAL A 702 9.49 21.48 -19.20
CA VAL A 702 10.60 20.55 -19.54
C VAL A 702 11.28 21.06 -20.80
N GLY A 703 12.60 20.92 -20.87
CA GLY A 703 13.37 21.35 -22.05
C GLY A 703 12.92 20.59 -23.28
N ALA A 704 12.91 21.24 -24.44
CA ALA A 704 12.59 20.59 -25.73
C ALA A 704 13.82 19.84 -26.22
N ILE A 705 13.62 18.60 -26.64
CA ILE A 705 14.70 17.73 -27.16
C ILE A 705 14.63 17.71 -28.67
N ALA A 706 15.72 18.08 -29.33
CA ALA A 706 15.77 18.24 -30.79
C ALA A 706 16.50 17.04 -31.39
N ILE A 707 16.17 16.72 -32.63
CA ILE A 707 16.85 15.59 -33.33
C ILE A 707 18.24 16.05 -33.76
N ASN A 708 19.13 15.07 -33.89
CA ASN A 708 20.53 15.31 -34.31
C ASN A 708 20.59 15.44 -35.83
N SER A 709 21.72 15.92 -36.32
CA SER A 709 22.04 16.03 -37.76
C SER A 709 23.10 14.99 -38.12
N MET A 710 23.25 14.74 -39.40
CA MET A 710 24.34 13.90 -39.93
C MET A 710 25.13 14.75 -40.91
N TYR A 711 26.44 14.82 -40.71
CA TYR A 711 27.36 15.54 -41.61
C TYR A 711 28.57 14.65 -41.87
N ALA A 712 28.59 14.00 -43.03
CA ALA A 712 29.72 13.15 -43.47
C ALA A 712 30.85 14.06 -43.96
N LYS A 713 32.04 13.92 -43.39
CA LYS A 713 33.23 14.66 -43.86
C LYS A 713 34.02 13.81 -44.86
N ALA A 714 33.82 12.48 -44.85
CA ALA A 714 34.37 11.57 -45.87
C ALA A 714 33.22 10.92 -46.65
N GLU A 715 33.42 10.70 -47.94
CA GLU A 715 32.38 10.19 -48.86
C GLU A 715 32.65 8.72 -49.19
N THR A 716 33.14 7.93 -48.23
CA THR A 716 33.35 6.48 -48.43
C THR A 716 32.15 5.72 -47.88
N MET A 717 32.01 4.47 -48.28
CA MET A 717 30.89 3.59 -47.83
C MET A 717 31.06 3.24 -46.35
N GLU A 718 32.29 3.22 -45.86
CA GLU A 718 32.60 2.92 -44.44
C GLU A 718 32.28 4.15 -43.60
N ALA A 719 32.44 5.36 -44.16
CA ALA A 719 32.21 6.62 -43.42
C ALA A 719 30.71 6.82 -43.22
N TYR A 720 29.88 6.30 -44.10
CA TYR A 720 28.41 6.43 -43.93
C TYR A 720 27.92 5.34 -42.98
N ASP A 721 28.48 4.14 -43.04
CA ASP A 721 28.11 3.06 -42.09
C ASP A 721 28.57 3.42 -40.69
N SER A 722 29.61 4.22 -40.57
CA SER A 722 29.98 4.76 -39.24
C SER A 722 28.93 5.80 -38.85
N MET A 723 28.51 6.65 -39.78
CA MET A 723 27.64 7.80 -39.47
C MET A 723 26.22 7.32 -39.21
N PHE A 724 25.73 6.36 -40.01
CA PHE A 724 24.35 5.84 -39.84
C PHE A 724 24.25 4.95 -38.61
N GLY A 725 25.36 4.40 -38.14
CA GLY A 725 25.40 3.65 -36.89
C GLY A 725 25.46 4.60 -35.74
N LYS A 726 26.26 5.65 -35.88
CA LYS A 726 26.49 6.62 -34.79
C LYS A 726 25.22 7.42 -34.53
N TYR A 727 24.40 7.65 -35.56
CA TYR A 727 23.17 8.47 -35.42
C TYR A 727 22.16 7.76 -34.54
N VAL A 728 22.14 6.44 -34.61
CA VAL A 728 21.24 5.62 -33.77
C VAL A 728 21.88 5.57 -32.38
N ASP A 729 23.20 5.63 -32.29
CA ASP A 729 23.91 5.50 -31.00
C ASP A 729 23.70 6.76 -30.18
N GLN A 730 23.63 7.92 -30.81
CA GLN A 730 23.39 9.20 -30.09
C GLN A 730 21.88 9.41 -29.90
N TYR A 731 21.05 8.84 -30.77
CA TYR A 731 19.58 8.80 -30.58
C TYR A 731 19.28 8.10 -29.24
N GLN A 732 19.92 6.97 -28.99
CA GLN A 732 19.67 6.26 -27.72
C GLN A 732 20.33 7.03 -26.58
N ASN A 733 21.44 7.71 -26.85
CA ASN A 733 22.14 8.50 -25.81
C ASN A 733 21.34 9.74 -25.46
N ASP A 734 20.67 10.37 -26.41
CA ASP A 734 19.88 11.60 -26.16
C ASP A 734 18.63 11.26 -25.36
N ILE A 735 18.03 10.11 -25.62
CA ILE A 735 16.84 9.64 -24.86
C ILE A 735 17.27 9.29 -23.46
N LYS A 736 18.41 8.62 -23.29
CA LYS A 736 18.85 8.18 -21.94
C LYS A 736 19.25 9.40 -21.11
N ASN A 737 19.65 10.50 -21.73
CA ASN A 737 19.99 11.71 -20.96
C ASN A 737 18.73 12.53 -20.73
N PHE A 738 17.74 12.44 -21.61
CA PHE A 738 16.52 13.28 -21.52
C PHE A 738 15.56 12.72 -20.46
N THR A 739 15.44 11.42 -20.39
CA THR A 739 14.58 10.79 -19.37
C THR A 739 15.29 10.87 -18.04
N LEU A 740 16.60 11.08 -18.01
CA LEU A 740 17.33 11.18 -16.72
C LEU A 740 17.26 12.64 -16.24
N ASN A 741 17.32 13.59 -17.15
CA ASN A 741 17.18 15.02 -16.81
C ASN A 741 15.75 15.28 -16.32
N ALA A 742 14.78 14.49 -16.79
CA ALA A 742 13.35 14.66 -16.45
C ALA A 742 13.04 14.07 -15.09
N TYR A 743 13.77 13.06 -14.67
CA TYR A 743 13.60 12.52 -13.31
C TYR A 743 14.15 13.55 -12.33
N VAL A 744 15.28 14.17 -12.64
CA VAL A 744 15.94 15.07 -11.67
C VAL A 744 15.16 16.38 -11.64
N GLN A 745 14.49 16.76 -12.73
CA GLN A 745 13.63 17.97 -12.72
C GLN A 745 12.41 17.69 -11.87
N TRP A 746 11.86 16.50 -11.92
CA TRP A 746 10.69 16.19 -11.09
C TRP A 746 11.14 16.01 -9.65
N GLU A 747 12.25 15.34 -9.43
CA GLU A 747 12.60 14.91 -8.05
C GLU A 747 13.09 16.13 -7.27
N ASN A 748 13.59 17.14 -7.96
CA ASN A 748 14.05 18.40 -7.32
C ASN A 748 12.93 19.45 -7.35
N ASN A 749 12.45 19.84 -8.52
CA ASN A 749 11.59 21.04 -8.61
C ASN A 749 10.19 20.77 -8.07
N ILE A 750 9.80 19.53 -7.91
CA ILE A 750 8.39 19.21 -7.59
C ILE A 750 8.35 18.33 -6.37
N LEU A 751 8.97 17.18 -6.39
CA LEU A 751 8.91 16.30 -5.22
C LEU A 751 9.66 16.94 -4.05
N SER A 752 10.87 17.45 -4.27
CA SER A 752 11.66 18.04 -3.17
C SER A 752 11.09 19.39 -2.77
N ARG A 753 10.44 20.11 -3.66
CA ARG A 753 9.86 21.43 -3.34
C ARG A 753 8.61 21.22 -2.50
N LEU A 754 7.80 20.22 -2.86
CA LEU A 754 6.52 19.99 -2.16
C LEU A 754 6.81 19.25 -0.86
N TRP A 755 7.90 18.52 -0.78
CA TRP A 755 8.26 17.86 0.49
C TRP A 755 8.81 18.95 1.42
N ASN A 756 9.44 19.97 0.89
CA ASN A 756 9.99 21.05 1.75
C ASN A 756 8.82 21.92 2.20
N GLU A 757 7.81 22.11 1.36
CA GLU A 757 6.59 22.85 1.78
C GLU A 757 5.78 21.97 2.70
N SER A 758 5.96 20.68 2.65
CA SER A 758 5.32 19.78 3.63
C SER A 758 5.94 20.08 4.98
N ARG A 759 7.25 20.22 5.08
CA ARG A 759 7.91 20.37 6.40
C ARG A 759 7.96 21.85 6.84
N LEU A 760 7.75 22.79 5.94
CA LEU A 760 7.52 24.19 6.35
C LEU A 760 6.13 24.32 6.93
N ALA A 761 5.22 23.41 6.62
CA ALA A 761 3.85 23.43 7.15
C ALA A 761 3.83 22.78 8.51
N ILE A 762 4.61 21.73 8.70
CA ILE A 762 4.61 21.01 10.00
C ILE A 762 5.33 21.90 11.02
N THR A 763 6.28 22.71 10.56
CA THR A 763 6.95 23.69 11.44
C THR A 763 5.95 24.77 11.82
N GLY A 764 5.25 25.33 10.84
CA GLY A 764 4.34 26.45 11.10
C GLY A 764 3.13 26.03 11.91
N PHE A 765 2.65 24.83 11.72
CA PHE A 765 1.52 24.31 12.51
C PHE A 765 2.01 24.09 13.94
N ARG A 766 3.27 23.71 14.12
CA ARG A 766 3.87 23.51 15.46
C ARG A 766 4.07 24.90 16.11
N ASN A 767 4.33 25.92 15.32
CA ASN A 767 4.54 27.28 15.85
C ASN A 767 3.19 27.86 16.26
N MET A 768 2.12 27.64 15.49
CA MET A 768 0.81 28.22 15.87
C MET A 768 0.19 27.38 16.98
N LEU A 769 0.65 26.16 17.20
CA LEU A 769 0.19 25.38 18.36
C LEU A 769 0.95 25.86 19.59
N LYS A 770 2.08 26.52 19.44
CA LYS A 770 2.77 27.14 20.59
C LYS A 770 2.12 28.50 20.90
N THR A 771 1.30 29.01 20.00
CA THR A 771 0.52 30.21 20.32
C THR A 771 -0.80 29.79 20.97
N VAL A 772 -1.36 28.66 20.59
CA VAL A 772 -2.59 28.15 21.24
C VAL A 772 -2.23 27.81 22.67
N LYS A 773 -1.04 27.27 22.91
CA LYS A 773 -0.65 26.83 24.26
C LYS A 773 -0.53 28.06 25.15
N THR A 774 0.16 29.09 24.70
CA THR A 774 0.51 30.20 25.60
C THR A 774 -0.69 31.11 25.82
N VAL A 775 -1.63 31.14 24.89
CA VAL A 775 -2.85 31.99 25.07
C VAL A 775 -3.85 31.25 25.94
N MET A 776 -3.98 29.95 25.78
CA MET A 776 -4.84 29.14 26.67
C MET A 776 -4.20 29.06 28.04
N GLU A 777 -2.89 29.22 28.15
CA GLU A 777 -2.23 29.19 29.47
C GLU A 777 -2.35 30.58 30.11
N PHE A 778 -2.32 31.63 29.32
CA PHE A 778 -2.50 33.01 29.86
C PHE A 778 -3.94 33.17 30.30
N ASP A 779 -4.87 32.60 29.56
CA ASP A 779 -6.31 32.68 29.89
C ASP A 779 -6.63 31.79 31.08
N ALA A 780 -5.82 30.78 31.35
CA ALA A 780 -6.05 29.91 32.51
C ALA A 780 -5.61 30.62 33.79
N THR A 781 -4.69 31.56 33.71
CA THR A 781 -4.26 32.37 34.88
C THR A 781 -5.01 33.71 34.88
N ASN A 782 -6.22 33.73 34.34
CA ASN A 782 -7.10 34.91 34.40
C ASN A 782 -7.59 35.08 35.84
N GLN A 783 -7.38 36.26 36.42
CA GLN A 783 -7.75 36.53 37.83
C GLN A 783 -9.26 36.71 37.98
N ALA A 784 -9.98 36.96 36.88
CA ALA A 784 -11.46 37.11 36.92
C ALA A 784 -12.13 35.74 37.13
N TYR A 785 -11.42 34.65 36.87
CA TYR A 785 -11.96 33.30 37.16
C TYR A 785 -11.97 33.06 38.66
N SER A 786 -12.81 32.14 39.10
CA SER A 786 -12.82 31.68 40.50
C SER A 786 -11.57 30.83 40.74
N GLU A 787 -11.10 30.81 41.98
CA GLU A 787 -9.80 30.18 42.31
C GLU A 787 -9.96 28.65 42.35
N GLU A 788 -11.14 28.11 42.66
CA GLU A 788 -11.35 26.64 42.57
C GLU A 788 -11.89 26.27 41.18
N ASP A 789 -12.19 27.25 40.34
CA ASP A 789 -12.43 27.01 38.90
C ASP A 789 -11.12 27.00 38.14
N ARG A 790 -10.05 27.60 38.68
CA ARG A 790 -8.73 27.56 38.01
C ARG A 790 -8.15 26.15 38.11
N LYS A 791 -8.50 25.39 39.16
CA LYS A 791 -8.04 23.99 39.28
C LYS A 791 -8.61 23.18 38.12
N ILE A 792 -9.84 23.49 37.71
CA ILE A 792 -10.52 22.76 36.61
C ILE A 792 -10.05 23.37 35.30
N ILE A 793 -9.79 24.67 35.26
CA ILE A 793 -9.45 25.35 33.99
C ILE A 793 -8.03 24.99 33.59
N LYS A 794 -7.09 25.04 34.55
CA LYS A 794 -5.67 24.74 34.25
C LYS A 794 -5.51 23.26 33.91
N ALA A 795 -6.36 22.40 34.47
CA ALA A 795 -6.36 20.96 34.14
C ALA A 795 -6.91 20.77 32.71
N LYS A 796 -7.73 21.69 32.24
CA LYS A 796 -8.28 21.59 30.88
C LYS A 796 -7.23 22.09 29.89
N CYS A 797 -6.50 23.14 30.23
CA CYS A 797 -5.44 23.70 29.35
C CYS A 797 -4.35 22.63 29.17
N GLU A 798 -4.06 21.87 30.22
CA GLU A 798 -3.05 20.79 30.20
C GLU A 798 -3.62 19.53 29.57
N GLU A 799 -4.92 19.45 29.32
CA GLU A 799 -5.53 18.27 28.65
C GLU A 799 -5.60 18.53 27.15
N ILE A 800 -5.96 19.73 26.72
CA ILE A 800 -5.93 20.11 25.29
C ILE A 800 -4.47 20.08 24.82
N PHE A 801 -3.53 20.38 25.71
CA PHE A 801 -2.09 20.38 25.38
C PHE A 801 -1.62 18.95 25.14
N SER A 802 -2.19 17.99 25.86
CA SER A 802 -1.76 16.57 25.74
C SER A 802 -2.21 16.00 24.39
N GLU A 803 -3.13 16.66 23.70
CA GLU A 803 -3.58 16.19 22.37
C GLU A 803 -2.74 16.85 21.27
N PHE A 804 -1.83 17.78 21.59
CA PHE A 804 -0.96 18.38 20.55
C PHE A 804 -0.07 17.30 19.95
N PRO A 805 0.60 16.43 20.72
CA PRO A 805 1.32 15.31 20.16
C PRO A 805 0.58 14.71 18.95
N MET A 806 -0.59 14.13 19.16
CA MET A 806 -1.32 13.36 18.12
C MET A 806 -1.83 14.32 17.05
N LEU A 807 -2.25 15.53 17.41
CA LEU A 807 -2.67 16.49 16.37
C LEU A 807 -1.50 16.70 15.41
N MET A 808 -0.29 16.91 15.92
CA MET A 808 0.85 17.27 15.05
C MET A 808 1.37 16.04 14.33
N GLN A 809 1.04 14.84 14.77
CA GLN A 809 1.38 13.64 13.99
C GLN A 809 0.37 13.57 12.83
N THR A 810 -0.90 13.72 13.18
CA THR A 810 -2.02 13.64 12.23
C THR A 810 -1.83 14.73 11.18
N PHE A 811 -1.37 15.91 11.59
CA PHE A 811 -1.10 16.99 10.63
C PHE A 811 0.06 16.60 9.72
N ALA A 812 1.12 16.03 10.29
CA ALA A 812 2.33 15.71 9.51
C ALA A 812 2.00 14.54 8.57
N LYS A 813 1.26 13.54 9.02
CA LYS A 813 0.90 12.39 8.14
C LYS A 813 0.02 12.89 7.02
N ASN A 814 -0.72 13.98 7.21
CA ASN A 814 -1.65 14.48 6.17
C ASN A 814 -0.98 15.49 5.28
N SER A 815 -0.13 16.33 5.85
CA SER A 815 0.61 17.32 5.04
C SER A 815 1.61 16.63 4.12
N MET A 816 2.15 15.51 4.57
CA MET A 816 3.09 14.72 3.77
C MET A 816 2.29 13.99 2.68
N THR A 817 1.16 13.40 3.03
CA THR A 817 0.38 12.57 2.09
C THR A 817 -0.23 13.46 1.02
N ALA A 818 -0.61 14.68 1.35
CA ALA A 818 -1.18 15.61 0.35
C ALA A 818 -0.09 16.06 -0.60
N ASN A 819 1.06 16.45 -0.08
CA ASN A 819 2.14 17.04 -0.93
C ASN A 819 2.86 15.94 -1.69
N LEU A 820 2.84 14.71 -1.22
CA LEU A 820 3.49 13.60 -1.95
C LEU A 820 2.55 13.18 -3.07
N GLU A 821 1.25 13.13 -2.81
CA GLU A 821 0.30 12.74 -3.87
C GLU A 821 0.20 13.87 -4.90
N ASN A 822 0.39 15.11 -4.49
CA ASN A 822 0.42 16.23 -5.45
C ASN A 822 1.64 16.07 -6.37
N ALA A 823 2.79 15.75 -5.81
CA ALA A 823 4.03 15.57 -6.59
C ALA A 823 3.92 14.30 -7.41
N SER A 824 3.18 13.31 -6.95
CA SER A 824 2.96 12.07 -7.71
C SER A 824 2.04 12.38 -8.89
N LYS A 825 1.02 13.20 -8.66
CA LYS A 825 -0.01 13.51 -9.69
C LYS A 825 0.55 14.52 -10.69
N ILE A 826 1.44 15.40 -10.28
CA ILE A 826 2.03 16.35 -11.26
C ILE A 826 2.96 15.57 -12.20
N PHE A 827 3.62 14.53 -11.71
CA PHE A 827 4.44 13.65 -12.57
C PHE A 827 3.54 12.97 -13.59
N ASN A 828 2.54 12.23 -13.12
CA ASN A 828 1.69 11.35 -13.97
C ASN A 828 0.95 12.18 -15.01
N ASP A 829 0.67 13.44 -14.73
CA ASP A 829 -0.28 14.24 -15.54
C ASP A 829 0.40 15.42 -16.22
N ILE A 830 1.50 15.95 -15.73
CA ILE A 830 2.10 17.17 -16.34
C ILE A 830 3.50 16.86 -16.89
N VAL A 831 4.36 16.26 -16.07
CA VAL A 831 5.79 16.09 -16.43
C VAL A 831 5.94 14.87 -17.34
N TRP A 832 5.48 13.71 -16.90
CA TRP A 832 5.63 12.45 -17.66
C TRP A 832 4.78 12.52 -18.92
N GLN A 833 3.73 13.30 -18.93
CA GLN A 833 2.94 13.47 -20.16
C GLN A 833 3.74 14.31 -21.14
N LYS A 834 4.45 15.32 -20.66
CA LYS A 834 5.19 16.20 -21.59
C LYS A 834 6.48 15.52 -22.04
N ILE A 835 6.99 14.58 -21.28
CA ILE A 835 8.14 13.75 -21.71
C ILE A 835 7.66 12.83 -22.82
N LYS A 836 6.54 12.18 -22.60
CA LYS A 836 5.99 11.23 -23.58
C LYS A 836 5.58 11.99 -24.83
N GLU A 837 5.07 13.21 -24.69
CA GLU A 837 4.64 14.00 -25.87
C GLU A 837 5.88 14.47 -26.64
N GLU A 838 6.98 14.79 -25.97
CA GLU A 838 8.17 15.34 -26.66
C GLU A 838 8.99 14.20 -27.27
N LEU A 839 9.12 13.09 -26.57
CA LEU A 839 9.90 11.94 -27.08
C LEU A 839 9.13 11.20 -28.17
N ASP A 840 7.81 11.32 -28.22
CA ASP A 840 7.06 10.75 -29.36
C ASP A 840 7.41 11.56 -30.59
N GLN A 841 7.54 12.87 -30.46
CA GLN A 841 7.93 13.68 -31.64
C GLN A 841 9.43 13.48 -31.90
N TYR A 842 10.21 13.12 -30.90
CA TYR A 842 11.67 12.89 -31.06
C TYR A 842 11.88 11.53 -31.76
N VAL A 843 11.14 10.51 -31.38
CA VAL A 843 11.24 9.17 -32.00
C VAL A 843 10.80 9.31 -33.46
N ILE A 844 9.74 10.06 -33.70
CA ILE A 844 9.13 10.15 -35.06
C ILE A 844 10.03 11.01 -35.95
N ASP A 845 10.52 12.14 -35.46
CA ASP A 845 11.32 13.04 -36.32
C ASP A 845 12.70 12.46 -36.57
N SER A 846 13.28 11.75 -35.62
CA SER A 846 14.61 11.15 -35.82
C SER A 846 14.49 9.97 -36.78
N LYS A 847 13.38 9.23 -36.73
CA LYS A 847 13.15 8.13 -37.68
C LYS A 847 12.92 8.72 -39.06
N LYS A 848 12.18 9.82 -39.15
CA LYS A 848 11.91 10.49 -40.45
C LYS A 848 13.21 11.05 -40.99
N TYR A 849 14.10 11.55 -40.12
CA TYR A 849 15.40 12.12 -40.55
C TYR A 849 16.35 10.99 -40.94
N PHE A 850 16.29 9.86 -40.24
CA PHE A 850 17.16 8.70 -40.51
C PHE A 850 16.76 8.10 -41.85
N LEU A 851 15.48 7.89 -42.05
CA LEU A 851 14.96 7.23 -43.26
C LEU A 851 14.68 8.25 -44.36
N ASP A 852 15.24 9.45 -44.30
CA ASP A 852 15.32 10.30 -45.51
C ASP A 852 16.77 10.58 -45.88
N SER A 853 17.72 10.30 -45.00
CA SER A 853 19.16 10.37 -45.33
C SER A 853 19.64 8.97 -45.76
N LEU A 854 18.97 7.92 -45.32
CA LEU A 854 19.36 6.54 -45.67
C LEU A 854 18.92 6.29 -47.11
N GLU A 855 17.74 6.76 -47.50
CA GLU A 855 17.26 6.59 -48.90
C GLU A 855 17.99 7.59 -49.79
N GLU A 856 18.45 8.71 -49.23
CA GLU A 856 19.23 9.70 -50.01
C GLU A 856 20.62 9.14 -50.28
N ALA A 857 21.26 8.56 -49.27
CA ALA A 857 22.64 8.03 -49.39
C ALA A 857 22.64 6.81 -50.31
N TYR A 858 21.57 6.02 -50.31
CA TYR A 858 21.50 4.82 -51.16
C TYR A 858 21.26 5.23 -52.60
N ASN A 859 20.36 6.17 -52.84
CA ASN A 859 20.02 6.59 -54.22
C ASN A 859 21.19 7.35 -54.83
N ASN A 860 21.86 8.19 -54.04
CA ASN A 860 23.10 8.87 -54.47
C ASN A 860 24.19 7.81 -54.66
N GLY A 861 24.31 6.88 -53.70
CA GLY A 861 25.24 5.74 -53.76
C GLY A 861 26.38 5.84 -52.76
N SER A 862 26.18 6.57 -51.66
CA SER A 862 27.20 6.74 -50.60
C SER A 862 27.11 5.59 -49.59
N ILE A 863 26.32 4.56 -49.88
CA ILE A 863 26.16 3.40 -48.96
C ILE A 863 25.80 2.18 -49.80
N SER A 864 26.11 0.99 -49.31
CA SER A 864 25.91 -0.26 -50.07
C SER A 864 24.47 -0.74 -49.94
N ALA A 865 24.12 -1.75 -50.72
CA ALA A 865 22.76 -2.33 -50.70
C ALA A 865 22.58 -3.13 -49.41
N GLU A 866 23.63 -3.80 -48.94
CA GLU A 866 23.58 -4.59 -47.69
C GLU A 866 23.38 -3.63 -46.52
N SER A 867 24.11 -2.51 -46.53
CA SER A 867 24.10 -1.53 -45.42
C SER A 867 22.77 -0.79 -45.40
N TYR A 868 22.15 -0.62 -46.56
CA TYR A 868 20.82 0.03 -46.66
C TYR A 868 19.75 -0.88 -46.06
N TYR A 869 19.89 -2.19 -46.26
CA TYR A 869 18.93 -3.16 -45.70
C TYR A 869 19.23 -3.37 -44.22
N LYS A 870 20.47 -3.16 -43.81
CA LYS A 870 20.86 -3.33 -42.40
C LYS A 870 20.22 -2.21 -41.60
N TYR A 871 20.33 -0.98 -42.08
CA TYR A 871 19.83 0.20 -41.33
C TYR A 871 18.36 0.46 -41.59
N GLN A 872 17.71 -0.33 -42.43
CA GLN A 872 16.24 -0.23 -42.57
C GLN A 872 15.59 -1.14 -41.53
N THR A 873 16.14 -2.31 -41.28
CA THR A 873 15.68 -3.18 -40.19
C THR A 873 16.10 -2.54 -38.88
N GLU A 874 17.16 -1.74 -38.88
CA GLU A 874 17.63 -1.10 -37.63
C GLU A 874 16.65 -0.01 -37.21
N ALA A 875 16.15 0.78 -38.16
CA ALA A 875 15.20 1.87 -37.86
C ALA A 875 13.86 1.31 -37.41
N ARG A 876 13.51 0.12 -37.89
CA ARG A 876 12.22 -0.51 -37.52
C ARG A 876 12.32 -1.00 -36.08
N GLU A 877 13.51 -1.37 -35.62
CA GLU A 877 13.67 -1.97 -34.27
C GLU A 877 14.17 -0.93 -33.27
N LYS A 878 14.92 0.09 -33.69
CA LYS A 878 15.51 1.06 -32.73
C LYS A 878 14.63 2.30 -32.60
N PHE A 879 14.29 2.97 -33.70
CA PHE A 879 13.48 4.20 -33.67
C PHE A 879 12.04 3.84 -33.37
N VAL A 880 11.79 3.48 -32.13
CA VAL A 880 10.47 3.01 -31.64
C VAL A 880 10.26 3.69 -30.29
N SER A 881 9.08 3.53 -29.70
CA SER A 881 8.74 4.23 -28.44
C SER A 881 9.67 3.71 -27.35
N PRO A 882 10.40 4.62 -26.65
CA PRO A 882 11.45 4.22 -25.72
C PRO A 882 10.91 3.51 -24.49
N ARG A 883 11.76 2.68 -23.91
CA ARG A 883 11.41 2.06 -22.62
C ARG A 883 12.02 2.87 -21.50
N GLU A 884 12.71 3.95 -21.84
CA GLU A 884 13.22 4.89 -20.81
C GLU A 884 12.12 5.83 -20.32
N VAL A 885 11.03 6.03 -21.05
CA VAL A 885 9.89 6.80 -20.47
C VAL A 885 9.12 5.91 -19.54
N ILE A 886 9.28 4.60 -19.66
CA ILE A 886 8.68 3.70 -18.67
C ILE A 886 9.64 3.62 -17.51
N ASP A 887 10.95 3.62 -17.75
CA ASP A 887 11.96 3.65 -16.66
C ASP A 887 11.86 4.98 -15.92
N LEU A 888 11.46 6.07 -16.56
CA LEU A 888 11.22 7.35 -15.86
C LEU A 888 10.00 7.22 -14.94
N TYR A 889 9.00 6.45 -15.37
CA TYR A 889 7.79 6.21 -14.57
C TYR A 889 8.19 5.37 -13.37
N ILE A 890 8.98 4.33 -13.59
CA ILE A 890 9.30 3.34 -12.52
C ILE A 890 10.26 4.02 -11.54
N ALA A 891 11.03 4.99 -12.00
CA ALA A 891 11.90 5.74 -11.08
C ALA A 891 11.04 6.64 -10.18
N ALA A 892 10.17 7.46 -10.76
CA ALA A 892 9.40 8.47 -9.99
C ALA A 892 8.36 7.79 -9.10
N HIS A 893 7.94 6.59 -9.42
CA HIS A 893 6.97 5.84 -8.59
C HIS A 893 7.68 4.86 -7.69
N ASP A 894 9.00 4.88 -7.63
CA ASP A 894 9.76 4.15 -6.59
C ASP A 894 10.13 5.12 -5.49
N THR A 895 10.31 6.39 -5.83
CA THR A 895 10.58 7.45 -4.84
C THR A 895 9.30 7.72 -4.04
N VAL A 896 8.14 7.68 -4.71
CA VAL A 896 6.85 7.98 -4.05
C VAL A 896 6.50 6.82 -3.13
N VAL A 897 6.71 5.60 -3.58
CA VAL A 897 6.41 4.42 -2.74
C VAL A 897 7.35 4.44 -1.55
N LYS A 898 8.60 4.81 -1.75
CA LYS A 898 9.57 4.92 -0.64
C LYS A 898 9.12 6.00 0.32
N ARG A 899 8.34 7.00 -0.12
CA ARG A 899 7.84 8.05 0.80
C ARG A 899 6.40 7.78 1.23
N LYS A 900 5.63 7.01 0.48
CA LYS A 900 4.32 6.53 0.97
C LYS A 900 4.56 5.56 2.12
N ARG A 901 5.67 4.85 2.10
CA ARG A 901 6.02 3.92 3.18
C ARG A 901 6.57 4.69 4.36
N TYR A 902 7.19 5.84 4.12
CA TYR A 902 7.74 6.64 5.23
C TYR A 902 6.60 7.26 6.01
N ILE A 903 5.55 7.69 5.32
CA ILE A 903 4.39 8.35 5.97
C ILE A 903 3.64 7.31 6.78
N ARG A 904 3.58 6.07 6.31
CA ARG A 904 2.80 5.03 7.01
C ARG A 904 3.51 4.73 8.34
N ARG A 905 4.83 4.77 8.38
CA ARG A 905 5.58 4.38 9.60
C ARG A 905 6.01 5.61 10.38
N TYR A 906 5.49 6.79 10.05
CA TYR A 906 5.89 8.07 10.67
C TYR A 906 5.51 8.08 12.15
N SER A 907 6.43 8.58 12.97
CA SER A 907 6.19 8.89 14.40
C SER A 907 6.72 10.29 14.66
N ARG A 908 6.09 11.01 15.56
CA ARG A 908 6.54 12.37 15.92
C ARG A 908 7.88 12.25 16.66
N LYS A 909 8.02 11.21 17.47
CA LYS A 909 9.19 10.96 18.33
C LYS A 909 9.62 9.53 18.07
N TYR A 910 10.83 9.34 17.58
CA TYR A 910 11.40 7.99 17.39
C TYR A 910 12.73 7.90 18.12
N ASP A 911 13.01 6.74 18.68
CA ASP A 911 14.29 6.45 19.37
C ASP A 911 15.04 5.37 18.62
N LEU A 912 14.43 4.20 18.49
CA LEU A 912 15.12 3.05 17.87
C LEU A 912 15.08 3.15 16.36
N ALA A 913 16.06 2.51 15.75
CA ALA A 913 16.15 2.36 14.30
C ALA A 913 15.01 1.41 13.95
N THR A 914 14.18 1.85 13.04
CA THR A 914 12.89 1.21 12.75
C THR A 914 13.05 0.28 11.55
N ASP A 915 11.95 -0.32 11.15
CA ASP A 915 11.85 -1.14 9.93
C ASP A 915 11.38 -0.26 8.77
N PHE A 916 10.84 -0.84 7.72
CA PHE A 916 10.02 -0.07 6.74
C PHE A 916 8.55 -0.23 7.10
N LYS A 917 8.20 -1.24 7.90
CA LYS A 917 6.82 -1.39 8.45
C LYS A 917 6.65 -0.55 9.71
N GLY A 918 7.74 -0.04 10.30
CA GLY A 918 7.70 0.77 11.51
C GLY A 918 8.09 -0.03 12.75
N ASN A 919 8.25 -1.33 12.63
CA ASN A 919 8.57 -2.20 13.78
C ASN A 919 10.01 -2.00 14.21
N THR A 920 10.30 -2.28 15.46
CA THR A 920 11.69 -2.17 15.96
C THR A 920 12.17 -3.54 16.47
N VAL A 921 11.40 -4.60 16.30
CA VAL A 921 11.75 -5.92 16.86
C VAL A 921 11.65 -6.96 15.73
N HIS A 922 12.59 -7.88 15.62
CA HIS A 922 12.46 -9.09 14.74
C HIS A 922 13.01 -10.32 15.47
N LEU A 923 12.42 -10.72 16.59
CA LEU A 923 12.91 -11.95 17.26
C LEU A 923 12.90 -13.15 16.31
N ASN A 924 14.04 -13.81 16.14
CA ASN A 924 14.18 -15.06 15.37
C ASN A 924 14.81 -16.14 16.24
N GLY A 925 14.58 -17.40 15.88
CA GLY A 925 14.93 -18.57 16.70
C GLY A 925 16.19 -19.23 16.18
N LEU A 926 17.26 -18.46 16.02
CA LEU A 926 18.49 -18.90 15.31
C LEU A 926 19.24 -19.89 16.20
N GLY A 927 19.00 -21.18 15.99
CA GLY A 927 19.66 -22.24 16.77
C GLY A 927 19.90 -23.49 15.94
N GLU A 928 20.96 -24.23 16.24
CA GLU A 928 21.27 -25.48 15.48
C GLU A 928 20.26 -26.57 15.90
N GLY A 929 20.28 -26.96 17.18
CA GLY A 929 19.41 -28.01 17.74
C GLY A 929 18.41 -27.44 18.72
N THR A 930 18.86 -26.55 19.59
CA THR A 930 18.00 -25.82 20.55
C THR A 930 18.11 -24.33 20.22
N GLN A 931 16.97 -23.70 20.04
CA GLN A 931 16.88 -22.37 19.41
C GLN A 931 17.06 -21.32 20.51
N ASP A 932 18.00 -20.40 20.31
CA ASP A 932 18.12 -19.20 21.16
C ASP A 932 17.53 -18.03 20.40
N ILE A 933 16.62 -17.31 21.05
CA ILE A 933 15.88 -16.21 20.38
C ILE A 933 16.83 -15.01 20.31
N GLN A 934 16.91 -14.38 19.16
CA GLN A 934 17.77 -13.20 18.96
C GLN A 934 17.01 -12.17 18.15
N ASP A 935 17.06 -10.91 18.55
CA ASP A 935 16.53 -9.82 17.72
C ASP A 935 17.37 -9.65 16.45
N LEU A 936 16.73 -9.61 15.30
CA LEU A 936 17.45 -9.48 14.02
C LEU A 936 17.61 -8.02 13.63
N TYR A 937 17.02 -7.05 14.32
CA TYR A 937 17.29 -5.62 14.03
C TYR A 937 18.38 -5.08 14.94
N GLY A 938 18.82 -5.88 15.91
CA GLY A 938 19.84 -5.50 16.90
C GLY A 938 19.42 -4.34 17.79
N ASN A 939 18.13 -4.08 17.93
CA ASN A 939 17.64 -3.01 18.81
C ASN A 939 17.36 -3.59 20.18
N TYR A 940 17.11 -4.89 20.28
CA TYR A 940 16.61 -5.47 21.53
C TYR A 940 17.55 -6.58 21.99
N SER A 941 17.56 -6.83 23.29
CA SER A 941 18.37 -7.88 23.92
C SER A 941 17.43 -8.90 24.54
N VAL A 942 17.48 -10.14 24.09
CA VAL A 942 16.50 -11.17 24.47
C VAL A 942 17.06 -12.09 25.53
N TYR A 943 16.44 -12.10 26.69
CA TYR A 943 16.69 -13.13 27.72
C TYR A 943 15.59 -14.16 27.58
N ALA A 944 15.91 -15.40 27.24
CA ALA A 944 14.92 -16.47 27.03
C ALA A 944 15.33 -17.64 27.88
N ASP A 945 14.58 -17.90 28.94
CA ASP A 945 14.85 -19.00 29.90
C ASP A 945 14.66 -20.31 29.17
N LYS A 946 15.75 -21.05 28.95
CA LYS A 946 15.77 -22.22 28.04
C LYS A 946 14.97 -23.40 28.58
N LYS A 947 14.66 -23.42 29.88
CA LYS A 947 13.92 -24.55 30.48
C LYS A 947 12.46 -24.52 30.03
N THR A 948 11.94 -23.36 29.66
CA THR A 948 10.52 -23.19 29.29
C THR A 948 10.36 -22.55 27.92
N VAL A 949 11.14 -21.54 27.59
CA VAL A 949 10.97 -20.86 26.29
C VAL A 949 11.59 -21.69 25.19
N SER A 950 10.76 -22.13 24.25
CA SER A 950 11.15 -22.87 23.04
C SER A 950 10.93 -21.99 21.81
N THR A 951 11.17 -22.54 20.65
CA THR A 951 10.89 -21.88 19.37
C THR A 951 10.60 -22.93 18.31
N GLN A 952 9.40 -22.90 17.76
CA GLN A 952 8.97 -23.95 16.80
C GLN A 952 8.70 -23.31 15.45
N GLU A 953 8.55 -24.15 14.43
CA GLU A 953 7.77 -23.80 13.22
C GLU A 953 6.30 -23.72 13.63
N GLY A 954 5.55 -22.82 13.00
CA GLY A 954 4.20 -22.52 13.50
C GLY A 954 3.46 -21.52 12.64
N HIS A 955 3.07 -20.41 13.24
CA HIS A 955 1.93 -19.56 12.85
C HIS A 955 2.13 -18.99 11.45
N PHE A 956 3.09 -18.10 11.27
CA PHE A 956 3.38 -17.50 9.97
C PHE A 956 4.71 -18.03 9.46
N ASP A 957 5.75 -17.94 10.28
CA ASP A 957 7.00 -18.72 10.11
C ASP A 957 7.28 -19.46 11.41
N GLN A 958 7.58 -18.72 12.47
CA GLN A 958 8.10 -19.30 13.73
C GLN A 958 7.43 -18.67 14.91
N THR A 959 7.18 -19.49 15.92
CA THR A 959 6.52 -19.07 17.15
C THR A 959 7.53 -19.13 18.28
N ILE A 960 7.20 -18.50 19.37
CA ILE A 960 7.94 -18.68 20.63
C ILE A 960 7.02 -19.41 21.56
N LYS A 961 7.17 -20.71 21.65
CA LYS A 961 6.38 -21.47 22.64
C LYS A 961 6.90 -21.11 24.04
N ILE A 962 5.99 -20.90 24.98
CA ILE A 962 6.33 -20.67 26.40
C ILE A 962 5.66 -21.74 27.22
N ALA A 963 6.40 -22.54 27.94
CA ALA A 963 5.83 -23.74 28.58
C ALA A 963 5.05 -23.38 29.84
N LYS A 964 4.31 -24.35 30.37
CA LYS A 964 3.58 -24.24 31.65
C LYS A 964 4.57 -23.91 32.78
N ASP A 965 4.04 -23.33 33.84
CA ASP A 965 4.63 -23.48 35.19
C ASP A 965 3.48 -23.42 36.17
N THR A 966 3.03 -24.56 36.64
CA THR A 966 1.89 -24.66 37.56
C THR A 966 2.35 -24.42 39.00
N ASN A 967 3.65 -24.28 39.25
CA ASN A 967 4.20 -24.17 40.63
C ASN A 967 4.46 -22.70 40.98
N THR A 968 5.31 -22.02 40.22
CA THR A 968 5.79 -20.67 40.57
C THR A 968 5.21 -19.66 39.59
N ILE A 969 4.35 -18.78 40.08
CA ILE A 969 3.67 -17.76 39.25
C ILE A 969 4.60 -16.58 39.06
N ASN A 970 4.32 -15.79 38.04
CA ASN A 970 4.98 -14.48 37.78
C ASN A 970 6.49 -14.64 37.64
N LYS A 971 6.93 -15.68 36.94
CA LYS A 971 8.37 -15.85 36.62
C LYS A 971 8.56 -15.37 35.19
N VAL A 972 9.43 -14.40 34.99
CA VAL A 972 9.75 -13.93 33.62
C VAL A 972 10.61 -15.00 32.97
N VAL A 973 10.20 -15.46 31.81
CA VAL A 973 10.98 -16.47 31.04
C VAL A 973 11.45 -15.91 29.72
N LEU A 974 10.80 -14.88 29.20
CA LEU A 974 11.27 -14.18 27.99
C LEU A 974 11.22 -12.70 28.30
N ALA A 975 12.31 -11.98 28.08
CA ALA A 975 12.39 -10.55 28.41
C ALA A 975 13.16 -9.84 27.29
N VAL A 976 12.44 -9.12 26.45
CA VAL A 976 13.01 -8.49 25.24
C VAL A 976 13.20 -7.01 25.52
N SER A 977 14.37 -6.64 25.96
CA SER A 977 14.64 -5.28 26.48
C SER A 977 15.33 -4.45 25.41
N SER A 978 15.01 -3.18 25.38
CA SER A 978 15.70 -2.14 24.59
C SER A 978 16.46 -1.22 25.54
N ASN A 979 16.64 -1.62 26.80
CA ASN A 979 17.33 -0.78 27.81
C ASN A 979 18.84 -1.11 27.77
N ASN A 980 19.65 -0.18 27.29
CA ASN A 980 21.12 -0.32 27.31
C ASN A 980 21.64 -0.07 28.73
N GLY A 981 21.25 1.07 29.28
CA GLY A 981 21.81 1.62 30.52
C GLY A 981 22.36 2.99 30.26
N LYS A 982 21.95 3.59 29.16
CA LYS A 982 22.27 5.00 28.88
C LYS A 982 21.21 5.92 29.48
N GLU A 983 21.41 7.21 29.31
CA GLU A 983 20.45 8.23 29.76
C GLU A 983 19.70 8.72 28.52
N TYR A 984 18.41 8.42 28.47
CA TYR A 984 17.56 8.84 27.34
C TYR A 984 16.73 10.05 27.75
N ALA A 985 16.17 10.72 26.74
CA ALA A 985 15.27 11.86 26.92
C ALA A 985 13.93 11.33 27.45
N LEU A 986 13.66 11.56 28.72
CA LEU A 986 12.39 11.13 29.32
C LEU A 986 11.31 12.18 29.03
N ASN A 987 10.10 11.70 28.80
CA ASN A 987 8.95 12.59 28.54
C ASN A 987 7.68 11.88 29.00
N LYS A 988 6.68 12.65 29.41
CA LYS A 988 5.33 12.08 29.64
C LYS A 988 4.59 12.00 28.31
N ASP A 989 4.98 12.82 27.33
CA ASP A 989 4.30 12.89 26.01
C ASP A 989 4.83 11.79 25.11
N GLU A 990 4.96 10.56 25.61
CA GLU A 990 5.52 9.45 24.81
C GLU A 990 4.38 8.52 24.44
N GLN A 991 4.23 8.28 23.17
CA GLN A 991 3.29 7.26 22.68
C GLN A 991 4.11 6.11 22.12
N TYR A 992 3.50 4.95 22.10
CA TYR A 992 4.08 3.78 21.45
C TYR A 992 2.96 2.81 21.12
N THR A 993 3.30 1.65 20.61
CA THR A 993 2.31 0.62 20.26
C THR A 993 2.99 -0.72 20.36
N ILE A 994 2.66 -1.48 21.38
CA ILE A 994 3.20 -2.84 21.51
C ILE A 994 2.17 -3.78 20.95
N SER A 995 2.60 -4.89 20.40
CA SER A 995 1.73 -5.77 19.59
C SER A 995 2.34 -7.14 19.51
N PHE A 996 1.56 -8.16 19.74
CA PHE A 996 2.07 -9.53 19.62
C PHE A 996 0.93 -10.46 19.33
N TRP A 997 1.17 -11.51 18.57
CA TRP A 997 0.19 -12.57 18.42
C TRP A 997 0.30 -13.52 19.60
N LEU A 998 -0.79 -14.13 19.95
CA LEU A 998 -0.87 -14.99 21.16
C LEU A 998 -1.81 -16.15 20.84
N ARG A 999 -1.34 -17.37 20.93
CA ARG A 999 -2.23 -18.53 20.88
C ARG A 999 -2.17 -19.17 22.25
N MET A 1000 -3.30 -19.22 22.91
CA MET A 1000 -3.35 -19.84 24.25
C MET A 1000 -4.51 -20.83 24.25
N PRO A 1001 -4.31 -22.05 24.75
CA PRO A 1001 -5.43 -22.94 24.93
C PRO A 1001 -6.35 -22.45 26.06
N VAL A 1002 -7.42 -23.17 26.32
CA VAL A 1002 -8.39 -22.76 27.37
C VAL A 1002 -7.68 -22.92 28.71
N PRO A 1003 -7.57 -21.85 29.54
CA PRO A 1003 -7.18 -22.01 30.92
C PRO A 1003 -8.35 -22.27 31.86
N SER A 1004 -8.31 -23.40 32.54
CA SER A 1004 -9.37 -23.79 33.49
C SER A 1004 -9.23 -23.05 34.83
N SER A 1005 -8.07 -22.51 35.15
CA SER A 1005 -7.78 -22.06 36.53
C SER A 1005 -7.68 -20.54 36.59
N SER A 1006 -8.22 -19.95 37.65
CA SER A 1006 -8.13 -18.49 37.90
C SER A 1006 -6.99 -18.22 38.90
N GLU A 1007 -5.74 -18.48 38.51
CA GLU A 1007 -4.58 -18.46 39.45
C GLU A 1007 -4.10 -17.02 39.69
N GLU A 1008 -4.71 -16.01 39.08
CA GLU A 1008 -4.38 -14.60 39.32
C GLU A 1008 -2.90 -14.37 38.99
N ARG A 1009 -2.40 -15.08 38.01
CA ARG A 1009 -1.01 -14.93 37.57
C ARG A 1009 -0.91 -13.71 36.67
N ARG A 1010 0.13 -13.67 35.89
CA ARG A 1010 0.44 -12.59 34.95
C ARG A 1010 0.90 -13.21 33.66
N ILE A 1011 0.61 -12.57 32.54
CA ILE A 1011 0.93 -13.12 31.20
C ILE A 1011 2.09 -12.33 30.64
N PHE A 1012 2.03 -11.03 30.77
CA PHE A 1012 2.89 -10.17 29.95
C PHE A 1012 2.93 -8.80 30.62
N SER A 1013 4.07 -8.16 30.59
CA SER A 1013 4.22 -6.83 31.18
C SER A 1013 5.20 -6.06 30.31
N TYR A 1014 4.77 -4.95 29.75
CA TYR A 1014 5.74 -3.98 29.21
C TYR A 1014 6.20 -3.06 30.33
N SER A 1015 7.45 -2.65 30.29
CA SER A 1015 8.07 -1.79 31.33
C SER A 1015 8.99 -0.80 30.63
N ALA A 1016 8.61 0.46 30.54
CA ALA A 1016 9.40 1.46 29.80
C ALA A 1016 10.46 2.08 30.71
N VAL A 1017 11.48 2.61 30.10
CA VAL A 1017 12.65 3.16 30.83
C VAL A 1017 12.28 4.51 31.43
N SER A 1018 12.38 4.63 32.74
CA SER A 1018 12.03 5.87 33.46
C SER A 1018 13.28 6.60 33.95
N GLY A 1019 14.48 6.19 33.52
CA GLY A 1019 15.73 6.80 34.01
C GLY A 1019 16.97 6.14 33.45
N VAL A 1020 17.96 5.90 34.28
CA VAL A 1020 19.21 5.23 33.84
C VAL A 1020 19.29 3.90 34.59
N ASN A 1021 19.12 2.80 33.85
CA ASN A 1021 18.93 1.44 34.42
C ASN A 1021 17.76 1.46 35.41
N LYS A 1022 16.70 2.16 35.06
CA LYS A 1022 15.44 2.19 35.82
C LYS A 1022 14.30 1.98 34.83
N GLU A 1023 13.27 1.29 35.27
CA GLU A 1023 12.12 0.96 34.41
C GLU A 1023 10.87 0.90 35.27
N VAL A 1024 9.84 1.61 34.82
CA VAL A 1024 8.51 1.58 35.47
C VAL A 1024 7.62 0.68 34.62
N GLU A 1025 6.90 -0.23 35.29
CA GLU A 1025 5.90 -1.10 34.62
C GLU A 1025 4.82 -0.21 34.06
N GLU A 1026 4.34 -0.53 32.88
CA GLU A 1026 3.40 0.38 32.23
C GLU A 1026 2.11 -0.35 31.82
N LEU A 1027 2.21 -1.55 31.29
CA LEU A 1027 1.06 -2.29 30.70
C LEU A 1027 1.19 -3.73 31.15
N ILE A 1028 0.38 -4.15 32.10
CA ILE A 1028 0.42 -5.53 32.65
C ILE A 1028 -0.81 -6.30 32.23
N LEU A 1029 -0.63 -7.32 31.40
CA LEU A 1029 -1.73 -8.27 31.07
C LEU A 1029 -1.67 -9.42 32.07
N GLN A 1030 -2.78 -9.69 32.72
CA GLN A 1030 -2.82 -10.67 33.80
C GLN A 1030 -4.22 -11.25 33.96
N VAL A 1031 -4.33 -12.21 34.85
CA VAL A 1031 -5.63 -12.75 35.30
C VAL A 1031 -5.99 -12.09 36.62
N LYS A 1032 -7.10 -11.37 36.66
CA LYS A 1032 -7.34 -10.50 37.83
C LYS A 1032 -8.58 -10.99 38.57
N ASN A 1033 -9.73 -11.05 37.95
CA ASN A 1033 -10.92 -11.63 38.61
C ASN A 1033 -11.62 -12.50 37.57
N ASN A 1034 -11.16 -13.72 37.41
CA ASN A 1034 -11.73 -14.72 36.49
C ASN A 1034 -11.80 -14.20 35.05
N GLU A 1035 -11.02 -13.18 34.70
CA GLU A 1035 -11.01 -12.58 33.35
C GLU A 1035 -9.64 -11.98 33.08
N PHE A 1036 -9.17 -11.98 31.84
CA PHE A 1036 -7.88 -11.36 31.49
C PHE A 1036 -8.06 -9.87 31.57
N VAL A 1037 -7.16 -9.22 32.26
CA VAL A 1037 -7.21 -7.76 32.50
C VAL A 1037 -5.91 -7.14 32.08
N LEU A 1038 -5.94 -6.13 31.21
CA LEU A 1038 -4.75 -5.31 30.93
C LEU A 1038 -4.68 -4.18 31.96
N ALA A 1039 -4.03 -4.40 33.10
CA ALA A 1039 -3.89 -3.35 34.11
C ALA A 1039 -2.89 -2.30 33.62
N THR A 1040 -2.75 -1.25 34.38
CA THR A 1040 -1.88 -0.13 34.02
C THR A 1040 -1.17 0.36 35.27
N ALA A 1041 0.12 0.65 35.18
CA ALA A 1041 0.93 0.96 36.37
C ALA A 1041 1.65 2.29 36.22
N ASN A 1042 1.48 3.02 35.12
CA ASN A 1042 2.20 4.31 34.97
C ASN A 1042 1.23 5.40 34.54
N LEU A 1043 0.05 5.42 35.14
CA LEU A 1043 -0.89 6.54 34.95
C LEU A 1043 -1.00 7.24 36.29
N LEU A 1044 -1.60 8.42 36.29
CA LEU A 1044 -1.83 9.14 37.55
C LEU A 1044 -2.97 8.47 38.34
N ARG A 1045 -3.88 7.77 37.69
CA ARG A 1045 -4.99 7.08 38.39
C ARG A 1045 -4.93 5.56 38.19
N ASN A 1046 -4.39 5.07 37.08
CA ASN A 1046 -4.08 3.62 36.89
C ASN A 1046 -5.38 2.81 36.87
N SER A 1047 -6.20 3.03 35.86
CA SER A 1047 -7.36 2.17 35.55
C SER A 1047 -6.91 0.81 35.02
N GLU A 1048 -7.81 -0.17 35.03
CA GLU A 1048 -7.61 -1.47 34.33
C GLU A 1048 -8.44 -1.51 33.05
N PHE A 1049 -8.40 -2.63 32.38
CA PHE A 1049 -9.20 -2.86 31.17
C PHE A 1049 -9.43 -4.34 31.02
N VAL A 1050 -10.66 -4.78 31.21
CA VAL A 1050 -10.94 -6.23 31.21
C VAL A 1050 -11.06 -6.67 29.76
N ILE A 1051 -10.29 -7.67 29.38
CA ILE A 1051 -10.39 -8.32 28.05
C ILE A 1051 -11.61 -9.23 28.10
N GLU A 1052 -12.74 -8.72 27.64
CA GLU A 1052 -14.05 -9.43 27.66
C GLU A 1052 -14.07 -10.52 26.60
N PRO A 1053 -13.66 -10.26 25.35
CA PRO A 1053 -13.65 -11.29 24.32
C PRO A 1053 -12.74 -12.44 24.75
N ARG A 1054 -13.22 -13.68 24.66
CA ARG A 1054 -12.41 -14.86 25.06
C ARG A 1054 -11.20 -14.99 24.11
N ILE A 1055 -10.01 -14.59 24.56
CA ILE A 1055 -8.78 -14.61 23.72
C ILE A 1055 -8.04 -15.92 23.86
N ALA A 1056 -8.39 -16.75 24.84
CA ALA A 1056 -7.62 -17.97 25.09
C ALA A 1056 -8.50 -19.14 24.71
N LEU A 1057 -8.69 -19.38 23.43
CA LEU A 1057 -9.53 -20.53 23.00
C LEU A 1057 -8.82 -21.28 21.88
N ASN A 1058 -7.52 -21.50 22.05
CA ASN A 1058 -6.62 -22.18 21.08
C ASN A 1058 -6.60 -21.45 19.74
N ARG A 1059 -7.00 -20.20 19.66
CA ARG A 1059 -6.97 -19.52 18.36
C ARG A 1059 -5.95 -18.39 18.37
N TRP A 1060 -5.35 -18.13 17.23
CA TRP A 1060 -4.30 -17.11 17.17
C TRP A 1060 -4.95 -15.73 17.20
N VAL A 1061 -4.89 -15.04 18.33
CA VAL A 1061 -5.36 -13.63 18.42
C VAL A 1061 -4.18 -12.71 18.29
N LYS A 1062 -4.45 -11.48 17.91
CA LYS A 1062 -3.40 -10.45 17.86
C LYS A 1062 -3.76 -9.33 18.81
N ILE A 1063 -2.95 -9.15 19.83
CA ILE A 1063 -3.20 -8.13 20.86
C ILE A 1063 -2.37 -6.91 20.54
N THR A 1064 -3.01 -5.82 20.18
CA THR A 1064 -2.30 -4.54 19.94
C THR A 1064 -2.70 -3.57 21.02
N ILE A 1065 -1.74 -2.93 21.68
CA ILE A 1065 -2.02 -1.94 22.75
C ILE A 1065 -1.39 -0.63 22.36
N VAL A 1066 -2.17 0.30 21.82
CA VAL A 1066 -1.67 1.66 21.53
C VAL A 1066 -1.68 2.46 22.81
N ASN A 1067 -0.51 2.65 23.40
CA ASN A 1067 -0.35 3.49 24.59
C ASN A 1067 -0.03 4.90 24.15
N GLU A 1068 -1.02 5.74 24.02
CA GLU A 1068 -0.79 7.20 23.88
C GLU A 1068 -0.49 7.76 25.27
N ASN A 1069 -0.46 9.06 25.42
CA ASN A 1069 -0.16 9.63 26.75
C ASN A 1069 -1.39 9.40 27.63
N THR A 1070 -2.52 9.91 27.16
CA THR A 1070 -3.78 9.97 27.91
C THR A 1070 -4.59 8.71 27.65
N ARG A 1071 -4.71 8.30 26.39
CA ARG A 1071 -5.52 7.11 26.01
C ARG A 1071 -4.63 5.89 25.88
N ILE A 1072 -5.14 4.74 26.26
CA ILE A 1072 -4.51 3.45 25.96
C ILE A 1072 -5.54 2.57 25.27
N LYS A 1073 -5.47 2.51 23.96
CA LYS A 1073 -6.42 1.69 23.17
C LYS A 1073 -5.91 0.27 23.06
N VAL A 1074 -6.80 -0.67 23.23
CA VAL A 1074 -6.51 -2.11 23.12
C VAL A 1074 -7.21 -2.62 21.87
N TYR A 1075 -6.57 -3.46 21.09
CA TYR A 1075 -7.21 -4.05 19.90
C TYR A 1075 -7.07 -5.58 19.96
N GLN A 1076 -8.13 -6.32 19.66
CA GLN A 1076 -8.04 -7.79 19.46
C GLN A 1076 -8.18 -8.01 17.98
N ASN A 1077 -7.15 -8.52 17.33
CA ASN A 1077 -7.12 -8.68 15.87
C ASN A 1077 -7.21 -7.27 15.29
N ASP A 1078 -8.36 -6.87 14.78
CA ASP A 1078 -8.46 -5.57 14.11
C ASP A 1078 -9.56 -4.72 14.75
N ASN A 1079 -10.26 -5.22 15.76
CA ASN A 1079 -11.40 -4.45 16.32
C ASN A 1079 -11.00 -3.91 17.68
N LEU A 1080 -11.30 -2.63 17.90
CA LEU A 1080 -11.00 -1.89 19.14
C LEU A 1080 -11.82 -2.47 20.26
N LEU A 1081 -11.17 -3.09 21.23
CA LEU A 1081 -11.88 -3.65 22.39
C LEU A 1081 -12.28 -2.52 23.34
N GLY A 1082 -11.53 -1.43 23.39
CA GLY A 1082 -11.86 -0.35 24.31
C GLY A 1082 -10.70 0.54 24.60
N LEU A 1083 -10.86 1.45 25.56
CA LEU A 1083 -9.87 2.50 25.89
C LEU A 1083 -9.59 2.46 27.38
N ILE A 1084 -8.45 3.01 27.75
CA ILE A 1084 -8.23 3.52 29.12
C ILE A 1084 -7.95 5.00 28.96
N LYS A 1085 -8.93 5.85 29.24
CA LYS A 1085 -8.80 7.29 28.96
C LYS A 1085 -8.86 8.06 30.28
N ASP A 1086 -8.88 9.38 30.18
CA ASP A 1086 -9.18 10.33 31.29
C ASP A 1086 -8.11 10.27 32.39
N SER A 1087 -6.88 9.92 32.03
CA SER A 1087 -5.72 9.94 32.96
C SER A 1087 -4.44 10.01 32.12
N SER A 1088 -3.45 10.73 32.60
CA SER A 1088 -2.18 10.95 31.87
C SER A 1088 -1.09 10.08 32.49
N ARG A 1089 0.08 10.13 31.89
CA ARG A 1089 1.26 9.36 32.34
C ARG A 1089 1.86 10.04 33.58
N LYS A 1090 2.16 9.24 34.60
CA LYS A 1090 2.68 9.72 35.89
C LYS A 1090 4.18 10.02 35.75
N LYS A 1091 4.99 8.99 35.57
CA LYS A 1091 6.46 9.10 35.48
C LYS A 1091 6.85 9.27 34.03
N PRO A 1092 7.73 10.21 33.66
CA PRO A 1092 8.17 10.34 32.29
C PRO A 1092 8.97 9.11 31.88
N ILE A 1093 8.73 8.64 30.67
CA ILE A 1093 9.43 7.43 30.14
C ILE A 1093 10.16 7.77 28.85
N ALA A 1094 10.91 6.81 28.35
CA ALA A 1094 11.55 6.87 27.03
C ALA A 1094 10.95 5.77 26.15
N GLN A 1095 11.30 5.76 24.87
CA GLN A 1095 10.81 4.72 23.95
C GLN A 1095 11.72 3.47 23.97
N ARG A 1096 12.35 3.18 25.09
CA ARG A 1096 13.05 1.91 25.30
C ARG A 1096 12.33 1.16 26.42
N GLY A 1097 12.38 -0.16 26.41
CA GLY A 1097 11.71 -0.90 27.47
C GLY A 1097 11.73 -2.38 27.26
N THR A 1098 11.25 -3.10 28.26
CA THR A 1098 11.31 -4.56 28.33
C THR A 1098 9.92 -5.15 28.06
N PHE A 1099 9.91 -6.34 27.51
CA PHE A 1099 8.69 -7.04 27.08
C PHE A 1099 8.61 -8.33 27.88
N LYS A 1100 8.52 -8.24 29.18
CA LYS A 1100 8.57 -9.44 30.05
C LYS A 1100 7.37 -10.34 29.81
N PHE A 1101 7.54 -11.47 29.14
CA PHE A 1101 6.50 -12.52 29.03
C PHE A 1101 6.72 -13.54 30.11
N TYR A 1102 5.67 -13.83 30.86
CA TYR A 1102 5.73 -14.65 32.08
C TYR A 1102 5.29 -16.06 31.79
N ASN A 1103 5.54 -16.90 32.76
CA ASN A 1103 5.04 -18.29 32.71
C ASN A 1103 3.54 -18.25 33.00
N TYR A 1104 2.80 -19.11 32.30
CA TYR A 1104 1.37 -19.28 32.60
C TYR A 1104 1.14 -20.75 32.87
N ASN A 1105 -0.06 -21.12 33.30
CA ASN A 1105 -0.36 -22.53 33.65
C ASN A 1105 -0.90 -23.26 32.45
N VAL A 1106 -0.76 -22.69 31.24
CA VAL A 1106 -0.88 -23.47 29.98
C VAL A 1106 0.26 -23.08 29.04
N ASP A 1107 0.58 -23.98 28.14
CA ASP A 1107 1.64 -23.74 27.13
C ASP A 1107 1.09 -22.76 26.11
N TYR A 1108 1.37 -21.48 26.25
CA TYR A 1108 0.98 -20.52 25.20
C TYR A 1108 2.10 -20.23 24.23
N GLN A 1109 1.79 -19.60 23.12
CA GLN A 1109 2.77 -19.27 22.07
C GLN A 1109 2.72 -17.79 21.74
N LEU A 1110 3.75 -17.30 21.08
CA LEU A 1110 3.79 -15.88 20.66
C LEU A 1110 4.43 -15.79 19.30
N ASP A 1111 4.27 -14.64 18.69
CA ASP A 1111 4.67 -14.45 17.28
C ASP A 1111 4.52 -12.99 16.93
N ASP A 1112 5.45 -12.48 16.18
CA ASP A 1112 5.50 -11.06 15.76
C ASP A 1112 5.35 -10.14 16.96
N ILE A 1113 6.14 -10.32 18.02
CA ILE A 1113 6.14 -9.35 19.15
C ILE A 1113 6.74 -8.07 18.56
N SER A 1114 6.00 -6.96 18.57
CA SER A 1114 6.47 -5.75 17.89
C SER A 1114 6.39 -4.53 18.78
N TYR A 1115 7.10 -3.46 18.43
CA TYR A 1115 7.05 -2.19 19.18
C TYR A 1115 7.21 -1.08 18.16
N TYR A 1116 6.27 -0.15 18.12
CA TYR A 1116 6.26 0.97 17.15
C TYR A 1116 6.48 2.25 17.94
N ASN A 1117 7.20 3.18 17.35
CA ASN A 1117 7.66 4.36 18.10
C ASN A 1117 6.52 5.34 18.37
N GLY A 1118 5.39 5.22 17.70
CA GLY A 1118 4.26 6.15 17.89
C GLY A 1118 2.95 5.42 17.85
N THR A 1119 1.85 6.14 17.68
CA THR A 1119 0.51 5.50 17.66
C THR A 1119 0.30 4.82 16.34
N ILE A 1120 -0.55 3.81 16.33
CA ILE A 1120 -1.03 3.19 15.06
C ILE A 1120 -2.53 3.40 14.98
N SER A 1121 -2.99 3.89 13.84
CA SER A 1121 -4.43 4.12 13.53
C SER A 1121 -5.19 2.79 13.56
N GLN A 1122 -6.50 2.85 13.72
CA GLN A 1122 -7.33 1.64 13.53
C GLN A 1122 -7.33 1.28 12.06
N ARG A 1123 -7.19 2.27 11.18
CA ARG A 1123 -7.07 2.04 9.73
C ARG A 1123 -5.80 1.24 9.48
N ASP A 1124 -4.71 1.61 10.13
CA ASP A 1124 -3.39 0.98 9.89
C ASP A 1124 -3.28 -0.31 10.68
N ILE A 1125 -4.04 -0.48 11.75
CA ILE A 1125 -4.04 -1.77 12.48
C ILE A 1125 -4.80 -2.80 11.63
N LYS A 1126 -5.86 -2.38 10.96
CA LYS A 1126 -6.63 -3.29 10.06
C LYS A 1126 -5.75 -3.66 8.86
N TYR A 1127 -5.00 -2.71 8.31
CA TYR A 1127 -4.17 -2.99 7.11
C TYR A 1127 -3.03 -3.92 7.49
N THR A 1128 -2.42 -3.70 8.65
CA THR A 1128 -1.30 -4.53 9.14
C THR A 1128 -1.81 -5.94 9.41
N PHE A 1129 -3.01 -6.05 9.97
CA PHE A 1129 -3.59 -7.35 10.35
C PHE A 1129 -3.88 -8.16 9.08
N LYS A 1130 -4.38 -7.56 8.01
CA LYS A 1130 -4.71 -8.31 6.78
C LYS A 1130 -3.40 -8.71 6.10
N GLU A 1131 -2.39 -7.87 6.12
CA GLU A 1131 -1.13 -8.15 5.38
C GLU A 1131 -0.24 -9.09 6.21
N ASP A 1132 -0.47 -9.23 7.51
CA ASP A 1132 0.29 -10.19 8.33
C ASP A 1132 -0.03 -11.62 7.91
N HIS A 1133 -1.24 -11.84 7.39
CA HIS A 1133 -1.73 -13.18 7.06
C HIS A 1133 -1.15 -13.64 5.72
N GLY A 1134 -0.78 -12.67 4.88
CA GLY A 1134 -0.06 -12.96 3.62
C GLY A 1134 -0.99 -13.53 2.59
N GLN A 1135 -0.59 -14.62 1.95
CA GLN A 1135 -1.34 -15.17 0.81
C GLN A 1135 -1.81 -16.55 1.18
N PHE A 1136 -1.96 -16.85 2.44
CA PHE A 1136 -2.36 -18.21 2.87
C PHE A 1136 -3.83 -18.24 3.25
N VAL A 1137 -4.38 -19.41 3.16
CA VAL A 1137 -5.72 -19.71 3.68
C VAL A 1137 -5.50 -20.40 5.02
N TYR A 1138 -6.27 -20.03 6.02
CA TYR A 1138 -5.92 -20.43 7.40
C TYR A 1138 -6.96 -21.38 7.94
N ASP A 1139 -6.54 -22.10 8.96
CA ASP A 1139 -7.44 -22.90 9.80
C ASP A 1139 -8.33 -21.95 10.62
N HIS A 1140 -9.20 -22.55 11.38
CA HIS A 1140 -9.88 -21.82 12.44
C HIS A 1140 -8.86 -21.41 13.51
N TRP A 1141 -7.90 -22.28 13.80
CA TRP A 1141 -6.94 -21.99 14.89
C TRP A 1141 -6.00 -20.86 14.49
N GLY A 1142 -5.95 -20.51 13.21
CA GLY A 1142 -5.17 -19.36 12.75
C GLY A 1142 -3.90 -19.82 12.10
N GLU A 1143 -3.77 -21.13 11.92
CA GLU A 1143 -2.58 -21.74 11.28
C GLU A 1143 -2.89 -22.00 9.83
N ARG A 1144 -1.88 -21.90 8.98
CA ARG A 1144 -2.09 -21.98 7.51
C ARG A 1144 -2.66 -23.37 7.19
N LEU A 1145 -3.49 -23.44 6.16
CA LEU A 1145 -4.15 -24.70 5.78
C LEU A 1145 -3.08 -25.56 5.16
N GLN A 1146 -3.29 -26.86 5.12
CA GLN A 1146 -2.29 -27.77 4.56
C GLN A 1146 -3.00 -28.80 3.71
N TYR A 1147 -2.40 -29.17 2.60
CA TYR A 1147 -2.91 -30.32 1.85
C TYR A 1147 -2.69 -31.58 2.65
N ASN A 1148 -3.41 -32.60 2.29
CA ASN A 1148 -3.30 -33.95 2.89
C ASN A 1148 -3.42 -33.88 4.43
N LYS A 1149 -4.21 -32.93 4.95
CA LYS A 1149 -4.43 -32.79 6.39
C LYS A 1149 -5.90 -32.95 6.69
N ALA A 1150 -6.21 -33.73 7.73
CA ALA A 1150 -7.59 -34.05 8.17
C ALA A 1150 -8.21 -32.78 8.76
N TYR A 1151 -9.21 -32.28 8.07
CA TYR A 1151 -9.89 -31.00 8.39
C TYR A 1151 -11.36 -31.25 8.66
N TYR A 1152 -11.85 -30.86 9.83
CA TYR A 1152 -13.30 -30.77 10.01
C TYR A 1152 -13.78 -29.56 9.24
N LEU A 1153 -14.67 -29.76 8.28
CA LEU A 1153 -15.26 -28.65 7.49
C LEU A 1153 -16.56 -28.25 8.19
N LEU A 1154 -16.61 -27.00 8.65
CA LEU A 1154 -17.76 -26.45 9.39
C LEU A 1154 -18.24 -25.18 8.72
N SER A 1155 -19.32 -24.60 9.24
CA SER A 1155 -20.13 -23.60 8.51
C SER A 1155 -19.91 -22.17 8.98
N ASP A 1156 -19.17 -21.93 10.07
CA ASP A 1156 -18.80 -20.61 10.62
C ASP A 1156 -19.99 -19.82 11.18
N ASP A 1157 -21.23 -20.26 11.04
CA ASP A 1157 -22.37 -19.48 11.57
C ASP A 1157 -23.10 -20.32 12.61
N ASN A 1158 -23.51 -21.50 12.24
CA ASN A 1158 -23.98 -22.50 13.21
C ASN A 1158 -22.81 -23.35 13.72
N LYS A 1159 -21.68 -23.36 13.00
CA LYS A 1159 -20.64 -24.42 13.09
C LYS A 1159 -21.36 -25.75 12.89
N SER A 1160 -21.93 -25.97 11.73
CA SER A 1160 -22.65 -27.22 11.37
C SER A 1160 -21.84 -27.96 10.31
N ALA A 1161 -21.82 -29.28 10.40
CA ALA A 1161 -20.89 -30.10 9.62
C ALA A 1161 -21.65 -31.13 8.80
N PHE A 1162 -21.02 -31.58 7.72
CA PHE A 1162 -21.64 -32.49 6.75
C PHE A 1162 -21.82 -33.85 7.37
N GLU A 1163 -22.70 -34.61 6.76
CA GLU A 1163 -23.07 -35.95 7.25
C GLU A 1163 -23.77 -36.65 6.10
N THR A 1164 -23.46 -37.91 5.87
CA THR A 1164 -24.11 -38.67 4.80
C THR A 1164 -25.52 -39.04 5.24
N VAL A 1165 -26.44 -38.97 4.28
CA VAL A 1165 -27.82 -39.48 4.45
C VAL A 1165 -27.73 -41.02 4.57
N TYR A 1166 -28.64 -41.57 5.37
CA TYR A 1166 -28.62 -42.87 6.09
C TYR A 1166 -27.69 -43.93 5.47
N GLU A 1167 -27.87 -44.29 4.21
CA GLU A 1167 -27.01 -45.33 3.57
C GLU A 1167 -26.33 -44.80 2.30
N THR A 1168 -26.90 -43.79 1.66
CA THR A 1168 -26.41 -43.24 0.38
C THR A 1168 -25.22 -42.31 0.61
N LYS A 1169 -24.78 -41.67 -0.46
CA LYS A 1169 -23.56 -40.82 -0.41
C LYS A 1169 -23.95 -39.36 -0.57
N ARG A 1170 -25.19 -39.02 -0.27
CA ARG A 1170 -25.63 -37.61 -0.33
C ARG A 1170 -25.38 -36.98 1.03
N LEU A 1171 -25.05 -35.71 1.03
CA LEU A 1171 -24.63 -35.01 2.25
C LEU A 1171 -25.76 -34.19 2.84
N LYS A 1172 -25.80 -34.13 4.15
CA LYS A 1172 -26.76 -33.35 4.95
C LYS A 1172 -25.96 -32.60 5.99
N LEU A 1173 -26.07 -31.29 6.00
CA LEU A 1173 -25.34 -30.42 6.96
C LEU A 1173 -26.00 -30.53 8.33
N LYS A 1174 -25.31 -31.09 9.32
CA LYS A 1174 -25.82 -31.33 10.69
C LYS A 1174 -25.08 -30.45 11.68
N SER A 1175 -25.73 -30.02 12.76
CA SER A 1175 -25.13 -29.03 13.70
C SER A 1175 -24.19 -29.72 14.69
N VAL A 1176 -23.07 -29.06 14.98
CA VAL A 1176 -22.00 -29.59 15.85
C VAL A 1176 -22.18 -28.99 17.22
N PRO A 1177 -22.30 -29.84 18.28
CA PRO A 1177 -22.63 -29.35 19.60
C PRO A 1177 -21.50 -28.56 20.24
N GLY A 1178 -21.87 -27.61 21.09
CA GLY A 1178 -20.93 -26.73 21.80
C GLY A 1178 -20.16 -27.48 22.87
N VAL A 1179 -19.23 -26.76 23.51
CA VAL A 1179 -18.35 -27.36 24.55
C VAL A 1179 -18.59 -26.61 25.84
N ASP A 1180 -18.92 -27.33 26.90
CA ASP A 1180 -18.92 -26.77 28.27
C ASP A 1180 -17.48 -26.75 28.77
N ILE A 1181 -16.83 -25.59 28.70
CA ILE A 1181 -15.46 -25.41 29.25
C ILE A 1181 -15.56 -24.71 30.60
N LYS A 1182 -14.41 -24.60 31.26
CA LYS A 1182 -14.19 -23.61 32.32
C LYS A 1182 -13.11 -22.68 31.81
N TYR A 1183 -13.44 -21.42 31.69
CA TYR A 1183 -12.48 -20.40 31.23
C TYR A 1183 -12.21 -19.44 32.39
N LEU A 1184 -11.02 -19.57 32.95
CA LEU A 1184 -10.55 -18.80 34.12
C LEU A 1184 -11.52 -19.00 35.25
N GLY A 1185 -11.90 -20.26 35.51
CA GLY A 1185 -12.67 -20.64 36.69
C GLY A 1185 -14.15 -20.48 36.49
N MET A 1186 -14.56 -19.86 35.37
CA MET A 1186 -16.00 -19.63 35.09
C MET A 1186 -16.59 -20.85 34.36
N ASN A 1187 -17.78 -20.72 33.77
CA ASN A 1187 -18.47 -21.86 33.13
C ASN A 1187 -18.89 -21.44 31.74
N ASP A 1188 -17.93 -21.07 30.91
CA ASP A 1188 -18.22 -20.64 29.53
C ASP A 1188 -18.70 -21.82 28.66
N ARG A 1189 -19.43 -21.49 27.61
CA ARG A 1189 -20.01 -22.46 26.64
C ARG A 1189 -19.59 -21.97 25.27
N VAL A 1190 -18.68 -22.68 24.64
CA VAL A 1190 -17.98 -22.17 23.44
C VAL A 1190 -18.31 -23.12 22.28
N TYR A 1191 -17.89 -22.71 21.09
CA TYR A 1191 -18.26 -23.43 19.86
C TYR A 1191 -17.54 -24.76 19.81
N GLY A 1192 -18.27 -25.82 19.50
CA GLY A 1192 -17.68 -27.14 19.24
C GLY A 1192 -17.27 -27.24 17.80
N TYR A 1193 -16.20 -27.96 17.51
CA TYR A 1193 -15.69 -28.06 16.13
C TYR A 1193 -15.47 -29.51 15.67
N TYR A 1194 -15.44 -30.50 16.55
CA TYR A 1194 -15.14 -31.90 16.15
C TYR A 1194 -16.44 -32.61 15.88
N GLY A 1195 -17.02 -32.36 14.72
CA GLY A 1195 -18.26 -33.03 14.32
C GLY A 1195 -18.27 -33.33 12.86
N GLY A 1196 -18.95 -34.41 12.49
CA GLY A 1196 -19.32 -34.65 11.09
C GLY A 1196 -18.17 -35.19 10.28
N LEU A 1197 -18.17 -34.89 8.99
CA LEU A 1197 -17.20 -35.50 8.04
C LEU A 1197 -15.93 -34.66 8.01
N GLN A 1198 -14.80 -35.35 7.89
CA GLN A 1198 -13.48 -34.71 7.71
C GLN A 1198 -13.12 -34.77 6.24
N PHE A 1199 -12.37 -33.80 5.79
CA PHE A 1199 -12.03 -33.72 4.36
C PHE A 1199 -10.57 -33.32 4.24
N LYS A 1200 -9.75 -34.12 3.58
CA LYS A 1200 -8.42 -33.66 3.12
C LYS A 1200 -8.60 -32.60 2.05
N LEU A 1201 -7.57 -31.84 1.76
CA LEU A 1201 -7.56 -31.08 0.49
C LEU A 1201 -6.45 -31.70 -0.35
N VAL A 1202 -6.77 -32.65 -1.20
CA VAL A 1202 -5.74 -33.24 -2.08
C VAL A 1202 -5.41 -32.25 -3.19
N PRO A 1203 -4.13 -31.95 -3.46
CA PRO A 1203 -3.78 -31.11 -4.61
C PRO A 1203 -3.95 -31.90 -5.91
N LEU A 1204 -3.66 -31.24 -7.03
CA LEU A 1204 -4.08 -31.78 -8.35
C LEU A 1204 -3.15 -32.91 -8.82
N ASP A 1205 -1.88 -32.84 -8.48
CA ASP A 1205 -1.00 -34.04 -8.49
C ASP A 1205 -0.27 -34.11 -7.15
N SER A 1206 -0.47 -35.21 -6.43
CA SER A 1206 -0.17 -35.31 -4.98
C SER A 1206 1.34 -35.25 -4.76
N LYS A 1207 1.75 -34.46 -3.78
CA LYS A 1207 3.17 -34.17 -3.48
C LYS A 1207 3.54 -34.84 -2.16
N ASN A 1208 2.94 -34.36 -1.08
CA ASN A 1208 3.16 -34.75 0.34
C ASN A 1208 2.31 -33.79 1.17
N MET A 1209 2.36 -33.94 2.50
CA MET A 1209 1.34 -33.34 3.39
C MET A 1209 1.62 -31.85 3.60
N ASN A 1210 2.80 -31.49 4.10
CA ASN A 1210 2.99 -30.20 4.81
C ASN A 1210 3.08 -29.03 3.84
N ASN A 1211 2.67 -29.19 2.58
CA ASN A 1211 2.58 -28.04 1.65
C ASN A 1211 1.39 -27.19 2.04
N TYR A 1212 1.49 -25.88 1.90
CA TYR A 1212 0.45 -24.95 2.39
C TYR A 1212 -0.48 -24.52 1.26
N VAL A 1213 -1.71 -24.15 1.62
CA VAL A 1213 -2.72 -23.70 0.63
C VAL A 1213 -2.66 -22.20 0.55
N ARG A 1214 -2.63 -21.67 -0.65
CA ARG A 1214 -2.63 -20.22 -0.88
C ARG A 1214 -3.90 -19.81 -1.59
N TRP A 1215 -4.12 -18.51 -1.65
CA TRP A 1215 -5.25 -17.94 -2.41
C TRP A 1215 -5.02 -18.22 -3.89
N GLY A 1216 -5.92 -19.01 -4.47
CA GLY A 1216 -5.84 -19.39 -5.89
C GLY A 1216 -5.40 -20.82 -6.08
N ASP A 1217 -5.29 -21.59 -5.00
CA ASP A 1217 -4.81 -22.98 -5.10
C ASP A 1217 -6.01 -23.92 -5.20
N LYS A 1218 -6.09 -24.64 -6.32
CA LYS A 1218 -7.21 -25.56 -6.60
C LYS A 1218 -6.85 -26.93 -6.07
N PHE A 1219 -7.83 -27.60 -5.51
CA PHE A 1219 -7.62 -28.88 -4.80
C PHE A 1219 -8.80 -29.79 -5.04
N THR A 1220 -8.96 -30.79 -4.20
CA THR A 1220 -10.01 -31.76 -4.39
C THR A 1220 -10.36 -32.35 -3.03
N MET A 1221 -11.55 -32.08 -2.53
CA MET A 1221 -11.82 -32.41 -1.11
C MET A 1221 -12.11 -33.91 -1.03
N GLN A 1222 -11.20 -34.66 -0.42
CA GLN A 1222 -11.34 -36.11 -0.32
C GLN A 1222 -11.81 -36.47 1.06
N SER A 1223 -12.83 -37.31 1.13
CA SER A 1223 -13.39 -37.83 2.40
C SER A 1223 -12.32 -38.67 3.07
N ILE A 1224 -12.36 -38.73 4.39
CA ILE A 1224 -11.34 -39.48 5.16
C ILE A 1224 -11.94 -40.76 5.71
N GLU A 1225 -13.19 -40.70 6.18
CA GLU A 1225 -13.87 -41.87 6.80
C GLU A 1225 -14.00 -42.97 5.75
N THR A 1226 -14.19 -42.58 4.49
CA THR A 1226 -14.02 -43.48 3.32
C THR A 1226 -13.07 -42.76 2.37
N THR A 1227 -11.87 -43.31 2.21
CA THR A 1227 -10.77 -42.66 1.46
C THR A 1227 -11.06 -42.64 -0.04
N ASN A 1228 -11.92 -43.54 -0.53
CA ASN A 1228 -12.15 -43.72 -1.98
C ASN A 1228 -13.23 -42.75 -2.47
N LEU A 1229 -13.78 -41.91 -1.59
CA LEU A 1229 -14.85 -40.96 -1.97
C LEU A 1229 -14.30 -39.55 -1.91
N SER A 1230 -14.67 -38.73 -2.89
CA SER A 1230 -14.37 -37.29 -2.87
C SER A 1230 -15.65 -36.49 -3.06
N LEU A 1231 -15.61 -35.23 -2.67
CA LEU A 1231 -16.75 -34.32 -2.90
C LEU A 1231 -16.91 -34.07 -4.40
N ALA A 1232 -18.15 -34.16 -4.88
CA ALA A 1232 -18.54 -33.63 -6.19
C ALA A 1232 -19.95 -33.08 -6.14
N ILE A 1233 -20.29 -32.29 -7.13
CA ILE A 1233 -21.64 -31.70 -7.32
C ILE A 1233 -22.29 -32.39 -8.51
N ILE A 1234 -23.25 -33.24 -8.27
CA ILE A 1234 -23.81 -34.17 -9.29
C ILE A 1234 -25.31 -33.94 -9.39
N GLN A 1235 -25.80 -33.74 -10.61
CA GLN A 1235 -27.23 -33.61 -10.92
C GLN A 1235 -27.87 -34.99 -10.93
N ASP A 1236 -28.97 -35.15 -10.21
CA ASP A 1236 -29.68 -36.46 -10.11
C ASP A 1236 -31.08 -36.37 -10.74
N ASN A 1237 -31.78 -35.24 -10.56
CA ASN A 1237 -33.17 -34.99 -11.07
C ASN A 1237 -34.17 -35.97 -10.43
N ALA A 1238 -33.85 -36.60 -9.30
CA ALA A 1238 -34.76 -37.50 -8.57
C ALA A 1238 -34.95 -37.01 -7.13
N TYR A 1239 -34.37 -35.86 -6.77
CA TYR A 1239 -34.55 -35.22 -5.44
C TYR A 1239 -35.04 -33.80 -5.66
N PHE A 1240 -35.41 -33.14 -4.56
CA PHE A 1240 -35.96 -31.76 -4.59
C PHE A 1240 -34.83 -30.81 -5.03
N ALA A 1241 -33.65 -31.00 -4.45
CA ALA A 1241 -32.41 -30.33 -4.85
C ALA A 1241 -31.89 -31.08 -6.07
N PRO A 1242 -32.00 -30.53 -7.29
CA PRO A 1242 -31.60 -31.30 -8.47
C PRO A 1242 -30.09 -31.34 -8.67
N THR A 1243 -29.30 -30.55 -7.93
CA THR A 1243 -27.85 -30.38 -8.15
C THR A 1243 -27.14 -30.50 -6.81
N GLN A 1244 -27.31 -31.65 -6.18
CA GLN A 1244 -26.82 -31.92 -4.80
C GLN A 1244 -25.29 -31.92 -4.77
N LEU A 1245 -24.73 -31.82 -3.57
CA LEU A 1245 -23.29 -31.99 -3.25
C LEU A 1245 -23.14 -33.41 -2.69
N LYS A 1246 -22.43 -34.25 -3.41
CA LYS A 1246 -22.36 -35.69 -3.09
C LYS A 1246 -20.92 -36.11 -2.79
N LEU A 1247 -20.78 -37.32 -2.28
CA LEU A 1247 -19.48 -38.04 -2.23
C LEU A 1247 -19.45 -39.02 -3.40
N ILE A 1248 -18.56 -38.82 -4.35
CA ILE A 1248 -18.42 -39.77 -5.48
C ILE A 1248 -17.08 -40.48 -5.38
N SER A 1249 -16.97 -41.62 -6.06
CA SER A 1249 -15.74 -42.45 -6.06
C SER A 1249 -14.60 -41.73 -6.78
N ASN A 1250 -13.39 -41.86 -6.26
CA ASN A 1250 -12.19 -41.19 -6.86
C ASN A 1250 -11.23 -42.24 -7.43
N GLU A 1251 -11.68 -43.48 -7.61
CA GLU A 1251 -10.80 -44.56 -8.11
C GLU A 1251 -10.57 -44.37 -9.61
N GLY A 1252 -9.30 -44.34 -10.03
CA GLY A 1252 -8.92 -44.26 -11.44
C GLY A 1252 -9.26 -42.92 -12.04
N LYS A 1253 -9.61 -42.88 -13.32
CA LYS A 1253 -10.00 -41.62 -14.00
C LYS A 1253 -11.41 -41.25 -13.55
N SER A 1254 -11.50 -40.61 -12.38
CA SER A 1254 -12.79 -40.19 -11.78
C SER A 1254 -13.05 -38.72 -12.10
N GLU A 1255 -14.30 -38.30 -11.95
CA GLU A 1255 -14.70 -36.90 -12.23
C GLU A 1255 -15.13 -36.24 -10.94
N GLU A 1256 -14.34 -36.46 -9.90
CA GLU A 1256 -14.41 -35.66 -8.65
C GLU A 1256 -14.19 -34.18 -8.98
N GLU A 1257 -14.89 -33.35 -8.24
CA GLU A 1257 -14.92 -31.89 -8.46
C GLU A 1257 -13.61 -31.30 -7.98
N ILE A 1258 -13.01 -30.46 -8.81
CA ILE A 1258 -11.90 -29.60 -8.33
C ILE A 1258 -12.54 -28.44 -7.59
N PHE A 1259 -12.23 -28.26 -6.35
CA PHE A 1259 -12.71 -27.06 -5.61
C PHE A 1259 -11.63 -25.99 -5.58
N THR A 1260 -11.96 -24.87 -4.98
CA THR A 1260 -10.98 -23.82 -4.62
C THR A 1260 -11.59 -22.95 -3.53
N PHE A 1261 -10.90 -21.89 -3.16
CA PHE A 1261 -11.46 -20.83 -2.30
C PHE A 1261 -11.62 -19.60 -3.14
N ASP A 1262 -12.59 -18.78 -2.78
CA ASP A 1262 -12.87 -17.54 -3.55
C ASP A 1262 -11.71 -16.59 -3.28
N ARG A 1263 -10.83 -16.44 -4.26
CA ARG A 1263 -9.62 -15.58 -4.17
C ARG A 1263 -10.04 -14.14 -3.92
N ASN A 1264 -11.15 -13.69 -4.50
CA ASN A 1264 -11.59 -12.28 -4.45
C ASN A 1264 -12.15 -11.96 -3.06
N ILE A 1265 -12.35 -12.94 -2.19
CA ILE A 1265 -12.70 -12.69 -0.76
C ILE A 1265 -11.63 -13.35 0.10
N LYS A 1266 -10.57 -12.60 0.39
CA LYS A 1266 -9.42 -13.09 1.20
C LYS A 1266 -9.80 -12.93 2.66
N LEU A 1267 -10.55 -13.87 3.21
CA LEU A 1267 -10.90 -13.81 4.63
C LEU A 1267 -9.73 -14.33 5.47
N GLN A 1268 -9.82 -14.17 6.76
CA GLN A 1268 -8.91 -14.84 7.71
C GLN A 1268 -9.74 -15.85 8.49
N ASN A 1269 -9.10 -16.92 8.91
CA ASN A 1269 -9.71 -17.91 9.84
C ASN A 1269 -10.82 -18.73 9.14
N ALA A 1270 -11.12 -18.50 7.87
CA ALA A 1270 -12.33 -19.04 7.20
C ALA A 1270 -12.26 -18.66 5.74
N ALA A 1271 -13.04 -19.34 4.91
CA ALA A 1271 -13.04 -19.05 3.47
C ALA A 1271 -14.30 -19.60 2.83
N ILE A 1272 -14.61 -19.04 1.68
CA ILE A 1272 -15.77 -19.49 0.87
C ILE A 1272 -15.32 -20.54 -0.14
N LEU A 1273 -15.86 -21.76 -0.05
CA LEU A 1273 -15.56 -22.82 -1.05
C LEU A 1273 -16.21 -22.46 -2.38
N VAL A 1274 -15.50 -22.73 -3.46
CA VAL A 1274 -16.00 -22.56 -4.84
C VAL A 1274 -15.74 -23.86 -5.60
N GLY A 1275 -16.80 -24.55 -6.03
CA GLY A 1275 -16.68 -25.68 -6.96
C GLY A 1275 -16.30 -25.13 -8.31
N THR A 1276 -15.10 -25.44 -8.82
CA THR A 1276 -14.53 -24.76 -10.01
C THR A 1276 -15.29 -25.19 -11.26
N GLY A 1277 -15.82 -26.41 -11.25
CA GLY A 1277 -16.57 -26.97 -12.38
C GLY A 1277 -15.71 -27.85 -13.24
N ASN A 1278 -14.39 -27.84 -13.06
CA ASN A 1278 -13.47 -28.74 -13.78
C ASN A 1278 -13.19 -29.94 -12.89
N SER A 1279 -12.71 -31.00 -13.50
CA SER A 1279 -12.15 -32.18 -12.80
C SER A 1279 -10.70 -32.34 -13.22
N LYS A 1280 -10.08 -33.44 -12.80
CA LYS A 1280 -8.73 -33.77 -13.27
C LYS A 1280 -8.79 -34.33 -14.69
N GLN A 1281 -9.96 -34.63 -15.22
CA GLN A 1281 -10.15 -35.12 -16.60
C GLN A 1281 -10.65 -34.00 -17.50
N GLY A 1282 -10.61 -32.75 -17.04
CA GLY A 1282 -11.14 -31.59 -17.76
C GLY A 1282 -12.44 -31.08 -17.14
N PRO A 1283 -13.16 -30.19 -17.85
CA PRO A 1283 -14.42 -29.62 -17.34
C PRO A 1283 -15.52 -30.67 -17.23
N ILE A 1284 -16.29 -30.59 -16.15
CA ILE A 1284 -17.35 -31.57 -15.86
C ILE A 1284 -18.55 -31.23 -16.73
N SER A 1285 -19.14 -32.26 -17.34
CA SER A 1285 -20.34 -32.12 -18.20
C SER A 1285 -21.50 -31.52 -17.40
N ALA A 1286 -22.18 -30.52 -17.97
CA ALA A 1286 -23.33 -29.87 -17.31
C ALA A 1286 -24.51 -30.86 -17.22
N TYR A 1287 -24.49 -31.93 -17.99
CA TYR A 1287 -25.49 -33.01 -17.84
C TYR A 1287 -25.24 -33.77 -16.54
N LYS A 1288 -23.98 -34.09 -16.25
CA LYS A 1288 -23.58 -34.82 -15.01
C LYS A 1288 -23.65 -33.86 -13.84
N ARG A 1289 -23.18 -32.64 -14.01
CA ARG A 1289 -23.01 -31.72 -12.88
C ARG A 1289 -24.31 -30.99 -12.63
N GLY A 1290 -24.83 -30.26 -13.61
CA GLY A 1290 -26.04 -29.43 -13.46
C GLY A 1290 -25.81 -28.03 -13.97
N TYR A 1291 -24.62 -27.48 -13.74
CA TYR A 1291 -24.20 -26.15 -14.23
C TYR A 1291 -22.86 -26.33 -14.91
N SER A 1292 -22.21 -25.25 -15.31
CA SER A 1292 -20.95 -25.34 -16.06
C SER A 1292 -19.81 -24.59 -15.38
N GLY A 1293 -20.09 -23.49 -14.70
CA GLY A 1293 -19.02 -22.64 -14.14
C GLY A 1293 -18.84 -22.84 -12.65
N ASP A 1294 -18.47 -21.74 -11.98
CA ASP A 1294 -18.21 -21.74 -10.52
C ASP A 1294 -19.51 -21.89 -9.75
N LEU A 1295 -19.44 -22.54 -8.60
CA LEU A 1295 -20.56 -22.62 -7.66
C LEU A 1295 -20.04 -22.30 -6.26
N TRP A 1296 -20.56 -21.27 -5.62
CA TRP A 1296 -20.36 -21.13 -4.17
C TRP A 1296 -21.00 -22.31 -3.45
N ILE A 1297 -20.41 -22.75 -2.37
CA ILE A 1297 -20.96 -23.87 -1.56
C ILE A 1297 -21.63 -23.25 -0.34
N ASN A 1298 -22.94 -23.34 -0.26
CA ASN A 1298 -23.79 -22.70 0.76
C ASN A 1298 -24.21 -23.74 1.78
N GLY A 1299 -25.01 -23.33 2.76
CA GLY A 1299 -25.52 -24.22 3.79
C GLY A 1299 -26.99 -24.47 3.61
N ALA A 1300 -27.44 -24.52 2.37
CA ALA A 1300 -28.86 -24.62 2.03
C ALA A 1300 -29.11 -25.94 1.30
N ARG A 1301 -29.82 -26.88 1.90
CA ARG A 1301 -30.27 -27.99 1.04
C ARG A 1301 -31.42 -27.39 0.26
N LEU A 1302 -31.94 -28.14 -0.68
CA LEU A 1302 -33.03 -27.73 -1.58
C LEU A 1302 -32.50 -26.65 -2.55
N ASP A 1303 -31.31 -26.09 -2.33
CA ASP A 1303 -30.44 -25.52 -3.40
C ASP A 1303 -29.35 -26.51 -3.77
N GLY A 1304 -29.16 -27.58 -3.01
CA GLY A 1304 -28.12 -28.62 -3.16
C GLY A 1304 -26.77 -28.13 -2.66
N TYR A 1305 -26.79 -27.20 -1.71
CA TYR A 1305 -25.63 -26.51 -1.09
C TYR A 1305 -24.78 -25.87 -2.14
N VAL A 1306 -25.39 -25.40 -3.22
CA VAL A 1306 -24.66 -24.68 -4.28
C VAL A 1306 -25.50 -23.50 -4.72
N THR A 1307 -24.86 -22.40 -5.04
CA THR A 1307 -25.48 -21.32 -5.83
C THR A 1307 -24.51 -20.85 -6.88
N VAL A 1308 -25.04 -20.35 -7.97
CA VAL A 1308 -24.19 -19.87 -9.07
C VAL A 1308 -23.47 -18.62 -8.57
N VAL A 1309 -22.18 -18.54 -8.85
CA VAL A 1309 -21.42 -17.29 -8.66
C VAL A 1309 -21.92 -16.31 -9.71
N ASN A 1310 -22.57 -15.24 -9.29
CA ASN A 1310 -23.13 -14.23 -10.24
C ASN A 1310 -22.00 -13.28 -10.62
N LYS A 1311 -21.70 -13.18 -11.91
CA LYS A 1311 -20.64 -12.27 -12.40
C LYS A 1311 -21.24 -11.29 -13.40
N SER A 1312 -22.56 -11.12 -13.41
CA SER A 1312 -23.27 -10.19 -14.31
C SER A 1312 -23.10 -8.76 -13.82
N ASN A 1313 -23.63 -7.79 -14.56
CA ASN A 1313 -23.46 -6.35 -14.21
C ASN A 1313 -24.59 -5.94 -13.25
N TYR A 1314 -24.94 -6.80 -12.31
CA TYR A 1314 -25.98 -6.51 -11.29
C TYR A 1314 -25.59 -7.10 -9.94
N SER A 1315 -24.45 -7.78 -9.86
CA SER A 1315 -24.09 -8.55 -8.65
C SER A 1315 -23.54 -7.61 -7.58
N ASN A 1316 -23.11 -6.42 -7.95
CA ASN A 1316 -22.59 -5.47 -6.94
C ASN A 1316 -23.60 -4.35 -6.69
N ASP A 1317 -24.82 -4.48 -7.21
CA ASP A 1317 -25.91 -3.55 -6.90
C ASP A 1317 -26.42 -3.76 -5.48
N GLU A 1318 -26.23 -4.95 -4.92
CA GLU A 1318 -26.59 -5.27 -3.53
C GLU A 1318 -25.38 -5.89 -2.82
N ILE A 1319 -25.56 -6.30 -1.57
CA ILE A 1319 -24.47 -6.92 -0.77
C ILE A 1319 -24.45 -8.41 -1.04
N GLN A 1320 -23.24 -8.96 -1.17
CA GLN A 1320 -22.96 -10.23 -1.87
C GLN A 1320 -23.49 -11.40 -1.07
N GLU A 1321 -23.46 -11.34 0.27
CA GLU A 1321 -23.93 -12.43 1.17
C GLU A 1321 -23.14 -13.71 0.87
N LYS A 1322 -21.86 -13.67 1.16
CA LYS A 1322 -20.95 -14.82 1.07
C LYS A 1322 -21.14 -15.77 2.26
N PHE A 1323 -20.97 -17.06 2.00
CA PHE A 1323 -21.19 -18.13 3.01
C PHE A 1323 -19.83 -18.68 3.44
N LYS A 1324 -19.40 -18.37 4.66
CA LYS A 1324 -18.02 -18.65 5.11
C LYS A 1324 -17.96 -20.06 5.65
N TRP A 1325 -16.92 -20.81 5.32
CA TRP A 1325 -16.70 -22.15 5.90
C TRP A 1325 -15.45 -22.12 6.73
N ILE A 1326 -15.35 -23.09 7.62
CA ILE A 1326 -14.26 -23.21 8.62
C ILE A 1326 -13.61 -24.56 8.44
N PHE A 1327 -12.28 -24.59 8.52
CA PHE A 1327 -11.47 -25.83 8.56
C PHE A 1327 -10.84 -25.97 9.93
N VAL A 1328 -11.31 -26.89 10.72
CA VAL A 1328 -10.69 -27.19 12.03
C VAL A 1328 -9.95 -28.52 11.91
N PRO A 1329 -8.62 -28.55 12.07
CA PRO A 1329 -7.92 -29.80 12.31
C PRO A 1329 -8.01 -30.24 13.75
N LYS A 1330 -7.91 -31.54 13.94
CA LYS A 1330 -7.99 -32.18 15.27
C LYS A 1330 -6.77 -31.75 16.07
N ASP A 1331 -6.91 -30.75 16.91
CA ASP A 1331 -5.79 -30.17 17.68
C ASP A 1331 -5.71 -30.86 19.05
N ALA A 1332 -4.54 -30.89 19.66
CA ALA A 1332 -4.33 -31.63 20.92
C ALA A 1332 -4.54 -30.71 22.13
N ASN A 1333 -4.51 -29.40 21.95
CA ASN A 1333 -4.84 -28.45 23.05
C ASN A 1333 -6.34 -28.12 23.06
N TRP A 1334 -7.16 -28.75 22.23
CA TRP A 1334 -8.64 -28.57 22.24
C TRP A 1334 -9.28 -29.94 22.36
N VAL A 1335 -10.10 -30.15 23.38
CA VAL A 1335 -10.50 -31.55 23.73
C VAL A 1335 -11.83 -31.92 23.07
N GLU A 1336 -12.80 -31.01 23.02
CA GLU A 1336 -14.05 -31.29 22.28
C GLU A 1336 -14.34 -30.20 21.23
N LEU B 18 -49.35 -29.46 -7.40
CA LEU B 18 -49.94 -28.16 -6.93
C LEU B 18 -51.37 -28.01 -7.41
N LYS B 19 -52.31 -28.41 -6.57
CA LYS B 19 -53.74 -28.52 -6.95
C LYS B 19 -54.38 -27.14 -7.04
N THR B 20 -55.58 -27.10 -7.59
CA THR B 20 -56.42 -25.89 -7.69
C THR B 20 -57.86 -26.31 -7.39
N GLU B 21 -58.49 -25.68 -6.41
CA GLU B 21 -59.83 -26.10 -5.97
C GLU B 21 -60.78 -24.89 -6.06
N ASN B 22 -62.06 -25.17 -5.94
CA ASN B 22 -63.11 -24.17 -5.66
C ASN B 22 -63.42 -24.29 -4.17
N ILE B 23 -63.21 -23.21 -3.43
CA ILE B 23 -63.19 -23.25 -1.94
C ILE B 23 -64.40 -22.48 -1.43
N ARG B 24 -65.22 -23.14 -0.63
CA ARG B 24 -66.25 -22.48 0.18
C ARG B 24 -65.54 -21.91 1.41
N TYR B 25 -65.34 -20.60 1.46
CA TYR B 25 -64.48 -19.99 2.49
C TYR B 25 -65.19 -20.02 3.84
N PHE B 26 -64.41 -19.97 4.90
CA PHE B 26 -64.88 -20.05 6.32
C PHE B 26 -65.24 -18.65 6.82
N ARG B 27 -65.40 -17.66 5.95
CA ARG B 27 -65.81 -16.30 6.38
C ARG B 27 -66.89 -15.76 5.45
N THR B 28 -67.37 -14.56 5.73
CA THR B 28 -68.46 -13.91 4.96
C THR B 28 -67.98 -12.57 4.43
N ALA B 29 -68.38 -12.27 3.20
CA ALA B 29 -67.87 -11.13 2.42
C ALA B 29 -68.49 -9.82 2.91
N ALA B 30 -67.84 -9.17 3.88
CA ALA B 30 -68.16 -7.80 4.36
C ALA B 30 -69.61 -7.73 4.87
N GLY B 31 -70.01 -8.74 5.64
CA GLY B 31 -71.38 -8.84 6.20
C GLY B 31 -72.40 -9.07 5.10
N SER B 32 -72.25 -10.14 4.33
CA SER B 32 -73.26 -10.60 3.35
C SER B 32 -74.00 -11.84 3.88
N GLU B 33 -73.41 -12.59 4.81
CA GLU B 33 -74.02 -13.79 5.47
C GLU B 33 -74.36 -14.88 4.43
N ASP B 34 -73.74 -14.85 3.25
CA ASP B 34 -73.81 -15.97 2.28
C ASP B 34 -72.52 -16.77 2.38
N VAL B 35 -72.51 -17.96 1.81
CA VAL B 35 -71.26 -18.74 1.65
C VAL B 35 -70.37 -18.03 0.61
N LEU B 36 -69.10 -17.85 0.93
CA LEU B 36 -68.15 -17.20 0.02
C LEU B 36 -67.41 -18.30 -0.75
N GLU B 37 -67.67 -18.38 -2.04
CA GLU B 37 -67.09 -19.42 -2.90
C GLU B 37 -65.98 -18.78 -3.73
N VAL B 38 -64.75 -19.14 -3.41
CA VAL B 38 -63.55 -18.52 -4.04
C VAL B 38 -62.76 -19.61 -4.73
N LYS B 39 -61.99 -19.20 -5.72
CA LYS B 39 -61.11 -20.09 -6.50
C LYS B 39 -59.73 -19.98 -5.88
N ALA B 40 -59.35 -20.96 -5.06
CA ALA B 40 -58.01 -21.03 -4.45
C ALA B 40 -57.07 -21.80 -5.36
N TYR B 41 -55.79 -21.44 -5.32
CA TYR B 41 -54.73 -22.12 -6.08
C TYR B 41 -53.61 -22.47 -5.11
N GLU B 42 -53.03 -23.66 -5.23
CA GLU B 42 -51.87 -24.05 -4.37
C GLU B 42 -50.59 -23.58 -5.07
N VAL B 43 -49.93 -22.59 -4.49
CA VAL B 43 -48.72 -21.99 -5.09
C VAL B 43 -47.44 -22.59 -4.51
N TYR B 44 -47.52 -23.14 -3.31
CA TYR B 44 -46.48 -23.99 -2.69
C TYR B 44 -47.24 -25.02 -1.87
N PRO B 45 -46.68 -26.20 -1.58
CA PRO B 45 -47.37 -27.15 -0.73
C PRO B 45 -47.87 -26.56 0.61
N ASN B 46 -49.15 -26.80 0.87
CA ASN B 46 -49.95 -26.27 2.01
C ASN B 46 -49.96 -24.75 1.99
N VAL B 47 -49.65 -24.11 0.87
CA VAL B 47 -49.68 -22.63 0.79
C VAL B 47 -50.60 -22.29 -0.36
N TRP B 48 -51.77 -21.73 -0.05
CA TRP B 48 -52.81 -21.45 -1.06
C TRP B 48 -52.84 -19.96 -1.37
N ALA B 49 -53.19 -19.62 -2.59
CA ALA B 49 -53.38 -18.24 -3.02
C ALA B 49 -54.82 -18.08 -3.50
N ILE B 50 -55.53 -17.13 -2.91
CA ILE B 50 -56.84 -16.72 -3.43
C ILE B 50 -56.67 -15.34 -4.04
N PRO B 51 -56.57 -15.22 -5.38
CA PRO B 51 -56.28 -13.93 -6.01
C PRO B 51 -57.50 -13.02 -6.13
N SER B 52 -58.27 -12.92 -5.06
CA SER B 52 -59.40 -11.96 -4.93
C SER B 52 -59.09 -11.05 -3.76
N ARG B 53 -59.72 -9.90 -3.70
CA ARG B 53 -59.45 -8.96 -2.59
C ARG B 53 -60.04 -9.50 -1.31
N TYR B 54 -59.59 -8.96 -0.18
CA TYR B 54 -60.05 -9.44 1.14
C TYR B 54 -61.48 -8.94 1.30
N MET B 55 -62.43 -9.79 0.93
CA MET B 55 -63.88 -9.48 0.91
C MET B 55 -64.40 -9.26 2.33
N MET B 56 -63.66 -9.64 3.36
CA MET B 56 -64.20 -9.66 4.73
C MET B 56 -64.14 -8.27 5.37
N GLU B 57 -63.37 -7.33 4.83
CA GLU B 57 -63.50 -5.93 5.25
C GLU B 57 -64.10 -5.15 4.09
N PRO B 58 -65.00 -4.18 4.37
CA PRO B 58 -65.70 -3.46 3.32
C PRO B 58 -64.77 -2.59 2.43
N LEU B 59 -64.71 -2.96 1.15
CA LEU B 59 -63.91 -2.29 0.11
C LEU B 59 -64.54 -0.93 -0.15
N GLN B 60 -63.83 0.15 0.16
CA GLN B 60 -64.34 1.53 -0.02
C GLN B 60 -63.50 2.26 -1.06
N ASP B 61 -63.92 3.48 -1.39
CA ASP B 61 -63.16 4.42 -2.25
C ASP B 61 -62.49 5.44 -1.33
N LEU B 62 -61.86 6.48 -1.86
CA LEU B 62 -61.15 7.46 -1.00
C LEU B 62 -62.17 8.35 -0.29
N ASP B 63 -63.26 8.72 -0.95
CA ASP B 63 -64.28 9.64 -0.40
C ASP B 63 -65.17 8.92 0.63
N GLU B 64 -65.19 7.59 0.66
CA GLU B 64 -66.08 6.85 1.59
C GLU B 64 -65.39 6.61 2.93
N VAL B 65 -64.08 6.81 3.04
CA VAL B 65 -63.33 6.44 4.27
C VAL B 65 -63.42 7.60 5.25
N THR B 66 -63.83 7.33 6.48
CA THR B 66 -64.04 8.36 7.51
C THR B 66 -62.67 8.86 7.98
N ASN B 67 -61.87 7.96 8.54
CA ASN B 67 -60.52 8.28 9.07
C ASN B 67 -59.52 7.38 8.38
N PRO B 68 -58.87 7.83 7.28
CA PRO B 68 -57.96 6.96 6.54
C PRO B 68 -56.63 6.76 7.25
N GLU B 69 -55.98 5.62 6.97
CA GLU B 69 -54.66 5.27 7.56
C GLU B 69 -53.58 6.07 6.82
N GLN B 70 -52.34 5.99 7.29
CA GLN B 70 -51.23 6.74 6.65
C GLN B 70 -50.64 5.89 5.53
N PHE B 71 -50.34 6.54 4.41
CA PHE B 71 -49.71 5.94 3.21
C PHE B 71 -50.62 4.83 2.70
N SER B 72 -51.89 5.15 2.48
CA SER B 72 -52.96 4.13 2.47
C SER B 72 -53.90 4.35 1.29
N ILE B 73 -53.40 4.19 0.08
CA ILE B 73 -54.19 4.33 -1.18
C ILE B 73 -55.44 3.44 -1.14
N TYR B 74 -56.61 4.05 -1.25
CA TYR B 74 -57.93 3.36 -1.22
C TYR B 74 -58.54 3.41 -2.61
N ASP B 75 -59.13 2.28 -3.01
CA ASP B 75 -59.60 2.06 -4.39
C ASP B 75 -60.43 0.78 -4.41
N LYS B 76 -61.66 0.85 -4.90
CA LYS B 76 -62.54 -0.33 -5.08
C LYS B 76 -62.26 -0.90 -6.48
N LYS B 77 -63.00 -1.93 -6.86
CA LYS B 77 -63.02 -2.49 -8.25
C LYS B 77 -61.64 -3.04 -8.65
N TYR B 78 -60.72 -3.29 -7.70
CA TYR B 78 -59.31 -3.58 -8.04
C TYR B 78 -59.15 -5.06 -8.42
N LEU B 79 -59.65 -5.97 -7.61
CA LEU B 79 -59.62 -7.41 -7.98
C LEU B 79 -61.06 -7.94 -8.05
N ALA B 80 -61.98 -7.16 -8.58
CA ALA B 80 -63.34 -7.61 -8.91
C ALA B 80 -63.34 -8.15 -10.34
N ASP B 81 -62.50 -7.55 -11.19
CA ASP B 81 -62.33 -7.98 -12.59
C ASP B 81 -61.66 -9.36 -12.62
N ILE B 82 -61.88 -10.12 -13.68
CA ILE B 82 -61.35 -11.51 -13.80
C ILE B 82 -59.98 -11.46 -14.50
N GLN B 83 -59.76 -10.51 -15.40
CA GLN B 83 -58.48 -10.42 -16.14
C GLN B 83 -57.38 -9.98 -15.18
N GLU B 84 -57.61 -8.94 -14.38
CA GLU B 84 -56.55 -8.37 -13.52
C GLU B 84 -56.46 -9.15 -12.21
N GLN B 85 -57.34 -10.11 -11.98
CA GLN B 85 -57.18 -11.01 -10.81
C GLN B 85 -56.50 -12.32 -11.24
N ASP B 86 -56.42 -12.59 -12.54
CA ASP B 86 -55.46 -13.61 -13.05
C ASP B 86 -54.10 -12.97 -13.29
N GLU B 87 -54.02 -11.64 -13.33
CA GLU B 87 -52.71 -10.95 -13.31
C GLU B 87 -52.18 -10.95 -11.87
N PHE B 88 -53.06 -11.06 -10.88
CA PHE B 88 -52.66 -11.10 -9.46
C PHE B 88 -52.08 -12.47 -9.12
N LEU B 89 -52.64 -13.54 -9.67
CA LEU B 89 -52.11 -14.91 -9.44
C LEU B 89 -50.75 -15.02 -10.13
N LYS B 90 -50.56 -14.35 -11.26
CA LYS B 90 -49.27 -14.37 -11.98
C LYS B 90 -48.26 -13.50 -11.22
N SER B 91 -48.70 -12.72 -10.24
CA SER B 91 -47.76 -11.90 -9.42
C SER B 91 -47.41 -12.65 -8.14
N ILE B 92 -48.30 -13.50 -7.65
CA ILE B 92 -47.98 -14.39 -6.49
C ILE B 92 -47.09 -15.52 -7.01
N GLN B 93 -47.41 -16.10 -8.15
CA GLN B 93 -46.64 -17.24 -8.69
C GLN B 93 -45.28 -16.77 -9.18
N ALA B 94 -45.12 -15.50 -9.51
CA ALA B 94 -43.80 -14.94 -9.87
C ALA B 94 -43.07 -14.51 -8.60
N ALA B 95 -43.74 -14.47 -7.47
CA ALA B 95 -43.10 -14.03 -6.20
C ALA B 95 -42.55 -15.25 -5.48
N ILE B 96 -43.31 -16.32 -5.42
CA ILE B 96 -42.85 -17.56 -4.76
C ILE B 96 -41.76 -18.18 -5.63
N GLU B 97 -41.83 -18.03 -6.95
CA GLU B 97 -40.70 -18.42 -7.83
C GLU B 97 -39.51 -17.48 -7.63
N ASP B 98 -39.71 -16.30 -7.08
CA ASP B 98 -38.60 -15.36 -6.82
C ASP B 98 -38.01 -15.61 -5.44
N ILE B 99 -38.80 -16.10 -4.49
CA ILE B 99 -38.26 -16.53 -3.17
C ILE B 99 -37.51 -17.84 -3.37
N LYS B 100 -38.00 -18.73 -4.22
CA LYS B 100 -37.34 -20.03 -4.49
C LYS B 100 -35.97 -19.82 -5.13
N LYS B 101 -35.81 -18.78 -5.93
CA LYS B 101 -34.53 -18.56 -6.62
C LYS B 101 -33.53 -17.89 -5.68
N ARG B 102 -33.95 -17.48 -4.47
CA ARG B 102 -33.03 -16.91 -3.47
C ARG B 102 -32.45 -18.00 -2.58
N THR B 103 -31.25 -17.78 -2.06
CA THR B 103 -30.56 -18.76 -1.19
C THR B 103 -31.31 -18.83 0.13
N PHE B 104 -31.50 -20.05 0.61
CA PHE B 104 -32.32 -20.41 1.78
C PHE B 104 -33.77 -20.04 1.59
N GLY B 105 -34.19 -19.66 0.38
CA GLY B 105 -35.53 -19.09 0.15
C GLY B 105 -36.55 -20.18 0.23
N LEU B 106 -36.27 -21.32 -0.38
CA LEU B 106 -37.33 -22.33 -0.41
C LEU B 106 -37.22 -23.20 0.83
N GLU B 107 -36.24 -22.98 1.67
CA GLU B 107 -36.24 -23.68 2.99
C GLU B 107 -37.14 -22.91 3.95
N LEU B 108 -37.36 -21.62 3.74
CA LEU B 108 -38.40 -20.90 4.49
C LEU B 108 -39.78 -21.38 4.01
N LEU B 109 -39.96 -21.43 2.69
CA LEU B 109 -41.23 -21.87 2.10
C LEU B 109 -41.48 -23.32 2.50
N THR B 110 -40.43 -24.10 2.72
CA THR B 110 -40.60 -25.48 3.15
C THR B 110 -40.90 -25.53 4.65
N ALA B 111 -40.41 -24.57 5.41
CA ALA B 111 -40.70 -24.49 6.85
C ALA B 111 -42.18 -24.14 7.02
N VAL B 112 -42.68 -23.27 6.14
CA VAL B 112 -44.11 -22.84 6.15
C VAL B 112 -44.97 -24.01 5.69
N SER B 113 -44.47 -24.79 4.74
CA SER B 113 -45.19 -25.96 4.20
C SER B 113 -45.29 -27.02 5.28
N GLY B 114 -44.26 -27.20 6.09
CA GLY B 114 -44.25 -28.30 7.05
C GLY B 114 -44.71 -27.85 8.41
N ALA B 115 -45.34 -26.68 8.52
CA ALA B 115 -45.77 -26.13 9.82
C ALA B 115 -47.27 -26.35 9.98
N VAL B 116 -47.76 -27.52 9.60
CA VAL B 116 -49.22 -27.82 9.70
C VAL B 116 -49.60 -27.80 11.17
N PRO B 117 -50.63 -27.03 11.56
CA PRO B 117 -51.10 -27.07 12.94
C PRO B 117 -51.68 -28.40 13.38
N LEU B 118 -51.74 -28.58 14.69
CA LEU B 118 -52.33 -29.80 15.30
C LEU B 118 -53.79 -29.88 14.89
N PRO B 119 -54.29 -31.08 14.56
CA PRO B 119 -55.70 -31.22 14.21
C PRO B 119 -56.60 -31.09 15.45
N LYS B 120 -57.74 -30.41 15.26
CA LYS B 120 -58.77 -30.26 16.31
C LYS B 120 -59.43 -31.63 16.52
N ASP B 121 -59.82 -32.27 15.42
CA ASP B 121 -60.49 -33.59 15.42
C ASP B 121 -59.80 -34.45 14.35
N THR B 122 -60.28 -35.66 14.11
CA THR B 122 -59.86 -36.47 12.95
C THR B 122 -60.36 -35.76 11.69
N GLY B 123 -59.62 -35.89 10.59
CA GLY B 123 -59.66 -34.86 9.55
C GLY B 123 -59.06 -33.61 10.14
N ALA B 124 -59.46 -32.44 9.69
CA ALA B 124 -58.83 -31.19 10.18
C ALA B 124 -59.82 -30.05 10.02
N THR B 125 -60.64 -29.81 11.02
CA THR B 125 -61.67 -28.75 10.98
C THR B 125 -61.12 -27.50 11.67
N ASN B 126 -59.79 -27.35 11.70
CA ASN B 126 -59.15 -26.13 12.26
C ASN B 126 -58.16 -25.54 11.27
N THR B 127 -57.78 -26.25 10.21
CA THR B 127 -56.75 -25.73 9.29
C THR B 127 -57.12 -25.93 7.82
N THR B 128 -58.28 -26.49 7.51
CA THR B 128 -58.60 -26.84 6.10
C THR B 128 -59.49 -25.80 5.46
N LEU B 129 -59.32 -25.64 4.16
CA LEU B 129 -60.28 -24.92 3.30
C LEU B 129 -61.29 -25.95 2.81
N GLN B 130 -62.57 -25.59 2.80
CA GLN B 130 -63.65 -26.52 2.39
C GLN B 130 -63.77 -26.49 0.87
N CYS B 131 -63.43 -27.60 0.21
CA CYS B 131 -63.53 -27.71 -1.25
C CYS B 131 -64.93 -28.18 -1.63
N ILE B 132 -65.43 -27.67 -2.74
CA ILE B 132 -66.80 -27.95 -3.25
C ILE B 132 -66.69 -28.33 -4.71
N ASP B 133 -67.65 -29.11 -5.18
CA ASP B 133 -67.61 -29.71 -6.54
C ASP B 133 -68.09 -28.67 -7.56
N GLU B 134 -68.51 -29.12 -8.74
CA GLU B 134 -69.13 -28.25 -9.78
C GLU B 134 -70.40 -27.60 -9.24
N ASN B 135 -71.14 -28.30 -8.37
CA ASN B 135 -72.52 -27.90 -7.97
C ASN B 135 -72.53 -27.19 -6.62
N GLY B 136 -71.50 -27.38 -5.79
CA GLY B 136 -71.42 -26.84 -4.42
C GLY B 136 -71.53 -27.92 -3.36
N LYS B 137 -71.67 -29.19 -3.76
CA LYS B 137 -71.60 -30.35 -2.84
C LYS B 137 -70.18 -30.38 -2.27
N HIS B 138 -70.04 -30.06 -0.99
CA HIS B 138 -68.73 -30.10 -0.28
C HIS B 138 -68.34 -31.57 -0.11
N THR B 139 -67.36 -32.04 -0.88
CA THR B 139 -67.01 -33.48 -0.95
C THR B 139 -65.72 -33.76 -0.16
N HIS B 140 -64.77 -32.84 -0.13
CA HIS B 140 -63.51 -33.00 0.65
C HIS B 140 -62.97 -31.64 1.05
N ASP B 141 -62.07 -31.61 2.02
CA ASP B 141 -61.39 -30.36 2.44
C ASP B 141 -59.88 -30.55 2.29
N VAL B 142 -59.19 -29.46 2.05
CA VAL B 142 -57.77 -29.47 1.65
C VAL B 142 -56.96 -28.76 2.73
N VAL B 143 -55.81 -29.32 3.08
CA VAL B 143 -55.00 -28.81 4.22
C VAL B 143 -54.31 -27.52 3.76
N ALA B 144 -54.50 -26.47 4.55
CA ALA B 144 -53.91 -25.15 4.31
C ALA B 144 -53.15 -24.71 5.54
N ASN B 145 -52.07 -23.97 5.31
CA ASN B 145 -51.30 -23.30 6.37
C ASN B 145 -51.40 -21.82 6.11
N VAL B 146 -50.96 -21.38 4.94
CA VAL B 146 -50.99 -19.95 4.57
C VAL B 146 -51.97 -19.80 3.41
N VAL B 147 -52.95 -18.93 3.59
CA VAL B 147 -53.83 -18.51 2.48
C VAL B 147 -53.42 -17.10 2.10
N LEU B 148 -53.05 -16.92 0.86
CA LEU B 148 -52.40 -15.68 0.42
C LEU B 148 -53.46 -14.83 -0.29
N TRP B 149 -54.19 -14.04 0.49
CA TRP B 149 -55.29 -13.21 -0.05
C TRP B 149 -54.77 -11.99 -0.78
N GLY B 150 -55.68 -11.33 -1.50
CA GLY B 150 -55.44 -10.03 -2.15
C GLY B 150 -55.46 -8.92 -1.10
N PRO B 151 -55.35 -7.67 -1.53
CA PRO B 151 -55.46 -6.56 -0.60
C PRO B 151 -56.85 -6.47 0.02
N GLY B 152 -56.91 -5.78 1.15
CA GLY B 152 -58.19 -5.56 1.86
C GLY B 152 -58.90 -4.35 1.29
N ASN B 153 -59.53 -3.58 2.15
CA ASN B 153 -60.02 -2.24 1.77
C ASN B 153 -58.80 -1.36 1.44
N ASN B 154 -57.82 -1.38 2.33
CA ASN B 154 -56.59 -0.58 2.16
C ASN B 154 -55.62 -1.39 1.33
N LEU B 155 -55.06 -0.77 0.30
CA LEU B 155 -54.30 -1.52 -0.72
C LEU B 155 -52.90 -1.83 -0.17
N ASN B 156 -52.20 -0.87 0.44
CA ASN B 156 -50.94 -1.24 1.16
C ASN B 156 -51.24 -1.37 2.65
N SER B 157 -51.84 -2.48 3.02
CA SER B 157 -51.99 -2.84 4.44
C SER B 157 -51.66 -4.33 4.61
N ASN B 158 -50.43 -4.71 4.28
CA ASN B 158 -50.01 -6.14 4.25
C ASN B 158 -50.10 -6.70 5.66
N ARG B 159 -51.00 -7.63 5.87
CA ARG B 159 -51.32 -8.12 7.22
C ARG B 159 -51.12 -9.62 7.27
N LEU B 160 -51.26 -10.16 8.46
CA LEU B 160 -51.15 -11.60 8.69
C LEU B 160 -52.27 -11.99 9.61
N ILE B 161 -53.48 -11.85 9.12
CA ILE B 161 -54.70 -12.24 9.87
C ILE B 161 -54.62 -13.75 10.13
N SER B 162 -54.82 -14.16 11.37
CA SER B 162 -54.93 -15.59 11.75
C SER B 162 -56.38 -16.04 11.58
N LYS B 163 -56.57 -17.33 11.34
CA LYS B 163 -57.92 -17.92 11.33
C LYS B 163 -58.43 -17.94 12.77
N SER B 164 -57.76 -18.71 13.63
CA SER B 164 -58.20 -18.95 15.02
C SER B 164 -57.36 -18.09 15.97
N ASP B 165 -57.61 -18.26 17.27
CA ASP B 165 -56.68 -17.81 18.32
C ASP B 165 -55.86 -19.01 18.79
N ASP B 166 -55.72 -20.02 17.95
CA ASP B 166 -54.82 -21.18 18.18
C ASP B 166 -53.36 -20.77 18.00
N ASP B 167 -53.08 -19.61 17.41
CA ASP B 167 -51.69 -19.13 17.22
C ASP B 167 -51.07 -18.73 18.57
N SER B 168 -51.86 -18.47 19.59
CA SER B 168 -51.36 -18.10 20.93
C SER B 168 -51.52 -19.26 21.90
N ASN B 169 -51.60 -20.49 21.39
CA ASN B 169 -52.15 -21.63 22.15
C ASN B 169 -51.16 -22.79 22.20
N GLY B 170 -50.29 -22.92 21.21
CA GLY B 170 -49.43 -24.09 21.04
C GLY B 170 -49.89 -24.97 19.91
N ILE B 171 -51.18 -24.95 19.57
CA ILE B 171 -51.72 -25.77 18.45
C ILE B 171 -51.20 -25.18 17.14
N GLY B 172 -51.15 -23.87 17.03
CA GLY B 172 -50.84 -23.26 15.73
C GLY B 172 -52.11 -22.98 14.97
N SER B 173 -52.12 -21.91 14.21
CA SER B 173 -53.34 -21.44 13.53
C SER B 173 -53.06 -21.32 12.05
N MET B 174 -54.07 -21.57 11.25
CA MET B 174 -54.02 -21.26 9.81
C MET B 174 -53.94 -19.75 9.66
N VAL B 175 -53.24 -19.30 8.65
CA VAL B 175 -52.89 -17.87 8.54
C VAL B 175 -53.37 -17.33 7.20
N GLU B 176 -54.05 -16.19 7.23
CA GLU B 176 -54.44 -15.47 5.99
C GLU B 176 -53.43 -14.36 5.81
N LEU B 177 -52.74 -14.37 4.68
CA LEU B 177 -51.67 -13.42 4.38
C LEU B 177 -52.22 -12.43 3.37
N ILE B 178 -52.76 -11.32 3.85
CA ILE B 178 -53.15 -10.20 2.95
C ILE B 178 -51.86 -9.56 2.45
N TRP B 179 -51.69 -9.50 1.15
CA TRP B 179 -50.43 -8.98 0.60
C TRP B 179 -50.70 -8.41 -0.78
N ASN B 180 -50.06 -7.31 -1.09
CA ASN B 180 -50.21 -6.59 -2.37
C ASN B 180 -48.82 -6.44 -2.94
N PRO B 181 -48.47 -7.16 -4.02
CA PRO B 181 -47.18 -6.96 -4.67
C PRO B 181 -47.08 -5.70 -5.54
N GLN B 182 -48.19 -4.99 -5.72
CA GLN B 182 -48.26 -3.86 -6.66
C GLN B 182 -47.79 -2.58 -5.99
N ILE B 183 -47.36 -2.61 -4.73
CA ILE B 183 -46.89 -1.36 -4.07
C ILE B 183 -45.52 -1.64 -3.45
N LEU B 184 -44.51 -0.93 -3.92
CA LEU B 184 -43.10 -1.23 -3.62
C LEU B 184 -42.41 0.02 -3.08
N ILE B 185 -41.36 -0.18 -2.30
CA ILE B 185 -40.49 0.93 -1.82
C ILE B 185 -39.30 1.03 -2.77
N LYS B 186 -38.91 2.24 -3.11
CA LYS B 186 -37.83 2.47 -4.08
C LYS B 186 -36.68 3.18 -3.37
N ASN B 187 -35.47 2.69 -3.59
CA ASN B 187 -34.26 3.41 -3.18
C ASN B 187 -34.14 4.60 -4.12
N ILE B 188 -34.48 5.79 -3.68
CA ILE B 188 -34.68 6.91 -4.65
C ILE B 188 -33.32 7.35 -5.17
N GLY B 189 -32.28 7.25 -4.34
CA GLY B 189 -30.93 7.63 -4.80
C GLY B 189 -30.36 6.63 -5.77
N THR B 190 -30.71 5.36 -5.63
CA THR B 190 -30.12 4.27 -6.44
C THR B 190 -31.06 3.84 -7.57
N ASN B 191 -32.36 4.16 -7.47
CA ASN B 191 -33.44 3.67 -8.37
C ASN B 191 -33.46 2.15 -8.39
N ARG B 192 -33.16 1.50 -7.27
CA ARG B 192 -33.37 0.04 -7.14
C ARG B 192 -34.65 -0.19 -6.38
N ILE B 193 -35.53 -1.01 -6.93
CA ILE B 193 -36.85 -1.24 -6.30
C ILE B 193 -36.68 -2.38 -5.30
N LYS B 194 -37.03 -2.12 -4.06
CA LYS B 194 -37.11 -3.17 -3.02
C LYS B 194 -38.23 -4.09 -3.46
N PRO B 195 -37.95 -5.38 -3.71
CA PRO B 195 -38.92 -6.26 -4.33
C PRO B 195 -40.11 -6.58 -3.43
N ALA B 196 -41.15 -7.12 -4.05
CA ALA B 196 -42.42 -7.45 -3.39
C ALA B 196 -42.18 -8.56 -2.38
N THR B 197 -41.24 -9.45 -2.66
CA THR B 197 -41.03 -10.68 -1.88
C THR B 197 -40.30 -10.34 -0.60
N ASP B 198 -39.70 -9.16 -0.47
CA ASP B 198 -39.00 -8.77 0.78
C ASP B 198 -39.99 -8.61 1.93
N GLU B 199 -41.21 -8.17 1.63
CA GLU B 199 -42.28 -8.10 2.65
C GLU B 199 -43.03 -9.42 2.68
N LEU B 200 -42.97 -10.22 1.62
CA LEU B 200 -43.63 -11.55 1.64
C LEU B 200 -42.80 -12.52 2.49
N VAL B 201 -41.46 -12.45 2.43
CA VAL B 201 -40.59 -13.32 3.28
C VAL B 201 -40.73 -12.84 4.71
N GLY B 202 -40.96 -11.54 4.92
CA GLY B 202 -41.11 -10.94 6.26
C GLY B 202 -42.40 -11.41 6.90
N LEU B 203 -43.38 -11.82 6.09
CA LEU B 203 -44.71 -12.27 6.58
C LEU B 203 -44.79 -13.77 6.62
N LEU B 204 -44.09 -14.47 5.74
CA LEU B 204 -44.01 -15.95 5.83
C LEU B 204 -43.17 -16.35 7.05
N THR B 205 -42.22 -15.52 7.44
CA THR B 205 -41.44 -15.70 8.68
C THR B 205 -42.44 -15.62 9.83
N LYS B 206 -43.22 -14.55 9.83
CA LYS B 206 -44.16 -14.26 10.93
C LYS B 206 -45.28 -15.30 10.95
N ALA B 207 -45.60 -15.91 9.80
CA ALA B 207 -46.58 -17.01 9.72
C ALA B 207 -46.07 -18.22 10.51
N LEU B 208 -44.76 -18.45 10.56
CA LEU B 208 -44.17 -19.62 11.26
C LEU B 208 -44.45 -19.50 12.74
N PHE B 209 -44.48 -18.30 13.29
CA PHE B 209 -44.70 -18.14 14.74
C PHE B 209 -46.18 -18.32 15.09
N ARG B 210 -47.05 -18.28 14.07
CA ARG B 210 -48.50 -18.49 14.25
C ARG B 210 -48.86 -19.91 13.88
N LEU B 211 -48.13 -20.53 12.97
CA LEU B 211 -48.36 -21.94 12.61
C LEU B 211 -47.78 -22.87 13.68
N TYR B 212 -46.87 -22.40 14.54
CA TYR B 212 -46.26 -23.21 15.62
C TYR B 212 -46.98 -22.97 16.94
N GLY B 213 -47.88 -21.99 16.99
CA GLY B 213 -48.64 -21.74 18.23
C GLY B 213 -47.84 -20.98 19.26
N LEU B 214 -47.00 -20.06 18.81
CA LEU B 214 -46.21 -19.21 19.73
C LEU B 214 -46.98 -17.90 19.90
N GLY B 215 -47.31 -17.53 21.13
CA GLY B 215 -48.12 -16.33 21.36
C GLY B 215 -47.30 -15.06 21.30
N LEU B 216 -46.54 -14.86 20.22
CA LEU B 216 -45.53 -13.79 20.17
C LEU B 216 -46.10 -12.57 19.46
N ASN B 217 -47.38 -12.55 19.10
CA ASN B 217 -48.02 -11.38 18.44
C ASN B 217 -48.78 -10.52 19.45
N LYS B 218 -48.88 -10.94 20.71
CA LYS B 218 -49.73 -10.22 21.71
C LYS B 218 -48.95 -9.10 22.38
N ILE B 219 -47.83 -9.42 23.02
CA ILE B 219 -47.04 -8.43 23.80
C ILE B 219 -46.26 -7.55 22.83
N ARG B 220 -46.40 -6.25 22.97
CA ARG B 220 -45.68 -5.29 22.12
C ARG B 220 -44.60 -4.62 22.98
N TYR B 221 -43.38 -4.65 22.46
CA TYR B 221 -42.16 -4.14 23.11
C TYR B 221 -41.79 -2.81 22.50
N PRO B 222 -41.43 -1.81 23.32
CA PRO B 222 -41.01 -0.52 22.82
C PRO B 222 -39.82 -0.59 21.88
N PHE B 223 -39.88 0.13 20.80
CA PHE B 223 -38.79 0.08 19.81
C PHE B 223 -38.40 1.48 19.36
N TYR B 224 -39.31 2.43 19.33
CA TYR B 224 -38.99 3.78 18.82
C TYR B 224 -39.74 4.80 19.67
N GLN B 225 -39.00 5.49 20.51
CA GLN B 225 -39.56 6.56 21.35
C GLN B 225 -40.01 7.71 20.47
N LEU B 226 -41.23 8.20 20.66
CA LEU B 226 -41.75 9.31 19.84
C LEU B 226 -41.53 10.63 20.56
N ASP B 227 -42.07 11.70 20.01
CA ASP B 227 -41.70 13.08 20.39
C ASP B 227 -42.32 13.42 21.73
N ASP B 228 -43.35 12.69 22.17
CA ASP B 228 -43.97 12.91 23.51
C ASP B 228 -43.56 11.78 24.47
N LYS B 229 -42.41 11.15 24.20
CA LYS B 229 -41.83 10.04 24.99
C LYS B 229 -42.79 8.85 25.06
N LYS B 230 -43.59 8.68 24.01
CA LYS B 230 -44.39 7.46 23.75
C LYS B 230 -43.62 6.57 22.79
N TYR B 231 -43.93 5.29 22.80
CA TYR B 231 -43.13 4.29 22.09
C TYR B 231 -43.92 3.68 20.95
N TYR B 232 -43.38 3.74 19.75
CA TYR B 232 -43.80 2.86 18.64
C TYR B 232 -43.41 1.43 18.99
N SER B 233 -44.37 0.62 19.42
CA SER B 233 -44.11 -0.73 19.99
C SER B 233 -44.30 -1.79 18.91
N LEU B 234 -43.51 -2.85 19.00
CA LEU B 234 -43.53 -3.98 18.05
C LEU B 234 -43.66 -5.27 18.84
N THR B 235 -44.17 -6.31 18.21
CA THR B 235 -44.28 -7.63 18.84
C THR B 235 -42.97 -8.39 18.64
N ALA B 236 -42.79 -9.46 19.38
CA ALA B 236 -41.63 -10.37 19.21
C ALA B 236 -41.76 -11.06 17.84
N GLU B 237 -42.97 -11.28 17.35
CA GLU B 237 -43.16 -11.75 15.97
C GLU B 237 -42.64 -10.69 14.98
N ASP B 238 -43.05 -9.44 15.15
CA ASP B 238 -42.61 -8.32 14.29
C ASP B 238 -41.11 -8.13 14.44
N LEU B 239 -40.56 -8.30 15.64
CA LEU B 239 -39.13 -7.96 15.87
C LEU B 239 -38.24 -9.00 15.19
N ILE B 240 -38.55 -10.28 15.36
CA ILE B 240 -37.73 -11.37 14.77
C ILE B 240 -37.90 -11.38 13.25
N SER B 241 -39.09 -11.12 12.74
CA SER B 241 -39.41 -11.27 11.30
C SER B 241 -38.81 -10.13 10.47
N TYR B 242 -38.45 -9.01 11.08
CA TYR B 242 -37.96 -7.83 10.33
C TYR B 242 -36.46 -7.93 10.13
N GLY B 243 -35.95 -9.16 10.18
CA GLY B 243 -34.55 -9.48 9.86
C GLY B 243 -33.66 -9.15 11.03
N GLY B 244 -32.38 -8.93 10.76
CA GLY B 244 -31.43 -8.43 11.76
C GLY B 244 -31.85 -7.04 12.18
N PHE B 245 -31.58 -6.68 13.40
CA PHE B 245 -32.08 -5.44 14.05
C PHE B 245 -31.40 -5.38 15.38
N SER B 246 -30.96 -4.22 15.83
CA SER B 246 -30.47 -4.20 17.22
C SER B 246 -31.66 -4.05 18.15
N ALA B 247 -31.36 -4.09 19.45
CA ALA B 247 -32.29 -4.53 20.51
C ALA B 247 -32.86 -5.91 20.18
N ASN B 248 -31.96 -6.84 19.87
CA ASN B 248 -32.34 -8.22 19.48
C ASN B 248 -33.18 -8.83 20.58
N VAL B 249 -34.15 -9.63 20.15
CA VAL B 249 -34.90 -10.52 21.06
C VAL B 249 -33.90 -11.53 21.61
N VAL B 250 -32.92 -11.88 20.79
CA VAL B 250 -32.09 -13.10 20.98
C VAL B 250 -30.66 -12.65 21.25
N ASN B 251 -30.47 -11.49 21.90
CA ASN B 251 -29.14 -11.00 22.36
C ASN B 251 -28.74 -11.82 23.58
N LEU B 252 -28.01 -12.92 23.39
CA LEU B 252 -27.77 -13.94 24.47
C LEU B 252 -27.25 -13.27 25.71
N GLN B 253 -26.41 -12.25 25.59
CA GLN B 253 -25.82 -11.70 26.83
C GLN B 253 -26.89 -11.99 27.87
N PRO B 254 -26.65 -12.92 28.82
CA PRO B 254 -27.69 -13.39 29.71
C PRO B 254 -29.09 -13.05 29.19
N TYR B 255 -29.64 -13.88 28.28
CA TYR B 255 -30.99 -13.66 27.70
C TYR B 255 -31.83 -12.77 28.59
N TYR B 256 -32.22 -11.59 28.10
CA TYR B 256 -32.95 -10.54 28.87
C TYR B 256 -34.37 -10.40 28.37
N PHE B 257 -34.55 -10.34 27.04
CA PHE B 257 -35.80 -9.92 26.34
C PHE B 257 -36.79 -11.03 26.58
N LEU B 258 -38.07 -10.78 26.39
CA LEU B 258 -39.11 -11.79 26.75
C LEU B 258 -38.96 -12.16 28.23
N GLU B 259 -38.98 -11.17 29.09
CA GLU B 259 -39.01 -11.34 30.55
C GLU B 259 -40.19 -12.23 30.92
N ASP B 260 -39.91 -13.38 31.54
CA ASP B 260 -40.90 -14.39 32.01
C ASP B 260 -41.92 -14.76 30.90
N GLN B 261 -41.56 -14.58 29.64
CA GLN B 261 -42.45 -14.91 28.50
C GLN B 261 -41.91 -16.08 27.68
N PHE B 262 -40.60 -16.32 27.73
CA PHE B 262 -40.02 -17.50 27.06
C PHE B 262 -40.52 -18.78 27.74
N THR B 263 -40.76 -18.75 29.04
CA THR B 263 -41.23 -19.93 29.78
C THR B 263 -42.64 -20.28 29.35
N LYS B 264 -43.40 -19.27 28.91
CA LYS B 264 -44.76 -19.49 28.36
C LYS B 264 -44.62 -20.06 26.94
N VAL B 265 -43.72 -19.49 26.14
CA VAL B 265 -43.52 -19.93 24.72
C VAL B 265 -42.92 -21.34 24.72
N LYS B 266 -42.05 -21.65 25.66
CA LYS B 266 -41.45 -22.99 25.75
C LYS B 266 -42.53 -23.99 26.17
N GLU B 267 -43.46 -23.61 27.04
CA GLU B 267 -44.51 -24.54 27.51
C GLU B 267 -45.51 -24.73 26.38
N LYS B 268 -45.71 -23.71 25.53
CA LYS B 268 -46.63 -23.82 24.38
C LYS B 268 -46.02 -24.77 23.34
N TYR B 269 -44.72 -24.66 23.10
CA TYR B 269 -44.00 -25.51 22.10
C TYR B 269 -43.87 -26.94 22.64
N GLU B 270 -43.24 -27.12 23.79
CA GLU B 270 -42.82 -28.44 24.29
C GLU B 270 -44.01 -29.19 24.91
N SER B 271 -45.24 -28.68 24.85
CA SER B 271 -46.45 -29.47 25.18
C SER B 271 -47.11 -29.96 23.90
N ALA B 272 -47.14 -29.12 22.87
CA ALA B 272 -47.69 -29.48 21.54
C ALA B 272 -46.83 -30.56 20.87
N LYS B 273 -45.55 -30.65 21.20
CA LYS B 273 -44.68 -31.74 20.71
C LYS B 273 -45.15 -33.06 21.30
N LYS B 274 -45.71 -33.05 22.52
CA LYS B 274 -46.15 -34.29 23.18
C LYS B 274 -47.45 -34.77 22.53
N ARG B 275 -48.43 -33.88 22.44
CA ARG B 275 -49.70 -34.18 21.75
C ARG B 275 -49.43 -34.11 20.25
N ILE B 276 -48.89 -35.19 19.70
CA ILE B 276 -48.62 -35.27 18.24
C ILE B 276 -49.28 -36.51 17.63
N ASP B 277 -49.58 -37.53 18.43
CA ASP B 277 -50.30 -38.75 17.97
C ASP B 277 -51.60 -38.88 18.76
N ASP B 278 -52.00 -37.80 19.44
CA ASP B 278 -53.24 -37.77 20.24
C ASP B 278 -54.44 -37.89 19.32
N ILE B 279 -54.37 -37.27 18.16
CA ILE B 279 -55.44 -37.34 17.13
C ILE B 279 -54.80 -37.69 15.80
N LYS B 280 -55.21 -38.80 15.21
CA LYS B 280 -54.60 -39.32 13.96
C LYS B 280 -55.48 -38.91 12.78
N VAL B 281 -54.87 -38.33 11.76
CA VAL B 281 -55.58 -37.87 10.54
C VAL B 281 -55.18 -38.75 9.37
N ASN B 282 -53.90 -38.72 8.99
CA ASN B 282 -53.34 -39.56 7.90
C ASN B 282 -52.12 -40.31 8.42
N ASP B 283 -51.43 -40.97 7.51
CA ASP B 283 -50.03 -41.40 7.75
C ASP B 283 -49.09 -40.29 7.32
N GLU B 284 -49.58 -39.27 6.62
CA GLU B 284 -48.78 -38.10 6.18
C GLU B 284 -48.99 -36.89 7.09
N TYR B 285 -50.15 -36.78 7.73
CA TYR B 285 -50.40 -35.67 8.67
C TYR B 285 -49.62 -35.93 9.95
N SER B 286 -49.52 -37.19 10.34
CA SER B 286 -48.70 -37.58 11.51
C SER B 286 -47.22 -37.50 11.15
N GLN B 287 -46.88 -37.57 9.87
CA GLN B 287 -45.46 -37.56 9.43
C GLN B 287 -44.96 -36.13 9.23
N MET B 288 -45.84 -35.19 8.96
CA MET B 288 -45.42 -33.77 8.91
C MET B 288 -45.35 -33.21 10.34
N LEU B 289 -46.22 -33.69 11.22
CA LEU B 289 -46.26 -33.20 12.61
C LEU B 289 -45.07 -33.76 13.38
N THR B 290 -44.51 -34.89 12.96
CA THR B 290 -43.25 -35.40 13.53
C THR B 290 -42.11 -34.52 13.03
N LEU B 291 -42.21 -34.04 11.79
CA LEU B 291 -41.16 -33.21 11.15
C LEU B 291 -41.37 -31.76 11.52
N LYS B 292 -42.55 -31.38 12.02
CA LYS B 292 -42.79 -29.96 12.37
C LYS B 292 -42.03 -29.65 13.67
N TYR B 293 -42.20 -30.47 14.69
CA TYR B 293 -41.54 -30.28 16.00
C TYR B 293 -40.21 -30.99 15.99
N GLN B 294 -39.44 -30.77 14.93
CA GLN B 294 -38.03 -31.18 14.78
C GLN B 294 -37.21 -29.92 14.55
N PHE B 295 -37.86 -28.88 14.05
CA PHE B 295 -37.34 -27.49 14.03
C PHE B 295 -37.51 -26.93 15.42
N ASP B 296 -36.44 -26.90 16.20
CA ASP B 296 -36.53 -26.55 17.65
C ASP B 296 -36.88 -25.07 17.83
N LEU B 297 -37.17 -24.72 19.06
CA LEU B 297 -37.68 -23.38 19.41
C LEU B 297 -36.53 -22.38 19.32
N TYR B 298 -35.29 -22.83 19.45
CA TYR B 298 -34.09 -21.99 19.21
C TYR B 298 -34.09 -21.55 17.74
N SER B 299 -34.57 -22.41 16.84
CA SER B 299 -34.45 -22.18 15.39
C SER B 299 -35.48 -21.14 14.98
N LEU B 300 -36.65 -21.16 15.60
CA LEU B 300 -37.70 -20.18 15.26
C LEU B 300 -37.24 -18.79 15.70
N PHE B 301 -36.78 -18.64 16.94
CA PHE B 301 -36.42 -17.31 17.47
C PHE B 301 -35.16 -16.79 16.80
N HIS B 302 -34.39 -17.65 16.15
CA HIS B 302 -33.16 -17.22 15.43
C HIS B 302 -33.32 -17.37 13.92
N ILE B 303 -34.55 -17.35 13.40
CA ILE B 303 -34.78 -17.33 11.93
C ILE B 303 -34.14 -16.06 11.42
N SER B 304 -33.17 -16.19 10.54
CA SER B 304 -32.68 -15.02 9.78
C SER B 304 -32.93 -15.30 8.33
N THR B 305 -33.57 -14.38 7.64
CA THR B 305 -33.84 -14.49 6.20
C THR B 305 -32.96 -13.47 5.50
N SER B 306 -31.70 -13.36 5.92
CA SER B 306 -30.78 -12.31 5.43
C SER B 306 -30.41 -12.59 3.98
N TYR B 307 -30.35 -13.86 3.60
CA TYR B 307 -30.01 -14.26 2.21
C TYR B 307 -31.23 -14.06 1.32
N ILE B 308 -32.43 -14.02 1.89
CA ILE B 308 -33.67 -13.99 1.08
C ILE B 308 -34.10 -12.53 0.89
N VAL B 309 -33.99 -11.69 1.92
CA VAL B 309 -34.34 -10.25 1.75
C VAL B 309 -33.23 -9.59 0.94
N SER B 310 -33.51 -8.45 0.34
CA SER B 310 -32.54 -7.71 -0.47
C SER B 310 -31.92 -6.60 0.35
N THR B 311 -30.68 -6.26 0.05
CA THR B 311 -30.02 -5.09 0.65
C THR B 311 -30.20 -3.92 -0.30
N VAL B 312 -31.44 -3.67 -0.69
CA VAL B 312 -31.76 -2.53 -1.60
C VAL B 312 -31.67 -1.26 -0.78
N ILE B 313 -32.26 -1.28 0.41
CA ILE B 313 -32.24 -0.11 1.31
C ILE B 313 -31.17 -0.37 2.36
N PRO B 314 -30.05 0.36 2.29
CA PRO B 314 -28.93 0.17 3.21
C PRO B 314 -29.19 0.75 4.60
N ALA B 315 -29.99 0.08 5.41
CA ALA B 315 -30.54 0.59 6.70
C ALA B 315 -31.71 -0.30 7.10
N ASN B 316 -32.07 -1.22 6.22
CA ASN B 316 -33.24 -2.11 6.39
C ASN B 316 -33.13 -2.96 7.66
N ASP B 317 -31.94 -3.09 8.21
CA ASP B 317 -31.75 -3.91 9.41
C ASP B 317 -31.59 -3.00 10.62
N LYS B 318 -31.91 -1.72 10.50
CA LYS B 318 -31.85 -0.79 11.66
C LYS B 318 -33.25 -0.52 12.20
N TYR B 319 -34.13 0.03 11.37
CA TYR B 319 -35.52 0.32 11.78
C TYR B 319 -36.34 -0.96 11.94
N GLY B 320 -37.46 -0.86 12.65
CA GLY B 320 -38.33 -2.02 12.94
C GLY B 320 -39.41 -2.14 11.89
N GLY B 321 -39.02 -2.33 10.63
CA GLY B 321 -39.97 -2.45 9.51
C GLY B 321 -40.60 -1.11 9.16
N LEU B 322 -40.03 0.01 9.58
CA LEU B 322 -40.57 1.33 9.22
C LEU B 322 -39.84 1.83 7.98
N VAL B 323 -39.82 1.01 6.94
CA VAL B 323 -39.12 1.32 5.68
C VAL B 323 -39.82 2.48 4.97
N SER B 324 -41.15 2.54 5.03
CA SER B 324 -41.95 3.59 4.33
C SER B 324 -41.77 4.93 5.05
N TYR B 325 -41.53 4.93 6.35
CA TYR B 325 -41.34 6.19 7.11
C TYR B 325 -39.89 6.64 6.97
N TYR B 326 -38.96 5.69 6.92
CA TYR B 326 -37.52 5.97 6.79
C TYR B 326 -37.27 6.62 5.44
N THR B 327 -37.69 5.96 4.37
CA THR B 327 -37.40 6.42 2.99
C THR B 327 -38.29 7.59 2.64
N GLY B 328 -39.40 7.75 3.34
CA GLY B 328 -40.38 8.81 3.06
C GLY B 328 -41.49 8.21 2.23
N PRO B 329 -42.64 8.88 2.10
CA PRO B 329 -43.70 8.39 1.23
C PRO B 329 -43.45 8.62 -0.26
N ASN B 330 -42.45 9.42 -0.62
CA ASN B 330 -42.09 9.65 -2.04
C ASN B 330 -41.53 8.35 -2.65
N ALA B 331 -41.07 7.43 -1.80
CA ALA B 331 -40.40 6.19 -2.24
C ALA B 331 -41.42 5.09 -2.53
N LEU B 332 -42.65 5.23 -2.04
CA LEU B 332 -43.71 4.23 -2.31
C LEU B 332 -44.16 4.38 -3.77
N ILE B 333 -43.94 3.34 -4.55
CA ILE B 333 -44.25 3.37 -6.00
C ILE B 333 -45.19 2.23 -6.33
N ASP B 334 -45.58 2.17 -7.60
CA ASP B 334 -46.42 1.06 -8.13
C ASP B 334 -45.54 0.10 -8.90
N SER B 335 -45.96 -1.17 -8.96
CA SER B 335 -45.21 -2.23 -9.68
C SER B 335 -45.28 -1.98 -11.18
N LYS B 336 -46.46 -1.69 -11.71
CA LYS B 336 -46.69 -1.66 -13.18
C LYS B 336 -46.13 -0.37 -13.79
N THR B 337 -46.02 0.70 -12.99
CA THR B 337 -45.66 2.05 -13.50
C THR B 337 -44.23 2.41 -13.11
N ASP B 338 -43.81 2.01 -11.91
CA ASP B 338 -42.53 2.41 -11.26
C ASP B 338 -42.50 3.93 -11.10
N GLU B 339 -43.64 4.52 -10.79
CA GLU B 339 -43.71 5.95 -10.34
C GLU B 339 -44.59 6.03 -9.10
N LYS B 340 -44.69 7.23 -8.54
CA LYS B 340 -45.35 7.51 -7.24
C LYS B 340 -46.83 7.16 -7.33
N LEU B 341 -47.44 6.87 -6.19
CA LEU B 341 -48.79 6.29 -6.18
C LEU B 341 -49.87 7.33 -6.46
N THR B 342 -49.62 8.61 -6.13
CA THR B 342 -50.47 9.79 -6.51
C THR B 342 -51.87 9.74 -5.91
N SER B 343 -52.24 8.73 -5.12
CA SER B 343 -53.58 8.60 -4.50
C SER B 343 -53.48 8.18 -3.04
N MET B 344 -52.27 7.93 -2.52
CA MET B 344 -52.09 7.63 -1.09
C MET B 344 -52.38 8.89 -0.29
N VAL B 345 -53.16 8.76 0.76
CA VAL B 345 -53.31 9.90 1.70
C VAL B 345 -52.03 10.02 2.50
N LYS B 346 -51.27 11.07 2.26
CA LYS B 346 -50.01 11.36 2.97
C LYS B 346 -50.29 12.45 4.00
N ILE B 347 -50.72 12.06 5.18
CA ILE B 347 -51.08 13.04 6.23
C ILE B 347 -49.88 13.20 7.14
N PRO B 348 -49.14 14.33 7.07
CA PRO B 348 -47.90 14.48 7.82
C PRO B 348 -48.18 14.63 9.31
N LEU B 349 -47.15 14.46 10.12
CA LEU B 349 -47.27 14.73 11.56
C LEU B 349 -47.03 16.23 11.77
N LYS B 350 -46.05 16.83 11.10
CA LYS B 350 -45.76 18.26 11.32
C LYS B 350 -45.59 18.94 9.96
N LYS B 351 -46.08 20.16 9.84
CA LYS B 351 -45.89 21.01 8.64
C LYS B 351 -44.96 22.14 9.04
N ILE B 352 -43.67 21.90 8.91
CA ILE B 352 -42.64 22.89 9.32
C ILE B 352 -42.54 23.91 8.20
N LYS B 353 -42.99 25.13 8.44
CA LYS B 353 -42.98 26.20 7.41
C LYS B 353 -41.90 27.22 7.75
N TYR B 354 -41.30 27.80 6.73
CA TYR B 354 -40.22 28.78 6.89
C TYR B 354 -40.79 30.19 6.86
N SER B 355 -40.34 31.04 7.77
CA SER B 355 -40.95 32.36 8.01
C SER B 355 -40.54 33.33 6.88
N LYS B 356 -39.24 33.48 6.65
CA LYS B 356 -38.70 34.57 5.80
C LYS B 356 -39.05 34.32 4.33
N ASN B 357 -39.47 33.11 3.99
CA ASN B 357 -40.10 32.81 2.69
C ASN B 357 -41.03 31.61 2.87
N GLN B 358 -42.31 31.79 2.58
CA GLN B 358 -43.30 30.69 2.70
C GLN B 358 -43.08 29.70 1.54
N SER B 359 -43.88 28.63 1.53
CA SER B 359 -43.87 27.56 0.52
C SER B 359 -42.57 26.74 0.60
N ARG B 360 -41.80 26.91 1.66
CA ARG B 360 -40.68 26.00 2.01
C ARG B 360 -41.17 25.10 3.13
N GLU B 361 -42.18 24.30 2.84
CA GLU B 361 -42.76 23.38 3.84
C GLU B 361 -41.93 22.10 3.86
N TYR B 362 -41.57 21.62 5.05
CA TYR B 362 -41.12 20.23 5.22
C TYR B 362 -42.23 19.43 5.89
N ASP B 363 -42.91 18.59 5.13
CA ASP B 363 -43.98 17.72 5.70
C ASP B 363 -43.29 16.56 6.41
N GLU B 364 -43.34 16.54 7.73
CA GLU B 364 -42.62 15.54 8.52
C GLU B 364 -43.52 14.32 8.75
N TYR B 365 -43.42 13.31 7.89
CA TYR B 365 -44.18 12.06 8.06
C TYR B 365 -43.40 11.20 9.05
N ASP B 366 -43.77 11.32 10.30
CA ASP B 366 -43.23 10.51 11.40
C ASP B 366 -44.41 9.76 12.02
N LEU B 367 -44.15 9.05 13.11
CA LEU B 367 -45.18 8.25 13.77
C LEU B 367 -45.84 9.06 14.88
N THR B 368 -47.07 8.67 15.20
CA THR B 368 -47.89 9.34 16.23
C THR B 368 -48.59 8.24 17.03
N ASN B 369 -49.23 8.63 18.13
CA ASN B 369 -50.21 7.79 18.88
C ASN B 369 -49.49 6.57 19.44
N GLY B 370 -48.26 6.78 19.92
CA GLY B 370 -47.44 5.69 20.47
C GLY B 370 -48.03 5.16 21.76
N GLU B 371 -47.56 4.02 22.19
CA GLU B 371 -48.02 3.44 23.47
C GLU B 371 -47.32 4.15 24.63
N ASP B 372 -47.97 4.12 25.78
CA ASP B 372 -47.45 4.77 27.01
C ASP B 372 -46.72 3.70 27.81
N SER B 373 -45.53 3.34 27.35
CA SER B 373 -44.66 2.33 28.00
C SER B 373 -43.54 3.03 28.75
N THR B 374 -43.83 4.14 29.44
CA THR B 374 -42.80 4.96 30.15
C THR B 374 -42.22 4.16 31.32
N GLN B 375 -43.06 3.37 32.00
CA GLN B 375 -42.62 2.56 33.16
C GLN B 375 -42.35 1.13 32.69
N TYR B 376 -41.55 0.96 31.63
CA TYR B 376 -41.25 -0.38 31.08
C TYR B 376 -39.85 -0.80 31.49
N PHE B 377 -38.87 0.06 31.19
CA PHE B 377 -37.46 -0.20 31.55
C PHE B 377 -37.23 -0.08 33.06
N GLU B 378 -38.19 0.43 33.84
CA GLU B 378 -38.08 0.42 35.31
C GLU B 378 -38.61 -0.89 35.85
N ASN B 379 -39.77 -1.33 35.39
CA ASN B 379 -40.35 -2.62 35.85
C ASN B 379 -39.84 -3.76 34.98
N PHE B 380 -38.53 -3.84 34.74
CA PHE B 380 -37.95 -4.88 33.85
C PHE B 380 -37.53 -6.07 34.71
N THR B 381 -38.29 -7.14 34.64
CA THR B 381 -37.92 -8.41 35.29
C THR B 381 -36.81 -9.06 34.45
N PHE B 382 -35.89 -9.76 35.06
CA PHE B 382 -34.88 -10.52 34.29
C PHE B 382 -35.03 -11.99 34.58
N PRO B 383 -34.83 -12.89 33.61
CA PRO B 383 -34.90 -14.32 33.86
C PRO B 383 -33.73 -14.80 34.73
N LYS B 384 -33.92 -15.96 35.36
CA LYS B 384 -32.88 -16.55 36.22
C LYS B 384 -31.76 -17.08 35.33
N SER B 385 -30.64 -16.35 35.27
CA SER B 385 -29.52 -16.66 34.38
C SER B 385 -28.79 -17.92 34.84
N LYS B 386 -28.21 -18.63 33.89
CA LYS B 386 -27.48 -19.89 34.15
C LYS B 386 -26.05 -19.58 34.63
N HIS B 387 -25.64 -18.31 34.60
CA HIS B 387 -24.25 -17.85 34.91
C HIS B 387 -23.27 -18.58 33.99
N VAL B 388 -23.50 -18.47 32.70
CA VAL B 388 -22.62 -19.08 31.66
C VAL B 388 -22.40 -18.06 30.57
N PHE B 389 -21.16 -17.72 30.26
CA PHE B 389 -20.78 -16.94 29.07
C PHE B 389 -21.01 -17.83 27.88
N VAL B 390 -21.93 -17.46 26.98
CA VAL B 390 -22.14 -18.25 25.74
C VAL B 390 -21.47 -17.53 24.58
N GLU B 391 -20.50 -18.19 23.97
CA GLU B 391 -19.73 -17.63 22.83
C GLU B 391 -20.69 -17.48 21.66
N THR B 392 -21.02 -16.26 21.30
CA THR B 392 -21.91 -15.99 20.16
C THR B 392 -21.18 -15.10 19.17
N GLN B 393 -21.87 -14.79 18.11
CA GLN B 393 -21.31 -14.10 16.93
C GLN B 393 -22.39 -13.14 16.48
N PRO B 394 -22.05 -11.88 16.24
CA PRO B 394 -23.07 -10.85 16.12
C PRO B 394 -23.84 -10.91 14.79
N THR B 395 -23.29 -11.61 13.82
CA THR B 395 -23.95 -11.86 12.53
C THR B 395 -25.05 -12.89 12.75
N PRO B 396 -26.05 -12.93 11.86
CA PRO B 396 -27.01 -14.02 11.88
C PRO B 396 -26.41 -15.41 11.62
N GLU B 397 -27.26 -16.40 11.76
CA GLU B 397 -26.92 -17.78 11.37
C GLU B 397 -27.99 -18.32 10.44
N ASN B 398 -27.57 -19.13 9.48
CA ASN B 398 -28.40 -20.18 8.87
C ASN B 398 -28.98 -21.01 10.01
N VAL B 399 -30.27 -21.24 10.02
CA VAL B 399 -30.85 -22.01 11.14
C VAL B 399 -31.72 -23.15 10.62
N PHE B 400 -31.77 -23.31 9.30
CA PHE B 400 -32.55 -24.37 8.63
C PHE B 400 -31.77 -25.68 8.60
N VAL B 401 -30.62 -25.78 9.26
CA VAL B 401 -29.91 -27.07 9.36
C VAL B 401 -30.63 -27.94 10.38
N ASN B 402 -31.46 -27.35 11.24
CA ASN B 402 -32.33 -28.14 12.15
C ASN B 402 -33.65 -28.52 11.45
N LEU B 403 -33.94 -27.87 10.33
CA LEU B 403 -35.21 -28.09 9.59
C LEU B 403 -35.06 -29.33 8.73
N PRO B 404 -35.98 -30.30 8.80
CA PRO B 404 -35.88 -31.48 7.96
C PRO B 404 -36.42 -31.15 6.57
N SER B 405 -35.70 -30.30 5.83
CA SER B 405 -36.25 -29.58 4.66
C SER B 405 -36.52 -30.55 3.51
N GLU B 406 -35.72 -31.58 3.28
CA GLU B 406 -36.00 -32.56 2.20
C GLU B 406 -37.10 -33.52 2.64
N GLU B 407 -37.29 -33.72 3.92
CA GLU B 407 -38.27 -34.72 4.40
C GLU B 407 -39.68 -34.12 4.33
N ILE B 408 -39.79 -32.79 4.41
CA ILE B 408 -41.08 -32.07 4.28
C ILE B 408 -41.52 -32.18 2.82
N THR B 409 -40.60 -31.97 1.87
CA THR B 409 -40.94 -31.88 0.43
C THR B 409 -41.40 -33.24 -0.13
N LYS B 410 -41.02 -34.34 0.51
CA LYS B 410 -41.43 -35.69 0.06
C LYS B 410 -42.83 -36.01 0.60
N ILE B 411 -43.39 -35.16 1.46
CA ILE B 411 -44.75 -35.41 2.03
C ILE B 411 -45.73 -34.47 1.37
N ILE B 412 -46.71 -35.04 0.67
CA ILE B 412 -47.89 -34.30 0.19
C ILE B 412 -49.09 -34.83 0.96
N LEU B 413 -49.84 -33.93 1.57
CA LEU B 413 -50.97 -34.37 2.40
C LEU B 413 -52.11 -34.64 1.45
N PRO B 414 -52.83 -35.77 1.61
CA PRO B 414 -53.95 -36.06 0.74
C PRO B 414 -55.16 -35.20 1.10
N VAL B 415 -56.08 -35.09 0.16
CA VAL B 415 -57.41 -34.46 0.42
C VAL B 415 -58.18 -35.38 1.36
N ILE B 416 -58.96 -34.78 2.24
CA ILE B 416 -59.65 -35.52 3.33
C ILE B 416 -61.13 -35.51 3.03
N PRO B 417 -61.79 -36.68 2.83
CA PRO B 417 -63.24 -36.70 2.66
C PRO B 417 -63.98 -36.27 3.94
N ALA B 418 -64.69 -35.15 3.88
CA ALA B 418 -65.30 -34.50 5.06
C ALA B 418 -66.83 -34.56 5.00
N GLU B 419 -67.41 -33.98 3.94
CA GLU B 419 -68.87 -33.70 3.73
C GLU B 419 -69.55 -33.20 5.03
N SER B 420 -68.87 -32.37 5.82
CA SER B 420 -69.44 -31.73 7.03
C SER B 420 -69.64 -30.24 6.77
N ASP B 421 -70.58 -29.63 7.49
CA ASP B 421 -71.00 -28.24 7.24
C ASP B 421 -69.91 -27.27 7.71
N LEU B 422 -70.07 -26.01 7.37
CA LEU B 422 -69.01 -24.98 7.50
C LEU B 422 -69.20 -24.22 8.82
N ILE B 423 -68.09 -24.01 9.52
CA ILE B 423 -68.05 -23.11 10.71
C ILE B 423 -67.50 -21.78 10.24
N LYS B 424 -68.24 -20.69 10.47
CA LYS B 424 -67.81 -19.34 10.03
C LYS B 424 -67.19 -18.60 11.21
N ILE B 425 -66.11 -17.87 10.91
CA ILE B 425 -65.36 -17.08 11.92
C ILE B 425 -65.42 -15.63 11.49
N PRO B 426 -65.90 -14.72 12.35
CA PRO B 426 -66.03 -13.31 11.95
C PRO B 426 -64.69 -12.58 11.95
N PHE B 427 -64.58 -11.59 11.08
CA PHE B 427 -63.36 -10.78 10.93
C PHE B 427 -63.68 -9.34 11.33
N GLN B 428 -63.14 -8.91 12.47
CA GLN B 428 -63.32 -7.52 12.96
C GLN B 428 -61.99 -6.80 12.83
N PRO B 429 -61.94 -5.72 12.02
CA PRO B 429 -60.66 -5.12 11.64
C PRO B 429 -60.06 -4.22 12.73
N ALA B 430 -58.98 -3.52 12.37
CA ALA B 430 -58.30 -2.54 13.25
C ALA B 430 -59.09 -1.23 13.25
N THR B 431 -59.02 -0.50 14.36
CA THR B 431 -59.63 0.83 14.52
C THR B 431 -58.51 1.85 14.62
N PRO B 432 -58.00 2.38 13.50
CA PRO B 432 -56.82 3.25 13.54
C PRO B 432 -57.16 4.65 14.03
N LYS B 433 -56.25 5.24 14.81
CA LYS B 433 -56.37 6.63 15.31
C LYS B 433 -56.08 7.59 14.17
N SER B 434 -56.52 8.84 14.32
CA SER B 434 -56.27 9.91 13.32
C SER B 434 -54.85 10.44 13.51
N ILE B 435 -54.33 11.07 12.47
CA ILE B 435 -53.01 11.74 12.53
C ILE B 435 -53.26 13.24 12.51
N THR B 436 -53.13 13.87 13.67
CA THR B 436 -53.29 15.33 13.82
C THR B 436 -51.99 16.00 13.37
N THR B 437 -52.09 16.92 12.42
CA THR B 437 -50.92 17.55 11.80
C THR B 437 -50.66 18.91 12.46
N GLU B 438 -49.52 19.05 13.14
CA GLU B 438 -49.05 20.37 13.63
C GLU B 438 -48.64 21.24 12.45
N LEU B 439 -48.77 22.56 12.60
CA LEU B 439 -48.34 23.54 11.58
C LEU B 439 -47.33 24.49 12.22
N ILE B 440 -46.09 24.06 12.26
CA ILE B 440 -44.97 24.81 12.90
C ILE B 440 -44.45 25.84 11.90
N THR B 441 -44.26 27.07 12.37
CA THR B 441 -43.68 28.15 11.56
C THR B 441 -42.36 28.55 12.22
N THR B 442 -41.24 28.22 11.57
CA THR B 442 -39.88 28.46 12.14
C THR B 442 -39.30 29.74 11.54
N ASP B 443 -38.58 30.50 12.35
CA ASP B 443 -38.00 31.81 11.95
C ASP B 443 -36.54 31.64 11.52
N VAL B 444 -36.09 30.41 11.33
CA VAL B 444 -34.65 30.06 11.28
C VAL B 444 -34.52 28.80 10.46
N PRO B 445 -33.42 28.58 9.71
CA PRO B 445 -33.20 27.28 9.09
C PRO B 445 -33.12 26.12 10.09
N THR B 446 -33.81 25.04 9.77
CA THR B 446 -33.73 23.76 10.48
C THR B 446 -33.15 22.69 9.57
N LEU B 447 -32.90 21.49 10.12
CA LEU B 447 -32.39 20.34 9.33
C LEU B 447 -33.49 19.87 8.40
N GLY B 448 -34.75 19.98 8.80
CA GLY B 448 -35.90 19.53 7.99
C GLY B 448 -36.04 20.39 6.76
N LEU B 449 -35.64 21.65 6.81
CA LEU B 449 -35.82 22.57 5.65
C LEU B 449 -34.67 22.41 4.67
N ILE B 450 -33.83 21.41 4.81
CA ILE B 450 -32.83 21.11 3.75
C ILE B 450 -33.53 20.26 2.69
N PHE B 451 -34.46 19.40 3.08
CA PHE B 451 -35.20 18.57 2.10
C PHE B 451 -35.89 19.51 1.11
N PRO B 452 -36.79 20.42 1.54
CA PRO B 452 -37.34 21.44 0.65
C PRO B 452 -36.33 22.17 -0.22
N ALA B 453 -35.18 22.56 0.32
CA ALA B 453 -34.21 23.44 -0.36
C ALA B 453 -33.39 22.68 -1.40
N VAL B 454 -33.21 21.37 -1.21
CA VAL B 454 -32.32 20.56 -2.06
C VAL B 454 -33.09 20.05 -3.27
N LYS B 455 -34.42 20.14 -3.25
CA LYS B 455 -35.27 19.75 -4.41
C LYS B 455 -35.48 20.97 -5.30
N SER B 456 -35.64 20.74 -6.59
CA SER B 456 -36.00 21.81 -7.55
C SER B 456 -36.78 21.24 -8.72
N LYS B 457 -37.42 22.13 -9.47
CA LYS B 457 -38.32 21.79 -10.59
C LYS B 457 -37.98 22.66 -11.78
N GLN B 458 -36.70 22.78 -12.11
CA GLN B 458 -36.27 23.53 -13.32
C GLN B 458 -35.02 22.90 -13.89
N ASN B 459 -34.71 23.29 -15.12
CA ASN B 459 -33.65 22.69 -15.95
C ASN B 459 -32.30 23.29 -15.57
N LEU B 460 -31.25 22.81 -16.25
CA LEU B 460 -29.85 23.15 -15.95
C LEU B 460 -29.58 24.62 -16.27
N SER B 461 -30.27 25.18 -17.27
CA SER B 461 -30.04 26.58 -17.70
C SER B 461 -30.58 27.54 -16.63
N ASP B 462 -31.50 27.08 -15.76
CA ASP B 462 -32.22 27.97 -14.81
C ASP B 462 -32.18 27.41 -13.40
N ILE B 463 -31.22 26.57 -13.06
CA ILE B 463 -31.24 25.84 -11.76
C ILE B 463 -30.74 26.77 -10.66
N LYS B 464 -29.63 27.48 -10.88
CA LYS B 464 -29.04 28.46 -9.92
C LYS B 464 -28.80 27.78 -8.57
N MET B 465 -27.85 26.85 -8.52
CA MET B 465 -27.50 26.13 -7.28
C MET B 465 -26.78 27.07 -6.32
N THR B 466 -26.87 26.78 -5.04
CA THR B 466 -26.13 27.52 -4.00
C THR B 466 -25.69 26.54 -2.92
N SER B 467 -24.73 26.96 -2.12
CA SER B 467 -24.18 26.16 -0.99
C SER B 467 -24.50 26.88 0.31
N LYS B 468 -25.74 27.36 0.43
CA LYS B 468 -26.14 28.17 1.60
C LYS B 468 -27.63 27.96 1.81
N LEU B 469 -28.03 27.52 2.99
CA LEU B 469 -29.48 27.36 3.27
C LEU B 469 -30.14 28.74 3.28
N SER B 470 -29.50 29.75 3.87
CA SER B 470 -30.13 31.07 4.09
C SER B 470 -30.27 31.83 2.77
N ASP B 471 -29.92 31.24 1.62
CA ASP B 471 -30.25 31.82 0.29
C ASP B 471 -31.24 30.93 -0.45
N ALA B 472 -31.12 29.61 -0.35
CA ALA B 472 -32.05 28.69 -1.02
C ALA B 472 -33.42 28.76 -0.31
N LEU B 473 -33.42 28.90 1.01
CA LEU B 473 -34.68 28.96 1.78
C LEU B 473 -35.35 30.33 1.59
N ASP B 474 -34.61 31.39 1.30
CA ASP B 474 -35.19 32.76 1.21
C ASP B 474 -35.73 33.03 -0.19
N SER B 475 -35.11 32.50 -1.22
CA SER B 475 -35.32 32.96 -2.61
C SER B 475 -36.45 32.19 -3.29
N ASP B 476 -36.49 30.87 -3.10
CA ASP B 476 -37.37 29.90 -3.80
C ASP B 476 -37.07 29.89 -5.31
N LYS B 477 -35.92 30.42 -5.72
CA LYS B 477 -35.39 30.27 -7.09
C LYS B 477 -34.08 29.49 -7.04
N GLN B 478 -33.42 29.46 -5.89
CA GLN B 478 -32.08 28.84 -5.74
C GLN B 478 -32.23 27.49 -5.06
N THR B 479 -31.26 26.62 -5.34
CA THR B 479 -31.29 25.22 -4.87
C THR B 479 -30.06 24.96 -4.02
N PHE B 480 -30.21 24.22 -2.93
CA PHE B 480 -29.12 23.99 -1.96
C PHE B 480 -28.23 22.85 -2.45
N ALA B 481 -26.93 22.98 -2.24
CA ALA B 481 -25.94 21.89 -2.46
C ALA B 481 -24.85 21.98 -1.40
N PHE B 482 -23.97 20.98 -1.35
CA PHE B 482 -23.07 20.81 -0.20
C PHE B 482 -21.61 21.08 -0.54
N ASP B 483 -21.33 21.52 -1.75
CA ASP B 483 -19.93 21.68 -2.20
C ASP B 483 -19.91 22.80 -3.23
N ASN B 484 -19.13 23.84 -2.97
CA ASN B 484 -19.12 25.05 -3.80
C ASN B 484 -18.54 24.76 -5.19
N THR B 485 -17.75 23.71 -5.34
CA THR B 485 -17.22 23.33 -6.67
C THR B 485 -18.36 22.75 -7.51
N LEU B 486 -19.20 21.93 -6.90
CA LEU B 486 -20.36 21.34 -7.60
C LEU B 486 -21.42 22.41 -7.83
N VAL B 487 -21.44 23.46 -7.01
CA VAL B 487 -22.42 24.57 -7.19
C VAL B 487 -22.02 25.38 -8.42
N ASP B 488 -20.78 25.85 -8.51
CA ASP B 488 -20.35 26.69 -9.64
C ASP B 488 -20.23 25.86 -10.91
N LYS B 489 -20.11 24.54 -10.81
CA LYS B 489 -20.16 23.69 -12.02
C LYS B 489 -21.61 23.64 -12.50
N LEU B 490 -22.55 23.28 -11.63
CA LEU B 490 -23.97 23.12 -12.01
C LEU B 490 -24.66 24.47 -12.24
N SER B 491 -24.01 25.60 -11.99
CA SER B 491 -24.60 26.93 -12.27
C SER B 491 -24.18 27.40 -13.67
N GLU B 492 -22.89 27.33 -13.98
CA GLU B 492 -22.35 27.79 -15.29
C GLU B 492 -22.38 26.61 -16.26
N LEU B 493 -23.58 26.12 -16.54
CA LEU B 493 -23.78 24.99 -17.48
C LEU B 493 -25.16 25.12 -18.10
N THR B 494 -25.22 25.13 -19.43
CA THR B 494 -26.48 25.07 -20.20
C THR B 494 -26.62 23.70 -20.87
N SER B 495 -25.54 22.92 -20.96
CA SER B 495 -25.54 21.55 -21.52
C SER B 495 -24.40 20.78 -20.85
N VAL B 496 -24.65 19.52 -20.53
CA VAL B 496 -23.61 18.62 -19.96
C VAL B 496 -22.95 17.87 -21.11
N SER B 497 -21.70 18.16 -21.39
CA SER B 497 -20.93 17.45 -22.44
C SER B 497 -20.58 16.03 -21.95
N ASP B 498 -20.09 15.20 -22.86
CA ASP B 498 -19.59 13.84 -22.48
C ASP B 498 -18.32 13.99 -21.64
N ALA B 499 -17.52 15.03 -21.88
CA ALA B 499 -16.31 15.33 -21.09
C ALA B 499 -16.70 15.78 -19.69
N GLU B 500 -17.72 16.63 -19.58
CA GLU B 500 -18.15 17.20 -18.28
C GLU B 500 -18.96 16.17 -17.49
N LEU B 501 -19.33 15.04 -18.10
CA LEU B 501 -19.93 13.92 -17.34
C LEU B 501 -18.92 13.39 -16.33
N PHE B 502 -17.67 13.21 -16.75
CA PHE B 502 -16.62 12.69 -15.85
C PHE B 502 -16.27 13.76 -14.83
N GLY B 503 -16.25 15.02 -15.26
CA GLY B 503 -15.94 16.18 -14.40
C GLY B 503 -16.96 16.36 -13.29
N ILE B 504 -18.21 15.92 -13.49
CA ILE B 504 -19.30 16.12 -12.50
C ILE B 504 -19.27 14.95 -11.53
N ILE B 505 -19.16 13.74 -12.02
CA ILE B 505 -19.27 12.52 -11.18
C ILE B 505 -18.08 12.45 -10.23
N ARG B 506 -16.97 13.10 -10.55
CA ARG B 506 -15.85 13.16 -9.59
C ARG B 506 -16.17 14.16 -8.49
N LEU B 507 -16.96 15.17 -8.76
CA LEU B 507 -17.31 16.17 -7.73
C LEU B 507 -18.40 15.61 -6.80
N ILE B 508 -19.32 14.82 -7.33
CA ILE B 508 -20.38 14.18 -6.50
C ILE B 508 -19.71 13.11 -5.65
N LYS B 509 -18.72 12.42 -6.19
CA LYS B 509 -17.94 11.44 -5.42
C LYS B 509 -17.13 12.19 -4.37
N ASN B 510 -16.66 13.39 -4.66
CA ASN B 510 -15.89 14.18 -3.68
C ASN B 510 -16.83 14.94 -2.75
N GLU B 511 -18.13 14.95 -3.00
CA GLU B 511 -19.08 15.69 -2.11
C GLU B 511 -19.71 14.70 -1.15
N LEU B 512 -20.18 13.56 -1.66
CA LEU B 512 -21.01 12.64 -0.86
C LEU B 512 -20.18 11.50 -0.26
N LEU B 513 -18.99 11.25 -0.80
CA LEU B 513 -18.11 10.20 -0.21
C LEU B 513 -16.92 10.82 0.54
N SER B 514 -16.76 12.15 0.55
CA SER B 514 -15.71 12.82 1.34
C SER B 514 -16.03 12.71 2.83
N VAL B 515 -15.00 12.52 3.64
CA VAL B 515 -15.13 12.25 5.09
C VAL B 515 -14.18 13.17 5.86
N ILE B 516 -14.64 13.76 6.96
CA ILE B 516 -13.70 14.33 7.97
C ILE B 516 -13.36 13.21 8.95
N ASP B 517 -12.10 13.09 9.32
CA ASP B 517 -11.57 11.84 9.90
C ASP B 517 -11.63 11.90 11.43
N ASN B 518 -11.06 12.93 12.02
CA ASN B 518 -10.64 12.89 13.44
C ASN B 518 -11.67 13.61 14.31
N PHE B 519 -12.00 13.00 15.44
CA PHE B 519 -12.75 13.65 16.54
C PHE B 519 -11.93 13.61 17.83
N THR B 520 -11.40 12.43 18.18
CA THR B 520 -10.34 12.21 19.21
C THR B 520 -10.85 12.47 20.63
N THR B 521 -12.03 13.06 20.79
CA THR B 521 -12.74 13.11 22.09
C THR B 521 -14.19 12.81 21.78
N PHE B 522 -14.87 12.19 22.75
CA PHE B 522 -16.16 11.50 22.52
C PHE B 522 -15.99 10.53 21.33
N GLY B 523 -14.85 9.83 21.29
CA GLY B 523 -14.57 8.79 20.30
C GLY B 523 -13.38 9.09 19.41
N ASP B 524 -12.78 8.03 18.89
CA ASP B 524 -11.48 8.11 18.15
C ASP B 524 -11.70 7.82 16.67
N ASN B 525 -12.43 6.76 16.33
CA ASN B 525 -12.73 6.42 14.92
C ASN B 525 -14.13 6.96 14.63
N TRP B 526 -14.20 8.23 14.24
CA TRP B 526 -15.48 8.94 14.02
C TRP B 526 -15.47 9.43 12.57
N SER B 527 -15.82 8.54 11.66
CA SER B 527 -15.66 8.73 10.20
C SER B 527 -16.93 9.39 9.65
N CYS B 528 -17.09 10.67 9.91
CA CYS B 528 -18.30 11.44 9.56
C CYS B 528 -18.19 11.93 8.12
N PRO B 529 -19.23 11.76 7.29
CA PRO B 529 -19.18 12.32 5.94
C PRO B 529 -19.24 13.85 5.93
N ARG B 530 -18.63 14.43 4.90
CA ARG B 530 -18.35 15.88 4.82
C ARG B 530 -19.64 16.64 4.57
N TRP B 531 -20.59 16.05 3.85
CA TRP B 531 -21.78 16.80 3.39
C TRP B 531 -22.77 16.91 4.54
N ILE B 532 -22.66 16.06 5.55
CA ILE B 532 -23.60 16.11 6.70
C ILE B 532 -23.18 17.21 7.66
N ASP B 533 -21.89 17.35 7.89
CA ASP B 533 -21.37 18.41 8.78
C ASP B 533 -21.62 19.76 8.13
N TYR B 534 -21.66 19.82 6.80
CA TYR B 534 -22.00 21.07 6.10
C TYR B 534 -23.47 21.37 6.33
N CYS B 535 -24.31 20.35 6.37
CA CYS B 535 -25.74 20.51 6.69
C CYS B 535 -25.87 21.01 8.14
N PHE B 536 -25.08 20.49 9.07
CA PHE B 536 -25.12 20.95 10.49
C PHE B 536 -24.49 22.34 10.60
N GLN B 537 -23.55 22.69 9.72
CA GLN B 537 -22.93 24.03 9.74
C GLN B 537 -23.95 25.05 9.26
N GLN B 538 -24.74 24.71 8.25
CA GLN B 538 -25.66 25.70 7.65
C GLN B 538 -26.83 25.96 8.61
N VAL B 539 -27.18 24.99 9.44
CA VAL B 539 -28.36 25.15 10.32
C VAL B 539 -27.94 25.82 11.62
N PHE B 540 -26.92 25.28 12.29
CA PHE B 540 -26.58 25.69 13.68
C PHE B 540 -25.33 26.56 13.74
N GLY B 541 -24.74 26.93 12.60
CA GLY B 541 -23.57 27.83 12.56
C GLY B 541 -22.26 27.05 12.69
N SER B 542 -22.18 26.11 13.63
CA SER B 542 -20.98 25.26 13.84
C SER B 542 -21.22 23.83 13.36
N ASP B 543 -20.16 23.08 13.17
CA ASP B 543 -20.26 21.68 12.69
C ASP B 543 -20.61 20.78 13.87
N LEU B 544 -20.71 19.49 13.64
CA LEU B 544 -21.27 18.57 14.65
C LEU B 544 -20.23 18.30 15.73
N LYS B 545 -18.94 18.45 15.47
CA LYS B 545 -17.93 18.28 16.53
C LYS B 545 -17.99 19.48 17.46
N ASN B 546 -18.28 20.67 16.94
CA ASN B 546 -18.25 21.89 17.78
C ASN B 546 -19.56 22.04 18.53
N LEU B 547 -20.56 21.19 18.28
CA LEU B 547 -21.82 21.26 19.06
C LEU B 547 -22.17 19.93 19.67
N ILE B 548 -21.26 18.98 19.71
CA ILE B 548 -21.28 17.89 20.72
C ILE B 548 -20.48 18.41 21.91
N VAL B 549 -19.43 19.17 21.66
CA VAL B 549 -18.58 19.81 22.70
C VAL B 549 -19.42 20.83 23.48
N GLN B 550 -20.25 21.62 22.78
CA GLN B 550 -21.12 22.64 23.43
C GLN B 550 -22.12 21.95 24.36
N GLY B 551 -22.49 20.71 24.07
CA GLY B 551 -23.52 19.96 24.79
C GLY B 551 -24.82 19.85 24.01
N ASP B 552 -24.82 20.19 22.73
CA ASP B 552 -26.05 20.17 21.90
C ASP B 552 -26.16 18.87 21.11
N PHE B 553 -25.73 17.73 21.63
CA PHE B 553 -25.91 16.45 20.91
C PHE B 553 -27.36 16.01 21.07
N GLU B 554 -27.88 16.05 22.29
CA GLU B 554 -29.27 15.63 22.58
C GLU B 554 -30.24 16.73 22.17
N LYS B 555 -29.76 17.94 21.91
CA LYS B 555 -30.66 19.04 21.45
C LYS B 555 -30.92 18.86 19.96
N VAL B 556 -29.88 18.67 19.16
CA VAL B 556 -30.07 18.68 17.69
C VAL B 556 -30.52 17.31 17.19
N PHE B 557 -30.42 16.27 17.99
CA PHE B 557 -30.93 14.94 17.59
C PHE B 557 -32.32 14.72 18.17
N ASN B 558 -32.90 15.71 18.85
CA ASN B 558 -34.24 15.63 19.52
C ASN B 558 -34.29 14.44 20.47
N ILE B 559 -33.15 14.11 21.07
CA ILE B 559 -33.10 13.05 22.09
C ILE B 559 -33.50 13.69 23.40
N SER B 560 -34.64 13.30 23.92
CA SER B 560 -35.15 13.86 25.19
C SER B 560 -35.35 12.73 26.18
N ASP B 561 -34.28 12.00 26.48
CA ASP B 561 -34.32 10.87 27.43
C ASP B 561 -32.92 10.33 27.69
N THR B 562 -32.67 9.84 28.90
CA THR B 562 -31.41 9.17 29.31
C THR B 562 -31.74 7.77 29.80
N LEU B 563 -30.74 6.89 29.85
CA LEU B 563 -30.97 5.49 30.28
C LEU B 563 -31.18 5.47 31.77
N ILE B 564 -31.85 4.45 32.24
CA ILE B 564 -32.07 4.23 33.68
C ILE B 564 -31.94 2.74 33.96
N LEU B 565 -31.37 2.41 35.11
CA LEU B 565 -31.34 1.03 35.63
C LEU B 565 -32.74 0.69 36.10
N PRO B 566 -33.12 -0.59 36.13
CA PRO B 566 -34.39 -0.99 36.68
C PRO B 566 -34.44 -0.78 38.20
N LYS B 567 -35.65 -0.81 38.73
CA LYS B 567 -35.85 -0.69 40.20
C LYS B 567 -35.46 -2.01 40.89
N GLN B 568 -35.21 -3.08 40.14
CA GLN B 568 -34.58 -4.32 40.69
C GLN B 568 -33.55 -4.82 39.67
N LEU B 569 -32.27 -4.64 39.98
CA LEU B 569 -31.14 -5.11 39.14
C LEU B 569 -31.09 -6.64 39.22
N PRO B 570 -30.54 -7.34 38.22
CA PRO B 570 -30.51 -8.81 38.27
C PRO B 570 -29.56 -9.38 39.32
N GLU B 571 -29.53 -10.72 39.42
CA GLU B 571 -28.60 -11.42 40.33
C GLU B 571 -27.17 -11.24 39.81
N ASP B 572 -27.01 -10.99 38.51
CA ASP B 572 -25.70 -10.67 37.89
C ASP B 572 -25.87 -9.39 37.08
N ILE B 573 -25.01 -8.41 37.32
CA ILE B 573 -25.15 -7.06 36.69
C ILE B 573 -24.53 -7.18 35.29
N LEU B 574 -23.96 -8.33 34.96
CA LEU B 574 -23.60 -8.68 33.56
C LEU B 574 -24.87 -8.79 32.70
N GLN B 575 -26.02 -9.10 33.30
CA GLN B 575 -27.26 -9.39 32.53
C GLN B 575 -27.90 -8.10 32.00
N LEU B 576 -27.60 -6.96 32.63
CA LEU B 576 -28.10 -5.66 32.15
C LEU B 576 -27.11 -5.07 31.15
N LYS B 577 -26.38 -5.93 30.45
CA LYS B 577 -25.43 -5.48 29.41
C LYS B 577 -26.20 -5.31 28.12
N PRO B 578 -27.03 -6.29 27.67
CA PRO B 578 -27.84 -6.10 26.48
C PRO B 578 -29.17 -5.37 26.75
N TYR B 579 -29.62 -5.34 27.99
CA TYR B 579 -30.82 -4.58 28.38
C TYR B 579 -30.60 -3.09 28.14
N LEU B 580 -29.41 -2.60 28.48
CA LEU B 580 -29.05 -1.20 28.20
C LEU B 580 -28.81 -1.02 26.72
N PHE B 581 -28.59 -2.09 25.98
CA PHE B 581 -28.43 -1.96 24.52
C PHE B 581 -29.82 -1.87 23.87
N TYR B 582 -30.82 -2.56 24.42
CA TYR B 582 -32.21 -2.44 23.95
C TYR B 582 -32.80 -1.12 24.44
N GLN B 583 -32.50 -0.72 25.67
CA GLN B 583 -33.06 0.52 26.21
C GLN B 583 -32.47 1.73 25.48
N TRP B 584 -31.20 1.71 25.17
CA TRP B 584 -30.56 2.83 24.44
C TRP B 584 -31.02 2.87 22.99
N TYR B 585 -31.36 1.70 22.44
CA TYR B 585 -31.84 1.62 21.04
C TYR B 585 -33.21 2.29 20.93
N ALA B 586 -34.10 2.02 21.88
CA ALA B 586 -35.46 2.57 21.88
C ALA B 586 -35.37 4.05 22.25
N LYS B 587 -34.72 4.39 23.35
CA LYS B 587 -34.82 5.75 23.93
C LYS B 587 -33.98 6.72 23.14
N ARG B 588 -32.83 6.31 22.64
CA ARG B 588 -31.85 7.31 22.12
C ARG B 588 -31.41 6.99 20.71
N TYR B 589 -31.36 5.73 20.28
CA TYR B 589 -30.75 5.50 18.96
C TYR B 589 -31.76 5.80 17.87
N THR B 590 -33.02 5.45 18.10
CA THR B 590 -34.10 5.72 17.11
C THR B 590 -34.41 7.21 17.02
N ARG B 591 -33.85 8.04 17.86
CA ARG B 591 -33.92 9.50 17.68
C ARG B 591 -32.71 9.94 16.87
N ILE B 592 -31.60 9.20 16.92
CA ILE B 592 -30.46 9.44 15.99
C ILE B 592 -30.89 8.89 14.65
N LEU B 593 -31.56 7.74 14.68
CA LEU B 593 -31.92 6.97 13.47
C LEU B 593 -33.00 7.71 12.71
N ARG B 594 -33.75 8.60 13.37
CA ARG B 594 -34.79 9.40 12.69
C ARG B 594 -34.17 10.64 12.06
N LEU B 595 -32.96 11.00 12.42
CA LEU B 595 -32.24 12.08 11.68
C LEU B 595 -31.33 11.47 10.61
N GLU B 596 -31.02 10.18 10.71
CA GLU B 596 -30.41 9.43 9.59
C GLU B 596 -31.44 9.31 8.49
N SER B 597 -32.71 9.18 8.84
CA SER B 597 -33.82 9.13 7.85
C SER B 597 -33.85 10.44 7.07
N LEU B 598 -33.63 11.57 7.71
CA LEU B 598 -33.76 12.86 7.03
C LEU B 598 -32.57 13.06 6.10
N PHE B 599 -31.36 12.70 6.51
CA PHE B 599 -30.19 12.82 5.62
C PHE B 599 -30.26 11.77 4.52
N TYR B 600 -30.91 10.64 4.74
CA TYR B 600 -31.10 9.69 3.64
C TYR B 600 -32.08 10.28 2.63
N GLN B 601 -33.07 11.06 3.08
CA GLN B 601 -34.01 11.70 2.13
C GLN B 601 -33.34 12.87 1.44
N ILE B 602 -32.52 13.66 2.13
CA ILE B 602 -31.81 14.80 1.49
C ILE B 602 -30.76 14.25 0.51
N LEU B 603 -30.13 13.11 0.85
CA LEU B 603 -29.13 12.49 -0.04
C LEU B 603 -29.85 12.00 -1.28
N ASN B 604 -31.06 11.47 -1.13
CA ASN B 604 -31.77 10.90 -2.29
C ASN B 604 -32.37 12.03 -3.11
N GLU B 605 -32.78 13.13 -2.50
CA GLU B 605 -33.37 14.24 -3.29
C GLU B 605 -32.27 15.02 -3.99
N HIS B 606 -31.05 14.99 -3.50
CA HIS B 606 -29.93 15.67 -4.20
C HIS B 606 -29.51 14.84 -5.41
N ILE B 607 -29.39 13.54 -5.24
CA ILE B 607 -28.92 12.63 -6.32
C ILE B 607 -30.03 12.54 -7.35
N THR B 608 -31.29 12.65 -6.94
CA THR B 608 -32.44 12.73 -7.87
C THR B 608 -32.30 13.98 -8.73
N LEU B 609 -31.80 15.08 -8.15
CA LEU B 609 -31.72 16.35 -8.88
C LEU B 609 -30.61 16.26 -9.94
N ILE B 610 -29.48 15.66 -9.59
CA ILE B 610 -28.35 15.60 -10.55
C ILE B 610 -28.64 14.49 -11.56
N ARG B 611 -29.46 13.50 -11.22
CA ARG B 611 -29.98 12.60 -12.26
C ARG B 611 -30.88 13.39 -13.20
N SER B 612 -31.64 14.36 -12.70
CA SER B 612 -32.56 15.16 -13.52
C SER B 612 -31.78 16.19 -14.34
N LEU B 613 -30.73 16.78 -13.78
CA LEU B 613 -30.05 17.92 -14.45
C LEU B 613 -29.10 17.42 -15.54
N VAL B 614 -28.81 16.13 -15.57
CA VAL B 614 -27.78 15.57 -16.49
C VAL B 614 -28.48 14.72 -17.55
N SER B 615 -29.37 13.83 -17.14
CA SER B 615 -30.06 12.90 -18.08
C SER B 615 -31.02 13.67 -18.97
N SER B 616 -31.42 14.88 -18.59
CA SER B 616 -32.27 15.75 -19.45
C SER B 616 -31.40 16.70 -20.26
N ASN B 617 -30.13 16.86 -19.90
CA ASN B 617 -29.23 17.82 -20.60
C ASN B 617 -28.10 17.09 -21.34
N ASN B 618 -28.02 15.77 -21.24
CA ASN B 618 -27.00 14.98 -21.97
C ASN B 618 -27.65 13.70 -22.47
N LYS B 619 -27.67 13.54 -23.78
CA LYS B 619 -27.99 12.26 -24.43
C LYS B 619 -26.70 11.84 -25.14
N GLY B 620 -26.22 10.63 -24.83
CA GLY B 620 -24.88 10.15 -25.20
C GLY B 620 -24.65 8.77 -24.66
N GLN B 621 -23.64 8.08 -25.16
CA GLN B 621 -23.42 6.64 -24.84
C GLN B 621 -22.74 6.52 -23.48
N TYR B 622 -22.14 7.61 -23.02
CA TYR B 622 -21.48 7.67 -21.70
C TYR B 622 -22.52 7.75 -20.59
N LEU B 623 -23.77 8.14 -20.91
CA LEU B 623 -24.74 8.56 -19.88
C LEU B 623 -25.06 7.39 -18.95
N GLN B 624 -25.20 6.20 -19.51
CA GLN B 624 -25.57 5.01 -18.71
C GLN B 624 -24.43 4.72 -17.74
N GLY B 625 -23.21 5.14 -18.05
CA GLY B 625 -22.07 5.01 -17.12
C GLY B 625 -22.20 6.02 -16.03
N PHE B 626 -22.74 7.20 -16.32
CA PHE B 626 -22.94 8.25 -15.29
C PHE B 626 -24.06 7.85 -14.32
N MET B 627 -25.17 7.33 -14.82
CA MET B 627 -26.33 6.93 -13.98
C MET B 627 -25.94 5.69 -13.19
N ASN B 628 -25.12 4.80 -13.76
CA ASN B 628 -24.66 3.58 -13.06
C ASN B 628 -23.70 3.98 -11.96
N ASP B 629 -22.94 5.03 -12.16
CA ASP B 629 -21.96 5.44 -11.14
C ASP B 629 -22.65 6.27 -10.07
N LEU B 630 -23.66 7.06 -10.42
CA LEU B 630 -24.49 7.76 -9.40
C LEU B 630 -25.27 6.75 -8.55
N ASP B 631 -25.60 5.58 -9.11
CA ASP B 631 -26.20 4.49 -8.33
C ASP B 631 -25.18 4.00 -7.32
N LYS B 632 -23.90 4.00 -7.68
CA LYS B 632 -22.85 3.42 -6.81
C LYS B 632 -22.54 4.43 -5.71
N ILE B 633 -22.49 5.72 -6.04
CA ILE B 633 -22.20 6.76 -5.02
C ILE B 633 -23.39 6.82 -4.07
N ALA B 634 -24.61 6.67 -4.56
CA ALA B 634 -25.81 6.71 -3.70
C ALA B 634 -25.80 5.52 -2.77
N TYR B 635 -25.53 4.33 -3.28
CA TYR B 635 -25.57 3.11 -2.46
C TYR B 635 -24.46 3.17 -1.41
N ASN B 636 -23.36 3.83 -1.71
CA ASN B 636 -22.19 3.86 -0.81
C ASN B 636 -22.41 4.97 0.22
N ALA B 637 -22.96 6.11 -0.19
CA ALA B 637 -23.21 7.25 0.71
C ALA B 637 -24.35 6.90 1.65
N GLN B 638 -25.23 6.01 1.25
CA GLN B 638 -26.37 5.61 2.11
C GLN B 638 -25.89 4.65 3.18
N TYR B 639 -24.80 3.94 2.89
CA TYR B 639 -24.15 3.04 3.87
C TYR B 639 -23.14 3.85 4.70
N MET B 640 -22.55 4.89 4.15
CA MET B 640 -21.62 5.72 4.94
C MET B 640 -22.44 6.53 5.94
N LEU B 641 -23.66 6.89 5.57
CA LEU B 641 -24.57 7.61 6.48
C LEU B 641 -25.05 6.62 7.54
N SER B 642 -25.24 5.38 7.15
CA SER B 642 -25.68 4.32 8.07
C SER B 642 -24.57 4.07 9.08
N ASP B 643 -23.31 4.03 8.64
CA ASP B 643 -22.17 3.65 9.48
C ASP B 643 -21.82 4.79 10.42
N TRP B 644 -22.12 6.01 10.03
CA TRP B 644 -21.74 7.17 10.86
C TRP B 644 -22.66 7.29 12.07
N THR B 645 -23.91 6.89 11.96
CA THR B 645 -24.82 6.94 13.12
C THR B 645 -24.51 5.80 14.07
N ILE B 646 -23.90 4.73 13.60
CA ILE B 646 -23.44 3.68 14.53
C ILE B 646 -22.20 4.21 15.26
N GLN B 647 -21.37 5.00 14.59
CA GLN B 647 -20.19 5.59 15.25
C GLN B 647 -20.69 6.62 16.26
N LEU B 648 -21.62 7.48 15.87
CA LEU B 648 -22.25 8.43 16.81
C LEU B 648 -22.94 7.64 17.89
N GLY B 649 -23.56 6.52 17.52
CA GLY B 649 -24.34 5.70 18.47
C GLY B 649 -23.43 5.06 19.48
N TYR B 650 -22.26 4.59 19.05
CA TYR B 650 -21.36 3.81 19.92
C TYR B 650 -20.78 4.71 21.00
N TYR B 651 -20.41 5.93 20.64
CA TYR B 651 -19.80 6.86 21.62
C TYR B 651 -20.87 7.57 22.39
N ASP B 652 -22.14 7.47 21.97
CA ASP B 652 -23.27 7.92 22.81
C ASP B 652 -23.68 6.80 23.78
N PHE B 653 -23.68 5.57 23.32
CA PHE B 653 -23.97 4.40 24.18
C PHE B 653 -22.87 4.26 25.22
N LYS B 654 -21.63 4.50 24.81
CA LYS B 654 -20.46 4.41 25.72
C LYS B 654 -20.63 5.48 26.79
N ASN B 655 -21.14 6.65 26.42
CA ASN B 655 -21.29 7.80 27.34
C ASN B 655 -22.51 7.59 28.23
N GLN B 656 -23.57 6.97 27.74
CA GLN B 656 -24.83 6.83 28.53
C GLN B 656 -24.69 5.70 29.55
N VAL B 657 -23.86 4.72 29.27
CA VAL B 657 -23.70 3.58 30.20
C VAL B 657 -22.79 4.01 31.33
N THR B 658 -21.82 4.89 31.09
CA THR B 658 -21.02 5.43 32.22
C THR B 658 -21.92 6.33 33.05
N GLN B 659 -22.80 7.10 32.43
CA GLN B 659 -23.64 8.04 33.19
C GLN B 659 -24.80 7.29 33.87
N VAL B 660 -25.15 6.08 33.47
CA VAL B 660 -26.31 5.40 34.09
C VAL B 660 -25.84 4.72 35.37
N ILE B 661 -24.56 4.43 35.52
CA ILE B 661 -24.06 3.70 36.72
C ILE B 661 -23.20 4.61 37.59
N LYS B 662 -22.68 5.73 37.06
CA LYS B 662 -22.07 6.76 37.92
C LYS B 662 -23.16 7.54 38.66
N THR B 663 -24.32 7.74 38.03
CA THR B 663 -25.44 8.49 38.65
C THR B 663 -26.38 7.52 39.36
N SER B 664 -25.87 6.37 39.81
CA SER B 664 -26.65 5.43 40.65
C SER B 664 -25.74 4.92 41.77
N SER B 665 -26.30 4.73 42.97
CA SER B 665 -25.56 4.22 44.15
C SER B 665 -25.58 2.69 44.17
N MET B 666 -26.31 2.06 43.25
CA MET B 666 -26.54 0.61 43.27
C MET B 666 -25.30 -0.09 42.71
N THR B 667 -24.75 0.46 41.62
CA THR B 667 -23.49 -0.02 40.98
C THR B 667 -22.61 1.20 40.68
N SER B 668 -22.33 2.00 41.71
CA SER B 668 -21.59 3.28 41.60
C SER B 668 -20.19 2.99 41.08
N GLU B 669 -19.45 2.13 41.78
CA GLU B 669 -18.18 1.57 41.27
C GLU B 669 -18.46 0.17 40.73
N PHE B 670 -18.18 -0.03 39.45
CA PHE B 670 -18.43 -1.30 38.71
C PHE B 670 -17.59 -1.29 37.44
N ASN B 671 -17.27 -2.49 36.94
CA ASN B 671 -16.57 -2.66 35.66
C ASN B 671 -17.50 -2.20 34.54
N ILE B 672 -17.30 -0.99 34.04
CA ILE B 672 -18.17 -0.42 32.97
C ILE B 672 -17.83 -1.16 31.68
N ASP B 673 -16.61 -1.66 31.54
CA ASP B 673 -16.18 -2.43 30.35
C ASP B 673 -16.87 -3.80 30.32
N ASP B 674 -17.55 -4.23 31.38
CA ASP B 674 -18.43 -5.42 31.31
C ASP B 674 -19.82 -5.04 30.80
N LEU B 675 -20.16 -3.76 30.77
CA LEU B 675 -21.46 -3.28 30.24
C LEU B 675 -21.30 -2.67 28.87
N LEU B 676 -20.11 -2.23 28.49
CA LEU B 676 -19.90 -1.70 27.12
C LEU B 676 -19.68 -2.88 26.17
N TYR B 677 -19.76 -2.59 24.88
CA TYR B 677 -19.45 -3.55 23.80
C TYR B 677 -18.18 -3.07 23.10
N ASP B 678 -17.49 -3.99 22.47
CA ASP B 678 -16.46 -3.59 21.49
C ASP B 678 -17.22 -3.06 20.29
N TYR B 679 -16.50 -2.45 19.37
CA TYR B 679 -17.15 -1.72 18.28
C TYR B 679 -17.75 -2.73 17.32
N ASP B 680 -17.05 -3.82 17.06
CA ASP B 680 -17.48 -4.76 16.00
C ASP B 680 -18.55 -5.72 16.50
N THR B 681 -18.88 -5.72 17.78
CA THR B 681 -20.05 -6.47 18.26
C THR B 681 -21.21 -5.52 18.40
N PHE B 682 -20.95 -4.26 18.74
CA PHE B 682 -21.98 -3.22 18.75
C PHE B 682 -22.43 -2.96 17.32
N LYS B 683 -21.50 -2.76 16.39
CA LYS B 683 -21.85 -2.38 15.01
C LYS B 683 -22.55 -3.54 14.30
N LEU B 684 -22.05 -4.76 14.45
CA LEU B 684 -22.66 -5.88 13.68
C LEU B 684 -23.94 -6.33 14.36
N THR B 685 -24.26 -5.90 15.57
CA THR B 685 -25.59 -6.20 16.11
C THR B 685 -26.60 -5.28 15.43
N ILE B 686 -26.28 -4.02 15.29
CA ILE B 686 -27.20 -3.05 14.66
C ILE B 686 -27.30 -3.39 13.17
N SER B 687 -26.22 -3.21 12.43
CA SER B 687 -26.22 -3.33 10.96
C SER B 687 -25.11 -4.29 10.58
N GLN B 688 -25.49 -5.44 10.03
CA GLN B 688 -24.56 -6.51 9.62
C GLN B 688 -23.63 -6.00 8.54
N PHE B 689 -24.10 -5.13 7.65
CA PHE B 689 -23.32 -4.63 6.51
C PHE B 689 -23.11 -3.14 6.64
N GLY B 690 -21.98 -2.68 6.12
CA GLY B 690 -21.64 -1.25 6.03
C GLY B 690 -21.03 -0.96 4.69
N ALA B 691 -20.29 0.13 4.58
CA ALA B 691 -19.70 0.52 3.29
C ALA B 691 -18.52 -0.37 2.95
N ASP B 692 -18.05 -1.18 3.88
CA ASP B 692 -16.90 -2.09 3.66
C ASP B 692 -17.37 -3.36 2.98
N SER B 693 -18.67 -3.65 3.03
CA SER B 693 -19.26 -4.90 2.51
C SER B 693 -19.67 -4.72 1.07
N ILE B 694 -19.67 -3.49 0.58
CA ILE B 694 -20.06 -3.20 -0.83
C ILE B 694 -18.91 -3.63 -1.74
N ASN B 695 -19.18 -4.51 -2.68
CA ASN B 695 -18.28 -4.68 -3.83
C ASN B 695 -18.40 -3.43 -4.70
N ASN B 696 -17.33 -2.66 -4.82
CA ASN B 696 -17.33 -1.47 -5.69
C ASN B 696 -17.42 -1.87 -7.17
N PHE B 697 -16.97 -3.05 -7.56
CA PHE B 697 -17.02 -3.47 -8.97
C PHE B 697 -17.46 -4.91 -9.09
N THR B 698 -18.04 -5.21 -10.23
CA THR B 698 -18.59 -6.53 -10.61
C THR B 698 -17.43 -7.49 -10.83
N PRO B 699 -17.62 -8.82 -10.70
CA PRO B 699 -16.53 -9.77 -10.89
C PRO B 699 -15.84 -9.84 -12.27
N SER B 700 -14.84 -10.71 -12.36
CA SER B 700 -13.71 -10.55 -13.29
C SER B 700 -13.81 -11.46 -14.52
N GLN B 701 -14.87 -12.26 -14.66
CA GLN B 701 -15.20 -12.94 -15.96
C GLN B 701 -14.06 -13.86 -16.41
N ASP B 702 -13.86 -14.95 -15.67
CA ASP B 702 -12.81 -15.95 -15.95
C ASP B 702 -13.09 -16.64 -17.28
N LEU B 703 -12.10 -16.72 -18.15
CA LEU B 703 -12.16 -17.59 -19.35
C LEU B 703 -12.04 -19.05 -18.92
N LYS B 704 -12.89 -19.88 -19.46
CA LYS B 704 -13.02 -21.26 -18.98
C LYS B 704 -13.50 -22.13 -20.13
N LEU B 705 -13.01 -23.37 -20.19
CA LEU B 705 -13.64 -24.45 -20.99
C LEU B 705 -14.82 -25.00 -20.20
N ALA B 706 -15.82 -25.48 -20.90
CA ALA B 706 -16.95 -26.19 -20.25
C ALA B 706 -17.58 -27.17 -21.22
N LEU B 707 -18.61 -27.87 -20.76
CA LEU B 707 -19.38 -28.80 -21.61
C LEU B 707 -20.87 -28.53 -21.43
N ASN B 708 -21.64 -28.73 -22.50
CA ASN B 708 -23.10 -28.45 -22.52
C ASN B 708 -23.86 -29.56 -21.78
N ASP B 709 -25.18 -29.55 -21.91
CA ASP B 709 -26.02 -30.71 -21.55
C ASP B 709 -25.81 -31.82 -22.59
N ASN B 710 -25.44 -31.45 -23.81
CA ASN B 710 -25.07 -32.42 -24.88
C ASN B 710 -23.57 -32.69 -24.86
N ASN B 711 -22.90 -32.32 -23.76
CA ASN B 711 -21.42 -32.32 -23.54
C ASN B 711 -20.70 -31.83 -24.79
N SER B 712 -21.15 -30.72 -25.38
CA SER B 712 -20.42 -30.08 -26.50
C SER B 712 -19.40 -29.12 -25.92
N PRO B 713 -18.17 -29.10 -26.46
CA PRO B 713 -17.12 -28.24 -25.90
C PRO B 713 -17.37 -26.75 -26.12
N ILE B 714 -18.11 -26.14 -25.21
CA ILE B 714 -18.32 -24.67 -25.16
C ILE B 714 -17.15 -24.02 -24.46
N LEU B 715 -17.11 -22.71 -24.51
CA LEU B 715 -16.06 -21.89 -23.86
C LEU B 715 -16.75 -20.71 -23.20
N LEU B 716 -16.62 -20.59 -21.89
CA LEU B 716 -17.26 -19.47 -21.14
C LEU B 716 -16.29 -18.30 -21.03
N LEU B 717 -16.83 -17.13 -20.73
CA LEU B 717 -16.09 -15.98 -20.16
C LEU B 717 -16.87 -15.48 -18.97
N GLY B 718 -16.68 -16.13 -17.83
CA GLY B 718 -17.44 -15.84 -16.62
C GLY B 718 -18.61 -16.79 -16.56
N ASN B 719 -19.77 -16.37 -17.06
CA ASN B 719 -20.97 -17.23 -17.02
C ASN B 719 -21.58 -17.39 -18.39
N ASP B 720 -21.21 -16.56 -19.36
CA ASP B 720 -21.88 -16.54 -20.67
C ASP B 720 -20.96 -17.20 -21.69
N GLU B 721 -21.52 -18.14 -22.46
CA GLU B 721 -20.80 -18.85 -23.53
C GLU B 721 -20.34 -17.82 -24.55
N ILE B 722 -19.11 -17.95 -25.03
CA ILE B 722 -18.57 -17.05 -26.08
C ILE B 722 -18.19 -17.91 -27.27
N LYS B 723 -17.97 -17.25 -28.41
CA LYS B 723 -17.57 -17.90 -29.68
C LYS B 723 -16.14 -18.44 -29.55
N SER B 724 -15.78 -19.39 -30.39
CA SER B 724 -14.42 -19.98 -30.42
C SER B 724 -14.13 -20.48 -31.82
N ASN B 725 -12.95 -20.15 -32.32
CA ASN B 725 -12.60 -20.28 -33.75
C ASN B 725 -11.26 -21.01 -33.82
N GLY B 726 -11.27 -22.33 -33.66
CA GLY B 726 -10.07 -23.17 -33.72
C GLY B 726 -9.99 -24.08 -32.51
N SER B 727 -8.81 -24.61 -32.24
CA SER B 727 -8.61 -25.63 -31.18
C SER B 727 -8.21 -24.94 -29.87
N ILE B 728 -9.10 -24.96 -28.88
CA ILE B 728 -8.77 -24.56 -27.50
C ILE B 728 -8.93 -25.79 -26.63
N THR B 729 -7.82 -26.37 -26.22
CA THR B 729 -7.81 -27.62 -25.43
C THR B 729 -7.00 -27.40 -24.15
N GLN B 730 -7.00 -28.41 -23.30
CA GLN B 730 -6.32 -28.32 -21.99
C GLN B 730 -4.93 -28.91 -22.08
N THR B 731 -4.01 -28.31 -21.33
CA THR B 731 -2.61 -28.75 -21.27
C THR B 731 -2.18 -28.79 -19.82
N ASP B 732 -1.44 -29.82 -19.46
CA ASP B 732 -0.84 -29.97 -18.11
C ASP B 732 0.40 -29.07 -18.01
N ASP B 733 0.88 -28.53 -19.12
CA ASP B 733 2.00 -27.57 -19.12
C ASP B 733 1.52 -26.27 -18.45
N SER B 734 1.62 -26.17 -17.13
CA SER B 734 1.21 -24.95 -16.41
C SER B 734 2.36 -24.39 -15.57
N LEU B 735 2.22 -23.17 -15.05
CA LEU B 735 3.23 -22.58 -14.13
C LEU B 735 3.11 -23.23 -12.75
N ASP B 736 1.93 -23.72 -12.39
CA ASP B 736 1.64 -24.43 -11.12
C ASP B 736 1.21 -25.86 -11.45
N ASP B 737 0.69 -26.63 -10.50
CA ASP B 737 0.24 -28.00 -10.81
C ASP B 737 -1.25 -27.99 -11.18
N GLU B 738 -1.71 -26.94 -11.87
CA GLU B 738 -3.06 -26.90 -12.47
C GLU B 738 -2.93 -27.24 -13.95
N THR B 739 -4.01 -27.13 -14.71
CA THR B 739 -3.92 -27.24 -16.18
C THR B 739 -3.78 -25.84 -16.78
N SER B 740 -3.76 -25.79 -18.10
CA SER B 740 -3.56 -24.55 -18.85
C SER B 740 -4.24 -24.73 -20.21
N LEU B 741 -4.64 -23.64 -20.82
CA LEU B 741 -5.36 -23.67 -22.12
C LEU B 741 -4.36 -23.63 -23.26
N LEU B 742 -4.56 -24.48 -24.25
CA LEU B 742 -3.71 -24.49 -25.45
C LEU B 742 -4.46 -23.86 -26.60
N LEU B 743 -4.19 -22.59 -26.84
CA LEU B 743 -4.66 -21.88 -28.04
C LEU B 743 -3.76 -22.32 -29.17
N SER B 744 -4.29 -23.02 -30.15
CA SER B 744 -3.48 -23.52 -31.30
C SER B 744 -3.20 -22.37 -32.28
N LYS B 745 -2.62 -22.67 -33.43
CA LYS B 745 -2.28 -21.61 -34.39
C LYS B 745 -3.57 -21.13 -35.06
N ASN B 746 -3.72 -19.81 -35.15
CA ASN B 746 -4.90 -19.12 -35.74
C ASN B 746 -6.15 -19.59 -35.01
N THR B 747 -6.18 -19.36 -33.71
CA THR B 747 -7.28 -19.82 -32.83
C THR B 747 -7.78 -18.64 -32.01
N SER B 748 -9.08 -18.43 -31.94
CA SER B 748 -9.60 -17.19 -31.32
C SER B 748 -10.92 -17.46 -30.63
N PHE B 749 -11.13 -16.75 -29.53
CA PHE B 749 -12.46 -16.61 -28.91
C PHE B 749 -12.88 -15.15 -29.00
N GLU B 750 -14.16 -14.90 -28.77
CA GLU B 750 -14.70 -13.52 -28.85
C GLU B 750 -15.88 -13.42 -27.91
N GLY B 751 -15.78 -12.48 -26.98
CA GLY B 751 -16.82 -12.21 -25.98
C GLY B 751 -17.40 -10.83 -26.16
N ASN B 752 -17.90 -10.28 -25.07
CA ASN B 752 -18.38 -8.87 -25.06
C ASN B 752 -17.98 -8.28 -23.71
N PHE B 753 -17.67 -7.00 -23.68
CA PHE B 753 -17.44 -6.35 -22.38
C PHE B 753 -17.85 -4.90 -22.45
N SER B 754 -18.01 -4.33 -21.28
CA SER B 754 -18.39 -2.92 -21.10
C SER B 754 -18.04 -2.50 -19.70
N ALA B 755 -17.45 -1.32 -19.55
CA ALA B 755 -17.27 -0.73 -18.21
C ALA B 755 -18.63 -0.27 -17.73
N LYS B 756 -19.09 -0.76 -16.59
CA LYS B 756 -20.39 -0.37 -16.01
C LYS B 756 -20.33 1.10 -15.57
N TYR B 757 -19.20 1.57 -15.05
CA TYR B 757 -19.10 2.92 -14.44
C TYR B 757 -18.22 3.83 -15.29
N LEU B 758 -18.35 5.13 -15.07
CA LEU B 758 -17.49 6.09 -15.79
C LEU B 758 -16.15 6.11 -15.08
N LEU B 759 -16.16 6.14 -13.75
CA LEU B 759 -14.92 6.25 -12.97
C LEU B 759 -14.40 4.85 -12.73
N SER B 760 -13.88 4.25 -13.79
CA SER B 760 -13.26 2.92 -13.72
C SER B 760 -12.25 2.80 -14.85
N SER B 761 -11.21 2.03 -14.60
CA SER B 761 -10.30 1.53 -15.64
C SER B 761 -10.74 0.12 -15.91
N VAL B 762 -10.67 -0.30 -17.16
CA VAL B 762 -11.11 -1.67 -17.54
C VAL B 762 -9.86 -2.37 -18.04
N GLY B 763 -9.80 -3.69 -17.97
CA GLY B 763 -8.55 -4.36 -18.35
C GLY B 763 -8.69 -5.83 -18.64
N VAL B 764 -7.57 -6.45 -19.00
CA VAL B 764 -7.49 -7.91 -19.26
C VAL B 764 -6.32 -8.46 -18.45
N ASN B 765 -6.59 -9.27 -17.45
CA ASN B 765 -5.53 -9.92 -16.64
C ASN B 765 -5.35 -11.35 -17.15
N PHE B 766 -4.16 -11.71 -17.61
CA PHE B 766 -3.92 -13.05 -18.21
C PHE B 766 -2.47 -13.50 -18.07
N THR B 767 -2.31 -14.80 -17.93
CA THR B 767 -1.03 -15.48 -17.70
C THR B 767 -0.74 -16.37 -18.90
N PHE B 768 0.47 -16.31 -19.41
CA PHE B 768 0.84 -17.10 -20.59
C PHE B 768 2.31 -17.45 -20.55
N LYS B 769 2.65 -18.54 -21.22
CA LYS B 769 4.05 -18.99 -21.37
C LYS B 769 4.63 -18.35 -22.63
N SER B 770 5.62 -17.48 -22.46
CA SER B 770 6.20 -16.68 -23.56
C SER B 770 7.25 -17.52 -24.27
N ILE B 771 6.81 -18.47 -25.07
CA ILE B 771 7.71 -19.19 -26.00
C ILE B 771 8.04 -18.27 -27.16
N GLU B 772 9.05 -18.63 -27.95
CA GLU B 772 9.48 -17.81 -29.10
C GLU B 772 8.43 -17.86 -30.20
N ASN B 773 8.44 -16.83 -31.04
CA ASN B 773 7.50 -16.63 -32.18
C ASN B 773 6.04 -16.61 -31.68
N LEU B 774 5.74 -16.10 -30.48
CA LEU B 774 4.33 -15.82 -30.11
C LEU B 774 3.84 -14.58 -30.86
N ASN B 775 2.65 -14.65 -31.43
CA ASN B 775 2.10 -13.51 -32.20
C ASN B 775 0.61 -13.37 -31.87
N PHE B 776 0.22 -13.45 -30.61
CA PHE B 776 -1.23 -13.29 -30.28
C PHE B 776 -1.59 -11.80 -30.22
N SER B 777 -2.89 -11.52 -30.18
CA SER B 777 -3.43 -10.15 -30.28
C SER B 777 -4.80 -10.09 -29.60
N VAL B 778 -4.89 -9.32 -28.52
CA VAL B 778 -6.15 -9.13 -27.77
C VAL B 778 -6.78 -7.85 -28.29
N ASP B 779 -8.05 -7.96 -28.68
CA ASP B 779 -8.86 -6.84 -29.21
C ASP B 779 -9.89 -6.52 -28.14
N PHE B 780 -9.62 -5.53 -27.31
CA PHE B 780 -10.42 -5.25 -26.09
C PHE B 780 -10.85 -3.80 -26.09
N MET B 781 -12.17 -3.59 -26.01
CA MET B 781 -12.84 -2.27 -25.94
C MET B 781 -12.39 -1.41 -27.12
N ASN B 782 -12.51 -1.94 -28.32
CA ASN B 782 -12.16 -1.24 -29.58
C ASN B 782 -10.70 -0.74 -29.53
N ILE B 783 -9.82 -1.55 -28.96
CA ILE B 783 -8.35 -1.34 -28.96
C ILE B 783 -7.71 -2.69 -29.22
N ASN B 784 -6.86 -2.76 -30.23
CA ASN B 784 -6.14 -4.01 -30.57
C ASN B 784 -4.75 -3.91 -29.96
N ILE B 785 -4.41 -4.86 -29.08
CA ILE B 785 -3.09 -4.92 -28.42
C ILE B 785 -2.39 -6.19 -28.91
N ALA B 786 -1.46 -6.02 -29.86
CA ALA B 786 -0.81 -7.14 -30.57
C ALA B 786 0.60 -7.35 -30.03
N PHE B 787 0.81 -8.40 -29.24
CA PHE B 787 2.15 -8.82 -28.78
C PHE B 787 2.82 -9.66 -29.87
N SER B 788 3.99 -9.25 -30.33
CA SER B 788 4.65 -9.81 -31.54
C SER B 788 6.15 -9.65 -31.42
N ASN B 789 6.87 -10.76 -31.23
CA ASN B 789 8.36 -10.83 -31.29
C ASN B 789 8.95 -9.89 -30.25
N ASN B 790 8.33 -9.81 -29.07
CA ASN B 790 8.76 -8.93 -27.93
C ASN B 790 8.81 -7.46 -28.40
N PHE B 791 7.78 -7.08 -29.15
CA PHE B 791 7.34 -5.67 -29.35
C PHE B 791 5.84 -5.65 -29.14
N PHE B 792 5.34 -4.56 -28.60
CA PHE B 792 3.89 -4.34 -28.40
C PHE B 792 3.40 -3.34 -29.43
N GLU B 793 2.36 -3.72 -30.14
CA GLU B 793 1.63 -2.80 -31.05
C GLU B 793 0.24 -2.56 -30.47
N ILE B 794 -0.08 -1.30 -30.20
CA ILE B 794 -1.43 -0.90 -29.71
C ILE B 794 -2.03 0.04 -30.73
N THR B 795 -3.16 -0.36 -31.30
CA THR B 795 -3.93 0.45 -32.26
C THR B 795 -5.28 0.75 -31.62
N GLN B 796 -5.61 2.02 -31.50
CA GLN B 796 -7.03 2.39 -31.24
C GLN B 796 -7.79 2.21 -32.54
N THR B 797 -9.08 1.94 -32.47
CA THR B 797 -9.91 1.85 -33.69
C THR B 797 -9.97 3.23 -34.35
N GLY B 798 -9.40 3.31 -35.54
CA GLY B 798 -9.39 4.52 -36.38
C GLY B 798 -8.22 5.43 -36.09
N GLN B 799 -7.25 4.99 -35.28
CA GLN B 799 -6.06 5.82 -34.95
C GLN B 799 -4.81 5.08 -35.40
N GLU B 800 -3.66 5.73 -35.24
CA GLU B 800 -2.35 5.24 -35.73
C GLU B 800 -1.86 4.10 -34.84
N THR B 801 -1.27 3.09 -35.47
CA THR B 801 -0.56 2.00 -34.76
C THR B 801 0.73 2.57 -34.19
N LYS B 802 0.97 2.36 -32.90
CA LYS B 802 2.26 2.72 -32.27
C LYS B 802 2.92 1.46 -31.73
N LYS B 803 4.19 1.30 -32.07
CA LYS B 803 4.98 0.12 -31.66
C LYS B 803 5.70 0.44 -30.35
N TYR B 804 5.77 -0.55 -29.46
CA TYR B 804 6.33 -0.36 -28.11
C TYR B 804 7.35 -1.45 -27.82
N SER B 805 8.55 -1.06 -27.40
CA SER B 805 9.68 -1.99 -27.16
C SER B 805 9.70 -2.35 -25.68
N ILE B 806 9.76 -3.64 -25.40
CA ILE B 806 9.81 -4.13 -24.01
C ILE B 806 11.10 -4.94 -23.85
N ALA B 807 11.37 -5.39 -22.63
CA ALA B 807 12.36 -6.44 -22.37
C ALA B 807 11.89 -7.73 -23.03
N LYS B 808 12.81 -8.64 -23.30
CA LYS B 808 12.37 -9.98 -23.75
C LYS B 808 11.68 -10.66 -22.56
N LEU B 809 10.40 -10.96 -22.74
CA LEU B 809 9.57 -11.72 -21.77
C LEU B 809 10.01 -13.17 -21.85
N PHE B 810 10.43 -13.76 -20.74
CA PHE B 810 11.21 -15.02 -20.80
C PHE B 810 10.38 -16.26 -20.53
N GLY B 811 9.54 -16.24 -19.51
CA GLY B 811 8.85 -17.51 -19.24
C GLY B 811 7.38 -17.31 -19.12
N TRP B 812 6.87 -17.74 -17.98
CA TRP B 812 5.47 -17.44 -17.62
C TRP B 812 5.36 -15.97 -17.29
N ASN B 813 4.52 -15.24 -18.00
CA ASN B 813 4.29 -13.80 -17.74
C ASN B 813 2.82 -13.59 -17.38
N SER B 814 2.60 -12.77 -16.36
CA SER B 814 1.28 -12.19 -16.03
C SER B 814 1.26 -10.76 -16.57
N LEU B 815 0.31 -10.48 -17.47
CA LEU B 815 0.14 -9.14 -18.06
C LEU B 815 -1.26 -8.63 -17.79
N VAL B 816 -1.36 -7.32 -17.61
CA VAL B 816 -2.68 -6.65 -17.51
C VAL B 816 -2.71 -5.61 -18.60
N TYR B 817 -3.70 -5.71 -19.49
CA TYR B 817 -3.93 -4.71 -20.56
C TYR B 817 -4.91 -3.66 -20.08
N LEU B 818 -4.45 -2.68 -19.33
CA LEU B 818 -5.38 -1.67 -18.77
C LEU B 818 -5.76 -0.66 -19.84
N ILE B 819 -7.05 -0.38 -19.94
CA ILE B 819 -7.56 0.77 -20.72
C ILE B 819 -8.05 1.80 -19.74
N LYS B 820 -7.39 2.93 -19.66
CA LYS B 820 -7.80 4.03 -18.76
C LYS B 820 -8.54 5.08 -19.59
N HIS B 821 -8.87 6.21 -18.99
CA HIS B 821 -9.26 7.40 -19.77
C HIS B 821 -7.96 7.95 -20.37
N SER B 822 -7.96 8.10 -21.69
CA SER B 822 -6.91 8.82 -22.45
C SER B 822 -5.57 8.07 -22.43
N SER B 823 -5.50 6.82 -21.98
CA SER B 823 -4.21 6.09 -21.94
C SER B 823 -4.45 4.59 -21.84
N VAL B 824 -3.63 3.82 -22.53
CA VAL B 824 -3.62 2.33 -22.42
C VAL B 824 -2.31 1.91 -21.81
N GLU B 825 -2.38 1.15 -20.74
CA GLU B 825 -1.20 0.79 -19.93
C GLU B 825 -1.08 -0.70 -19.87
N ILE B 826 0.12 -1.22 -20.12
CA ILE B 826 0.38 -2.68 -19.99
C ILE B 826 1.29 -2.89 -18.79
N TRP B 827 0.88 -3.76 -17.89
CA TRP B 827 1.62 -4.03 -16.65
C TRP B 827 2.13 -5.44 -16.66
N ASP B 828 3.34 -5.63 -16.16
CA ASP B 828 3.81 -6.95 -15.70
C ASP B 828 3.31 -7.12 -14.27
N ILE B 829 2.73 -8.24 -13.94
CA ILE B 829 2.18 -8.47 -12.58
C ILE B 829 3.07 -9.47 -11.86
N HIS B 830 4.06 -10.07 -12.53
CA HIS B 830 5.09 -10.86 -11.81
C HIS B 830 5.92 -9.88 -10.98
N SER B 831 6.47 -8.87 -11.64
CA SER B 831 7.41 -7.94 -10.96
C SER B 831 6.73 -6.61 -10.60
N ASN B 832 5.46 -6.43 -10.98
CA ASN B 832 4.60 -5.27 -10.66
C ASN B 832 5.20 -4.00 -11.23
N ILE B 833 5.63 -4.05 -12.47
CA ILE B 833 6.14 -2.83 -13.14
C ILE B 833 5.31 -2.54 -14.41
N LEU B 834 5.36 -1.30 -14.81
CA LEU B 834 4.75 -0.85 -16.07
C LEU B 834 5.60 -1.39 -17.22
N LEU B 835 4.97 -1.65 -18.36
CA LEU B 835 5.69 -2.10 -19.57
C LEU B 835 5.53 -1.07 -20.68
N VAL B 836 4.28 -0.75 -21.02
CA VAL B 836 3.92 0.13 -22.14
C VAL B 836 2.90 1.11 -21.61
N SER B 837 2.98 2.36 -22.01
CA SER B 837 1.92 3.35 -21.73
C SER B 837 1.63 4.14 -23.00
N HIS B 838 0.50 3.83 -23.63
CA HIS B 838 0.11 4.39 -24.95
C HIS B 838 -0.99 5.41 -24.75
N ASP B 839 -0.75 6.67 -25.13
CA ASP B 839 -1.76 7.74 -24.99
C ASP B 839 -2.85 7.53 -26.04
N LEU B 840 -4.11 7.47 -25.60
CA LEU B 840 -5.28 7.37 -26.50
C LEU B 840 -5.50 8.71 -27.17
N THR B 841 -5.44 8.75 -28.49
CA THR B 841 -5.59 10.01 -29.26
C THR B 841 -7.06 10.30 -29.54
N ALA B 842 -7.90 9.27 -29.53
CA ALA B 842 -9.36 9.43 -29.70
C ALA B 842 -10.02 9.24 -28.34
N PRO B 843 -11.19 9.87 -28.09
CA PRO B 843 -11.94 9.64 -26.86
C PRO B 843 -12.41 8.19 -26.75
N GLN B 844 -12.08 7.56 -25.63
CA GLN B 844 -12.35 6.12 -25.43
C GLN B 844 -13.63 5.99 -24.62
N ASN B 845 -14.60 5.27 -25.16
CA ASN B 845 -15.90 5.00 -24.51
C ASN B 845 -15.89 3.55 -24.08
N ASN B 846 -15.73 3.31 -22.79
CA ASN B 846 -15.69 1.93 -22.30
C ASN B 846 -17.09 1.48 -21.87
N ILE B 847 -18.14 2.26 -22.09
CA ILE B 847 -19.48 1.93 -21.52
C ILE B 847 -20.26 1.06 -22.51
N VAL B 848 -20.11 1.30 -23.81
CA VAL B 848 -20.83 0.47 -24.81
C VAL B 848 -20.20 -0.92 -24.82
N LYS B 849 -20.98 -1.92 -25.20
CA LYS B 849 -20.47 -3.30 -25.36
C LYS B 849 -19.57 -3.32 -26.58
N ALA B 850 -18.32 -3.70 -26.37
CA ALA B 850 -17.31 -3.92 -27.42
C ALA B 850 -16.75 -5.32 -27.25
N PRO B 851 -16.36 -6.03 -28.32
CA PRO B 851 -15.91 -7.41 -28.17
C PRO B 851 -14.52 -7.58 -27.57
N ILE B 852 -14.24 -8.81 -27.12
CA ILE B 852 -12.93 -9.25 -26.57
C ILE B 852 -12.41 -10.40 -27.42
N LYS B 853 -11.54 -10.11 -28.37
CA LYS B 853 -10.91 -11.19 -29.17
C LYS B 853 -9.56 -11.59 -28.55
N LEU B 854 -9.10 -12.79 -28.93
CA LEU B 854 -7.68 -13.18 -28.82
C LEU B 854 -7.34 -14.07 -30.00
N THR B 855 -6.82 -13.48 -31.06
CA THR B 855 -6.38 -14.26 -32.23
C THR B 855 -4.90 -14.63 -32.06
N ASN B 856 -4.56 -15.89 -32.27
CA ASN B 856 -3.24 -16.43 -31.87
C ASN B 856 -2.20 -16.19 -32.95
N LEU B 857 -2.52 -16.47 -34.21
CA LEU B 857 -1.73 -16.07 -35.43
C LEU B 857 -0.39 -16.79 -35.59
N ASP B 858 0.14 -17.47 -34.57
CA ASP B 858 1.40 -18.24 -34.73
C ASP B 858 1.37 -19.40 -33.74
N ASN B 859 2.52 -19.91 -33.34
CA ASN B 859 2.63 -21.21 -32.64
C ASN B 859 1.95 -21.17 -31.27
N GLU B 860 1.76 -22.34 -30.69
CA GLU B 860 0.65 -22.63 -29.76
C GLU B 860 0.84 -21.84 -28.49
N LEU B 861 -0.07 -20.90 -28.24
CA LEU B 861 -0.08 -20.06 -27.02
C LEU B 861 -0.64 -20.90 -25.87
N ILE B 862 0.15 -21.09 -24.84
CA ILE B 862 -0.29 -21.81 -23.63
C ILE B 862 -0.80 -20.75 -22.66
N LEU B 863 -2.09 -20.43 -22.77
CA LEU B 863 -2.75 -19.51 -21.80
C LEU B 863 -2.93 -20.27 -20.51
N LYS B 864 -2.81 -19.57 -19.41
CA LYS B 864 -3.13 -20.16 -18.10
C LYS B 864 -4.44 -19.54 -17.64
N SER B 865 -4.45 -18.21 -17.53
CA SER B 865 -5.62 -17.43 -17.08
C SER B 865 -6.00 -16.43 -18.16
N PHE B 866 -7.22 -15.92 -18.10
CA PHE B 866 -7.69 -14.78 -18.92
C PHE B 866 -8.93 -14.24 -18.24
N GLU B 867 -8.78 -13.15 -17.49
CA GLU B 867 -9.91 -12.48 -16.82
C GLU B 867 -10.07 -11.09 -17.43
N VAL B 868 -11.30 -10.74 -17.79
CA VAL B 868 -11.63 -9.35 -18.17
C VAL B 868 -12.34 -8.70 -17.00
N PHE B 869 -11.67 -7.78 -16.35
CA PHE B 869 -12.16 -7.17 -15.10
C PHE B 869 -12.47 -5.70 -15.35
N GLU B 870 -12.99 -5.05 -14.33
CA GLU B 870 -13.15 -3.59 -14.31
C GLU B 870 -12.68 -3.09 -12.96
N GLN B 871 -11.79 -2.11 -12.99
CA GLN B 871 -10.99 -1.74 -11.81
C GLN B 871 -11.24 -0.29 -11.49
N ASP B 872 -10.87 0.12 -10.29
CA ASP B 872 -10.86 1.55 -9.88
C ASP B 872 -9.84 2.31 -10.73
N GLU B 873 -10.08 3.58 -10.97
CA GLU B 873 -9.21 4.32 -11.93
C GLU B 873 -7.87 4.67 -11.28
N GLU B 874 -7.81 4.77 -9.94
CA GLU B 874 -6.59 5.12 -9.19
C GLU B 874 -6.07 3.89 -8.45
N ALA B 875 -6.20 2.70 -9.05
CA ALA B 875 -5.71 1.44 -8.44
C ALA B 875 -4.28 1.23 -8.92
N ASN B 876 -3.32 1.32 -7.99
CA ASN B 876 -1.89 1.24 -8.31
C ASN B 876 -1.46 -0.23 -8.37
N TYR B 877 -0.55 -0.53 -9.30
CA TYR B 877 0.17 -1.83 -9.36
C TYR B 877 1.61 -1.63 -8.87
N ASN B 878 1.90 -0.61 -8.07
CA ASN B 878 3.25 -0.36 -7.51
C ASN B 878 3.37 -0.98 -6.12
N ASP B 879 2.34 -0.85 -5.30
CA ASP B 879 2.41 -1.18 -3.86
C ASP B 879 2.34 -2.68 -3.63
N ILE B 880 1.93 -3.46 -4.63
CA ILE B 880 1.80 -4.94 -4.48
C ILE B 880 3.21 -5.53 -4.48
N GLU B 881 3.50 -6.36 -3.48
CA GLU B 881 4.78 -7.10 -3.41
C GLU B 881 4.80 -8.16 -4.51
N GLN B 882 5.95 -8.31 -5.13
CA GLN B 882 6.09 -8.94 -6.46
C GLN B 882 6.19 -10.46 -6.34
N GLY B 883 6.18 -11.14 -7.49
CA GLY B 883 6.21 -12.60 -7.56
C GLY B 883 4.94 -13.19 -8.12
N PHE B 884 4.94 -14.49 -8.33
CA PHE B 884 3.72 -15.24 -8.75
C PHE B 884 2.77 -15.43 -7.56
N LYS B 885 3.26 -15.32 -6.32
CA LYS B 885 2.45 -15.54 -5.10
C LYS B 885 1.84 -16.93 -5.17
N ASN B 886 2.67 -17.88 -5.56
CA ASN B 886 2.22 -19.22 -5.97
C ASN B 886 2.71 -20.33 -5.03
N GLY B 887 3.89 -20.15 -4.41
CA GLY B 887 4.59 -21.21 -3.66
C GLY B 887 5.64 -21.95 -4.48
N ILE B 888 5.54 -21.96 -5.79
CA ILE B 888 6.54 -22.63 -6.66
C ILE B 888 7.78 -21.72 -6.78
N ILE B 889 8.94 -22.34 -6.82
CA ILE B 889 10.24 -21.65 -7.01
C ILE B 889 10.54 -21.56 -8.49
N TYR B 890 10.79 -20.36 -8.97
CA TYR B 890 10.99 -20.15 -10.42
C TYR B 890 12.43 -19.75 -10.71
N THR B 891 12.88 -19.97 -11.94
CA THR B 891 14.23 -19.53 -12.35
C THR B 891 14.17 -18.05 -12.62
N ALA B 892 15.27 -17.45 -12.99
CA ALA B 892 15.29 -16.02 -13.31
C ALA B 892 14.51 -15.79 -14.61
N LYS B 893 14.34 -16.83 -15.42
CA LYS B 893 13.57 -16.75 -16.67
C LYS B 893 12.16 -17.30 -16.45
N LYS B 894 11.71 -17.33 -15.20
CA LYS B 894 10.30 -17.51 -14.81
C LYS B 894 9.77 -18.83 -15.32
N MET B 895 10.59 -19.84 -15.48
CA MET B 895 10.02 -21.20 -15.64
C MET B 895 10.18 -21.93 -14.32
N PRO B 896 9.21 -22.75 -13.92
CA PRO B 896 9.29 -23.42 -12.64
C PRO B 896 10.40 -24.47 -12.60
N ILE B 897 10.90 -24.71 -11.40
CA ILE B 897 12.07 -25.61 -11.20
C ILE B 897 11.56 -27.02 -11.05
N ILE B 898 12.08 -27.92 -11.87
CA ILE B 898 11.67 -29.34 -11.85
C ILE B 898 12.75 -30.12 -11.12
N VAL B 899 12.36 -31.16 -10.40
CA VAL B 899 13.30 -32.07 -9.69
C VAL B 899 14.16 -32.79 -10.73
N GLY B 900 15.47 -32.53 -10.71
CA GLY B 900 16.37 -32.81 -11.84
C GLY B 900 16.69 -31.53 -12.60
N GLU B 901 16.91 -31.64 -13.90
CA GLU B 901 16.95 -30.50 -14.85
C GLU B 901 18.18 -29.59 -14.72
N LYS B 902 19.06 -29.78 -13.74
CA LYS B 902 20.44 -29.25 -13.80
C LYS B 902 20.41 -27.73 -13.92
N TYR B 903 20.11 -27.06 -12.84
CA TYR B 903 20.05 -25.58 -12.86
C TYR B 903 21.44 -25.01 -12.57
N ALA B 904 21.52 -23.72 -12.40
CA ALA B 904 22.76 -23.01 -12.09
C ALA B 904 22.52 -22.01 -10.96
N LEU B 905 23.10 -22.21 -9.77
CA LEU B 905 23.06 -21.18 -8.69
C LEU B 905 23.83 -19.96 -9.16
N LYS B 906 23.17 -18.83 -9.10
CA LYS B 906 23.85 -17.54 -9.21
C LYS B 906 23.66 -16.79 -7.93
N SER B 907 24.60 -15.91 -7.62
CA SER B 907 24.52 -15.03 -6.44
C SER B 907 23.97 -13.68 -6.88
N SER B 908 23.50 -12.85 -5.97
CA SER B 908 22.92 -11.56 -6.37
C SER B 908 24.02 -10.50 -6.37
N ILE B 909 25.02 -10.66 -5.48
CA ILE B 909 26.20 -9.77 -5.42
C ILE B 909 26.90 -9.84 -6.78
N LEU B 910 27.16 -11.06 -7.21
CA LEU B 910 27.89 -11.36 -8.46
C LEU B 910 26.96 -12.19 -9.33
N ASP B 911 26.66 -11.66 -10.52
CA ASP B 911 25.56 -12.18 -11.38
C ASP B 911 25.97 -13.47 -12.06
N ASP B 912 25.39 -13.70 -13.23
CA ASP B 912 25.78 -14.74 -14.21
C ASP B 912 27.30 -14.79 -14.37
N MET B 913 27.98 -13.65 -14.28
CA MET B 913 29.46 -13.58 -14.35
C MET B 913 30.12 -14.21 -13.12
N GLY B 914 29.38 -14.51 -12.08
CA GLY B 914 29.93 -15.19 -10.91
C GLY B 914 29.57 -16.65 -10.87
N ILE B 915 30.48 -17.52 -11.31
CA ILE B 915 30.24 -18.96 -11.60
C ILE B 915 30.46 -19.81 -10.37
N LEU B 916 29.49 -20.64 -10.00
CA LEU B 916 29.65 -21.61 -8.89
C LEU B 916 30.62 -22.67 -9.39
N THR B 917 31.61 -23.00 -8.58
CA THR B 917 32.59 -24.04 -8.92
C THR B 917 33.10 -24.70 -7.64
N SER B 918 33.92 -25.72 -7.80
CA SER B 918 34.63 -26.35 -6.66
C SER B 918 35.99 -25.71 -6.50
N ASP B 919 36.55 -25.78 -5.31
CA ASP B 919 37.89 -25.20 -5.03
C ASP B 919 38.97 -26.19 -5.48
N GLU B 920 40.24 -25.91 -5.13
CA GLU B 920 41.39 -26.75 -5.54
C GLU B 920 41.35 -28.09 -4.81
N ASN B 921 40.74 -28.15 -3.63
CA ASN B 921 40.76 -29.35 -2.77
C ASN B 921 39.52 -30.21 -3.02
N LYS B 922 38.58 -29.74 -3.85
CA LYS B 922 37.32 -30.45 -4.22
C LYS B 922 36.51 -30.80 -2.98
N LYS B 923 36.43 -29.89 -2.01
CA LYS B 923 35.59 -30.08 -0.80
C LYS B 923 34.55 -28.97 -0.65
N TYR B 924 34.81 -27.78 -1.17
CA TYR B 924 33.86 -26.66 -1.06
C TYR B 924 33.27 -26.34 -2.42
N PRO B 925 31.99 -25.96 -2.49
CA PRO B 925 31.52 -25.15 -3.60
C PRO B 925 31.93 -23.70 -3.37
N VAL B 926 32.31 -23.04 -4.45
CA VAL B 926 32.91 -21.68 -4.42
C VAL B 926 32.33 -20.89 -5.58
N PHE B 927 31.95 -19.64 -5.34
CA PHE B 927 31.59 -18.76 -6.46
C PHE B 927 32.87 -18.13 -6.93
N SER B 928 33.30 -18.42 -8.14
CA SER B 928 34.50 -17.80 -8.73
C SER B 928 34.08 -16.83 -9.82
N THR B 929 34.43 -15.56 -9.68
CA THR B 929 34.13 -14.52 -10.68
C THR B 929 35.30 -14.37 -11.65
N ASP B 930 36.11 -15.40 -11.84
CA ASP B 930 37.17 -15.40 -12.89
C ASP B 930 36.54 -15.49 -14.27
N VAL B 931 37.34 -15.29 -15.30
CA VAL B 931 36.92 -15.60 -16.70
C VAL B 931 37.65 -16.85 -17.19
N GLU B 932 38.63 -17.36 -16.42
CA GLU B 932 39.30 -18.65 -16.74
C GLU B 932 38.82 -19.72 -15.76
N VAL B 933 37.51 -19.83 -15.54
CA VAL B 933 36.98 -20.89 -14.64
C VAL B 933 37.08 -22.21 -15.40
N GLU B 934 37.60 -23.24 -14.76
CA GLU B 934 37.85 -24.53 -15.44
C GLU B 934 36.55 -25.32 -15.52
N SER B 935 36.00 -25.71 -14.37
CA SER B 935 34.82 -26.61 -14.29
C SER B 935 33.72 -25.93 -13.51
N SER B 936 32.63 -25.56 -14.18
CA SER B 936 31.42 -25.03 -13.53
C SER B 936 30.70 -26.16 -12.79
N LEU B 937 29.93 -25.79 -11.78
CA LEU B 937 29.16 -26.76 -10.99
C LEU B 937 27.68 -26.42 -11.10
N ASN B 938 26.91 -27.25 -11.78
CA ASN B 938 25.45 -27.07 -11.88
C ASN B 938 24.80 -27.66 -10.64
N ILE B 939 23.50 -27.45 -10.52
CA ILE B 939 22.76 -27.71 -9.27
C ILE B 939 21.55 -28.54 -9.63
N ILE B 940 21.31 -29.59 -8.89
CA ILE B 940 20.10 -30.42 -9.07
C ILE B 940 19.37 -30.44 -7.73
N LEU B 941 18.18 -29.88 -7.67
CA LEU B 941 17.36 -29.96 -6.44
C LEU B 941 16.48 -31.21 -6.53
N GLU B 942 16.16 -31.81 -5.40
CA GLU B 942 15.35 -33.06 -5.39
C GLU B 942 14.62 -33.25 -4.07
N SER B 943 13.40 -33.78 -4.12
CA SER B 943 12.46 -33.74 -2.98
C SER B 943 11.75 -35.08 -2.74
N THR B 944 11.69 -35.96 -3.74
CA THR B 944 10.76 -37.13 -3.81
C THR B 944 9.33 -36.66 -3.53
N THR B 945 8.95 -35.53 -4.10
CA THR B 945 7.58 -34.96 -4.05
C THR B 945 7.23 -34.52 -5.47
N GLY B 946 6.22 -33.67 -5.58
CA GLY B 946 5.80 -33.03 -6.84
C GLY B 946 6.96 -32.33 -7.51
N ASP B 947 6.91 -32.29 -8.83
CA ASP B 947 8.06 -31.94 -9.69
C ASP B 947 8.32 -30.44 -9.60
N LYS B 948 7.28 -29.62 -9.69
CA LYS B 948 7.45 -28.17 -9.46
C LYS B 948 7.76 -27.99 -7.98
N ILE B 949 8.96 -27.51 -7.68
CA ILE B 949 9.45 -27.50 -6.28
C ILE B 949 8.83 -26.31 -5.53
N SER B 950 8.23 -26.62 -4.39
CA SER B 950 7.54 -25.62 -3.54
C SER B 950 8.55 -24.97 -2.63
N VAL B 951 8.25 -23.76 -2.17
CA VAL B 951 9.03 -23.10 -1.10
C VAL B 951 8.80 -23.86 0.21
N ASP B 952 7.64 -24.46 0.37
CA ASP B 952 7.22 -25.12 1.62
C ASP B 952 7.90 -26.47 1.81
N ALA B 953 8.60 -26.98 0.79
CA ALA B 953 9.24 -28.32 0.86
C ALA B 953 10.75 -28.13 0.86
N GLY B 954 11.42 -28.91 1.71
CA GLY B 954 12.88 -28.93 1.82
C GLY B 954 13.49 -29.77 0.72
N VAL B 955 14.60 -29.30 0.17
CA VAL B 955 15.27 -30.01 -0.93
C VAL B 955 16.64 -30.50 -0.49
N ASN B 956 17.18 -31.46 -1.21
CA ASN B 956 18.62 -31.79 -1.21
C ASN B 956 19.21 -31.21 -2.48
N ILE B 957 20.37 -30.59 -2.39
CA ILE B 957 21.00 -29.93 -3.57
C ILE B 957 22.21 -30.74 -4.01
N ARG B 958 22.02 -31.62 -4.98
CA ARG B 958 23.18 -32.26 -5.64
C ARG B 958 23.95 -31.22 -6.42
N THR B 959 25.19 -31.54 -6.75
CA THR B 959 26.05 -30.63 -7.53
C THR B 959 26.83 -31.47 -8.52
N ILE B 960 26.57 -31.25 -9.80
CA ILE B 960 27.17 -32.07 -10.88
C ILE B 960 28.01 -31.15 -11.74
N ASN B 961 29.24 -31.54 -12.01
CA ASN B 961 30.20 -30.71 -12.78
C ASN B 961 30.09 -31.10 -14.25
N SER B 962 31.02 -30.63 -15.07
CA SER B 962 31.02 -30.85 -16.54
C SER B 962 31.14 -32.33 -16.88
N ASN B 963 31.77 -33.13 -16.03
CA ASN B 963 32.05 -34.55 -16.30
C ASN B 963 30.91 -35.41 -15.77
N GLY B 964 30.43 -35.14 -14.56
CA GLY B 964 29.32 -35.90 -13.96
C GLY B 964 29.57 -36.35 -12.54
N GLU B 965 30.59 -35.83 -11.88
CA GLU B 965 30.83 -36.11 -10.44
C GLU B 965 29.72 -35.41 -9.64
N GLU B 966 28.87 -36.20 -9.00
CA GLU B 966 27.72 -35.70 -8.23
C GLU B 966 28.09 -35.63 -6.75
N ASN B 967 28.14 -34.42 -6.22
CA ASN B 967 28.49 -34.19 -4.80
C ASN B 967 27.33 -33.49 -4.12
N TYR B 968 26.70 -34.13 -3.14
CA TYR B 968 25.60 -33.52 -2.36
C TYR B 968 26.19 -32.40 -1.49
N LEU B 969 25.41 -31.36 -1.25
CA LEU B 969 25.83 -30.22 -0.40
C LEU B 969 25.37 -30.51 1.02
N GLY B 970 26.28 -30.30 1.97
CA GLY B 970 26.02 -30.47 3.40
C GLY B 970 26.59 -29.30 4.16
N ILE B 971 26.61 -29.42 5.47
CA ILE B 971 27.08 -28.32 6.35
C ILE B 971 27.87 -28.94 7.50
N GLU B 972 29.08 -28.43 7.70
CA GLU B 972 29.85 -28.66 8.94
C GLU B 972 30.66 -27.39 9.20
N ASP B 973 30.82 -27.06 10.48
CA ASP B 973 31.58 -25.87 10.96
C ASP B 973 31.05 -24.60 10.30
N ASN B 974 29.75 -24.54 10.02
CA ASN B 974 29.05 -23.41 9.37
C ASN B 974 29.69 -23.12 8.00
N HIS B 975 30.01 -24.19 7.27
CA HIS B 975 30.53 -24.11 5.88
C HIS B 975 29.73 -25.06 5.01
N LEU B 976 29.35 -24.59 3.83
CA LEU B 976 28.70 -25.47 2.82
C LEU B 976 29.82 -26.31 2.21
N ILE B 977 29.77 -27.60 2.42
CA ILE B 977 30.81 -28.52 1.88
C ILE B 977 30.12 -29.56 1.01
N PHE B 978 30.91 -30.49 0.48
CA PHE B 978 30.41 -31.67 -0.24
C PHE B 978 30.29 -32.80 0.74
N VAL B 979 29.20 -33.53 0.67
CA VAL B 979 28.96 -34.68 1.58
C VAL B 979 28.55 -35.87 0.73
N PRO B 980 28.47 -37.09 1.30
CA PRO B 980 27.73 -38.17 0.66
C PRO B 980 26.21 -37.95 0.59
N LYS B 981 25.50 -38.88 -0.03
CA LYS B 981 24.02 -38.81 -0.16
C LYS B 981 23.39 -38.93 1.23
N GLU B 982 23.84 -39.88 2.04
CA GLU B 982 23.19 -40.17 3.35
C GLU B 982 23.50 -39.06 4.35
N GLU B 983 24.51 -38.23 4.12
CA GLU B 983 24.83 -37.11 5.03
C GLU B 983 24.53 -35.76 4.35
N ALA B 984 23.58 -35.73 3.43
CA ALA B 984 23.10 -34.46 2.82
C ALA B 984 22.21 -33.74 3.82
N GLU B 985 21.88 -32.49 3.52
CA GLU B 985 21.09 -31.63 4.45
C GLU B 985 19.92 -31.04 3.68
N LEU B 986 18.74 -31.01 4.31
CA LEU B 986 17.53 -30.36 3.74
C LEU B 986 17.76 -28.86 3.71
N PHE B 987 17.76 -28.28 2.53
CA PHE B 987 17.80 -26.82 2.35
C PHE B 987 16.40 -26.34 2.06
N TYR B 988 16.07 -25.16 2.55
CA TYR B 988 14.73 -24.55 2.38
C TYR B 988 14.92 -23.26 1.60
N LEU B 989 14.65 -23.29 0.31
CA LEU B 989 14.65 -22.06 -0.49
C LEU B 989 13.46 -21.21 -0.07
N LYS B 990 13.69 -19.95 0.25
CA LYS B 990 12.62 -18.99 0.62
C LYS B 990 12.69 -17.79 -0.29
N LYS B 991 11.54 -17.34 -0.76
CA LYS B 991 11.43 -16.22 -1.71
C LYS B 991 11.84 -14.93 -1.02
N ALA B 992 12.70 -14.15 -1.63
CA ALA B 992 13.18 -12.91 -1.01
C ALA B 992 13.35 -11.83 -2.07
N VAL B 993 13.40 -10.62 -1.58
CA VAL B 993 13.66 -9.42 -2.42
C VAL B 993 14.65 -8.54 -1.67
N VAL B 994 15.48 -7.84 -2.42
CA VAL B 994 16.39 -6.83 -1.83
C VAL B 994 15.82 -5.47 -2.22
N GLU B 995 16.36 -4.40 -1.65
CA GLU B 995 15.63 -3.12 -1.55
C GLU B 995 15.43 -2.49 -2.94
N ASP B 996 16.51 -2.16 -3.64
CA ASP B 996 16.39 -1.25 -4.80
C ASP B 996 16.29 -2.05 -6.09
N THR B 997 15.87 -3.31 -6.03
CA THR B 997 15.68 -4.14 -7.24
C THR B 997 14.22 -4.57 -7.38
N ILE B 998 13.89 -5.09 -8.56
CA ILE B 998 12.54 -5.60 -8.89
C ILE B 998 12.64 -7.11 -9.07
N ASP B 999 13.80 -7.70 -8.87
CA ASP B 999 13.96 -9.16 -9.12
C ASP B 999 13.50 -9.94 -7.89
N ILE B 1000 13.15 -11.19 -8.14
CA ILE B 1000 12.80 -12.12 -7.05
C ILE B 1000 14.00 -13.03 -6.87
N PHE B 1001 14.56 -13.02 -5.68
CA PHE B 1001 15.71 -13.85 -5.27
C PHE B 1001 15.23 -14.93 -4.34
N TYR B 1002 16.15 -15.79 -3.97
CA TYR B 1002 15.87 -16.89 -3.03
C TYR B 1002 16.99 -16.93 -2.01
N VAL B 1003 16.64 -16.95 -0.75
CA VAL B 1003 17.62 -17.27 0.29
C VAL B 1003 17.60 -18.78 0.51
N VAL B 1004 18.73 -19.34 0.90
CA VAL B 1004 18.81 -20.80 1.14
C VAL B 1004 19.07 -20.99 2.62
N LYS B 1005 18.10 -21.49 3.35
CA LYS B 1005 18.27 -21.67 4.79
C LYS B 1005 18.23 -23.16 5.08
N THR B 1006 18.57 -23.51 6.31
CA THR B 1006 18.35 -24.87 6.86
C THR B 1006 17.20 -24.77 7.86
N LEU B 1007 16.89 -25.88 8.52
CA LEU B 1007 15.79 -25.91 9.52
C LEU B 1007 16.21 -25.10 10.75
N GLY B 1008 17.51 -24.93 10.97
CA GLY B 1008 18.05 -24.18 12.11
C GLY B 1008 18.24 -22.69 11.83
N ASN B 1009 17.59 -22.15 10.80
CA ASN B 1009 17.73 -20.73 10.39
C ASN B 1009 19.17 -20.36 10.08
N MET B 1010 19.92 -21.26 9.48
CA MET B 1010 21.31 -20.95 9.06
C MET B 1010 21.23 -20.62 7.57
N PHE B 1011 21.50 -19.39 7.22
CA PHE B 1011 21.30 -18.90 5.85
C PHE B 1011 22.64 -18.85 5.12
N ILE B 1012 22.69 -19.33 3.89
CA ILE B 1012 23.94 -19.35 3.10
C ILE B 1012 24.32 -17.92 2.76
N ASN B 1013 25.45 -17.47 3.26
CA ASN B 1013 26.02 -16.17 2.88
C ASN B 1013 27.13 -16.39 1.87
N VAL B 1014 27.24 -15.50 0.90
CA VAL B 1014 28.41 -15.49 -0.01
C VAL B 1014 29.46 -14.57 0.61
N GLU B 1015 30.43 -15.18 1.28
CA GLU B 1015 31.53 -14.44 1.93
C GLU B 1015 32.72 -14.41 0.96
N ARG B 1016 33.30 -13.24 0.76
CA ARG B 1016 34.49 -13.08 -0.09
C ARG B 1016 35.73 -13.48 0.70
N ILE B 1017 36.59 -14.30 0.11
CA ILE B 1017 37.87 -14.68 0.76
C ILE B 1017 39.07 -14.28 -0.08
N SER B 1018 38.92 -14.16 -1.38
CA SER B 1018 40.03 -13.75 -2.26
C SER B 1018 39.52 -12.62 -3.14
N ASP B 1019 40.31 -12.20 -4.11
CA ASP B 1019 39.88 -11.13 -5.02
C ASP B 1019 38.80 -11.66 -5.96
N ASN B 1020 38.87 -12.95 -6.32
CA ASN B 1020 38.00 -13.55 -7.36
C ASN B 1020 37.30 -14.80 -6.84
N ILE B 1021 37.34 -15.07 -5.56
CA ILE B 1021 36.86 -16.37 -5.00
C ILE B 1021 35.97 -16.05 -3.81
N TYR B 1022 34.79 -16.67 -3.76
CA TYR B 1022 33.77 -16.39 -2.72
C TYR B 1022 33.39 -17.69 -2.08
N ARG B 1023 33.28 -17.70 -0.77
CA ARG B 1023 32.84 -18.91 -0.06
C ARG B 1023 31.31 -18.94 0.11
N LEU B 1024 30.79 -20.05 0.60
CA LEU B 1024 29.36 -20.19 0.92
C LEU B 1024 29.25 -20.61 2.39
N ASN B 1025 29.21 -19.62 3.27
CA ASN B 1025 29.26 -19.89 4.72
C ASN B 1025 27.92 -19.52 5.34
N PHE B 1026 27.46 -20.37 6.25
CA PHE B 1026 26.14 -20.20 6.88
C PHE B 1026 26.24 -19.22 8.03
N LYS B 1027 25.35 -18.25 8.06
CA LYS B 1027 25.21 -17.32 9.20
C LYS B 1027 23.82 -17.48 9.80
N ALA B 1028 23.72 -17.38 11.11
CA ALA B 1028 22.46 -17.58 11.87
C ALA B 1028 21.59 -16.35 11.64
N GLY B 1029 20.57 -16.53 10.81
CA GLY B 1029 19.57 -15.51 10.48
C GLY B 1029 20.13 -14.45 9.57
N ILE B 1030 19.26 -13.61 9.01
CA ILE B 1030 19.72 -12.45 8.23
C ILE B 1030 19.49 -11.21 9.08
N LEU B 1031 20.56 -10.52 9.43
CA LEU B 1031 20.49 -9.27 10.22
C LEU B 1031 19.75 -8.22 9.39
N TYR B 1032 18.86 -7.47 10.03
CA TYR B 1032 18.07 -6.37 9.44
C TYR B 1032 17.17 -6.87 8.31
N SER B 1033 16.79 -8.13 8.32
CA SER B 1033 15.85 -8.72 7.34
C SER B 1033 14.45 -8.70 7.91
N THR B 1034 13.48 -8.33 7.09
CA THR B 1034 12.07 -8.25 7.51
C THR B 1034 11.30 -9.43 6.94
N MET B 1035 10.71 -10.23 7.82
CA MET B 1035 9.75 -11.29 7.39
C MET B 1035 8.46 -10.60 6.99
N GLU B 1036 8.24 -10.45 5.69
CA GLU B 1036 6.94 -10.01 5.14
C GLU B 1036 6.04 -11.24 5.01
N SER B 1037 5.04 -11.20 4.12
CA SER B 1037 3.92 -12.17 4.00
C SER B 1037 4.41 -13.61 4.19
N ASP B 1038 5.25 -14.09 3.28
CA ASP B 1038 6.12 -15.26 3.52
C ASP B 1038 7.55 -14.94 3.06
N MET B 1039 7.75 -13.75 2.51
CA MET B 1039 9.01 -13.32 1.89
C MET B 1039 9.93 -12.67 2.92
N LEU B 1040 11.19 -12.53 2.52
CA LEU B 1040 12.16 -11.72 3.28
C LEU B 1040 12.42 -10.46 2.48
N VAL B 1041 12.32 -9.33 3.14
CA VAL B 1041 12.74 -8.05 2.52
C VAL B 1041 14.14 -7.79 3.02
N LEU B 1042 15.12 -8.23 2.25
CA LEU B 1042 16.53 -8.00 2.58
C LEU B 1042 16.85 -6.54 2.33
N PRO B 1043 17.69 -5.92 3.18
CA PRO B 1043 18.24 -4.62 2.85
C PRO B 1043 19.31 -4.77 1.76
N ALA B 1044 19.79 -3.65 1.26
CA ALA B 1044 20.79 -3.62 0.17
C ALA B 1044 22.12 -4.16 0.67
N GLU B 1045 22.31 -4.22 1.99
CA GLU B 1045 23.59 -4.62 2.61
C GLU B 1045 23.59 -6.12 2.86
N GLU B 1046 22.45 -6.79 2.75
CA GLU B 1046 22.34 -8.24 3.05
C GLU B 1046 21.94 -8.97 1.77
N ALA B 1047 22.45 -8.56 0.62
CA ALA B 1047 22.24 -9.29 -0.64
C ALA B 1047 23.25 -10.44 -0.81
N ASN B 1048 24.07 -10.76 0.20
CA ASN B 1048 24.89 -12.00 0.17
C ASN B 1048 23.96 -13.20 0.11
N THR B 1049 22.91 -13.17 0.91
CA THR B 1049 22.04 -14.33 1.12
C THR B 1049 21.11 -14.53 -0.09
N ALA B 1050 20.97 -13.51 -0.93
CA ALA B 1050 20.06 -13.58 -2.08
C ALA B 1050 20.69 -14.37 -3.19
N PHE B 1051 20.13 -15.55 -3.48
CA PHE B 1051 20.50 -16.35 -4.65
C PHE B 1051 19.37 -16.37 -5.65
N TYR B 1052 19.70 -16.63 -6.89
CA TYR B 1052 18.71 -16.97 -7.93
C TYR B 1052 19.26 -18.08 -8.80
N ILE B 1053 18.40 -18.59 -9.68
CA ILE B 1053 18.64 -19.86 -10.40
C ILE B 1053 18.40 -19.60 -11.87
N GLN B 1054 19.28 -20.11 -12.73
CA GLN B 1054 19.20 -19.95 -14.20
C GLN B 1054 19.12 -21.34 -14.81
N PRO B 1055 18.59 -21.46 -16.04
CA PRO B 1055 18.68 -22.73 -16.74
C PRO B 1055 20.06 -22.89 -17.41
N ILE B 1056 20.35 -24.09 -17.86
CA ILE B 1056 21.63 -24.36 -18.57
C ILE B 1056 21.33 -24.90 -19.96
N GLY B 1057 22.39 -24.97 -20.76
CA GLY B 1057 22.38 -25.54 -22.13
C GLY B 1057 21.52 -24.74 -23.08
N LEU B 1058 21.29 -23.47 -22.78
CA LEU B 1058 20.50 -22.59 -23.66
C LEU B 1058 21.45 -21.79 -24.53
N ALA B 1059 22.72 -22.18 -24.61
CA ALA B 1059 23.74 -21.46 -25.40
C ALA B 1059 23.37 -21.54 -26.87
N SER B 1060 23.49 -20.42 -27.57
CA SER B 1060 23.10 -20.33 -28.99
C SER B 1060 23.99 -19.30 -29.67
N LEU B 1061 24.10 -19.42 -30.98
CA LEU B 1061 24.87 -18.49 -31.83
C LEU B 1061 24.34 -18.67 -33.24
N GLU B 1062 23.76 -17.63 -33.79
CA GLU B 1062 23.15 -17.69 -35.13
C GLU B 1062 23.85 -16.67 -36.00
N VAL B 1063 24.32 -17.13 -37.15
CA VAL B 1063 25.05 -16.29 -38.13
C VAL B 1063 24.37 -16.43 -39.48
N LYS B 1064 24.70 -15.53 -40.39
CA LYS B 1064 24.12 -15.51 -41.75
C LYS B 1064 25.24 -15.39 -42.76
N ASP B 1065 24.91 -15.66 -44.01
CA ASP B 1065 25.86 -15.58 -45.14
C ASP B 1065 25.44 -14.40 -46.01
N SER B 1066 26.21 -13.32 -45.96
CA SER B 1066 25.89 -12.06 -46.66
C SER B 1066 26.65 -12.03 -47.98
N VAL B 1067 25.93 -11.86 -49.08
CA VAL B 1067 26.54 -11.73 -50.43
C VAL B 1067 26.92 -10.27 -50.60
N LEU B 1068 28.21 -9.97 -50.48
CA LEU B 1068 28.72 -8.59 -50.62
C LEU B 1068 29.10 -8.34 -52.08
N GLY B 1069 29.56 -7.12 -52.35
CA GLY B 1069 30.12 -6.70 -53.65
C GLY B 1069 31.55 -6.22 -53.50
N GLU B 1070 32.23 -6.07 -54.62
CA GLU B 1070 33.64 -5.63 -54.66
C GLU B 1070 33.68 -4.15 -54.23
N GLY B 1071 34.23 -3.89 -53.04
CA GLY B 1071 34.39 -2.54 -52.48
C GLY B 1071 33.36 -2.22 -51.42
N ASN B 1072 32.33 -3.05 -51.25
CA ASN B 1072 31.26 -2.76 -50.27
C ASN B 1072 31.72 -3.22 -48.89
N PRO B 1073 31.55 -2.40 -47.85
CA PRO B 1073 32.20 -2.64 -46.57
C PRO B 1073 31.60 -3.79 -45.76
N TRP B 1074 32.40 -4.27 -44.81
CA TRP B 1074 32.03 -5.39 -43.93
C TRP B 1074 32.53 -5.11 -42.53
N LEU B 1075 31.62 -5.10 -41.56
CA LEU B 1075 31.95 -5.22 -40.13
C LEU B 1075 31.56 -6.62 -39.67
N LYS B 1076 32.08 -7.02 -38.52
CA LYS B 1076 31.87 -8.40 -38.01
C LYS B 1076 30.43 -8.54 -37.53
N GLU B 1077 29.74 -7.45 -37.24
CA GLU B 1077 28.34 -7.48 -36.75
C GLU B 1077 27.37 -7.55 -37.92
N ASP B 1078 27.85 -7.51 -39.16
CA ASP B 1078 26.95 -7.57 -40.35
C ASP B 1078 26.42 -8.99 -40.52
N ASN B 1079 27.27 -9.99 -40.36
CA ASN B 1079 26.90 -11.41 -40.60
C ASN B 1079 26.52 -12.10 -39.30
N PHE B 1080 26.34 -11.36 -38.21
CA PHE B 1080 25.97 -11.94 -36.90
C PHE B 1080 24.51 -11.62 -36.64
N LEU B 1081 23.69 -12.64 -36.42
CA LEU B 1081 22.23 -12.46 -36.25
C LEU B 1081 21.91 -12.31 -34.77
N ASP B 1082 22.15 -13.34 -33.99
CA ASP B 1082 21.74 -13.36 -32.56
C ASP B 1082 22.51 -14.47 -31.85
N ALA B 1083 22.99 -14.18 -30.65
CA ALA B 1083 23.59 -15.18 -29.75
C ALA B 1083 22.85 -15.17 -28.43
N THR B 1084 23.26 -16.07 -27.55
CA THR B 1084 22.52 -16.33 -26.31
C THR B 1084 23.42 -17.11 -25.35
N ASP B 1085 23.52 -16.65 -24.10
CA ASP B 1085 24.34 -17.27 -23.02
C ASP B 1085 23.90 -18.69 -22.69
N ASP B 1086 24.61 -19.34 -21.78
CA ASP B 1086 24.22 -20.66 -21.22
C ASP B 1086 22.89 -20.57 -20.48
N TYR B 1087 22.49 -19.38 -20.04
CA TYR B 1087 21.26 -19.18 -19.22
C TYR B 1087 20.12 -18.64 -20.08
N GLY B 1088 20.39 -18.23 -21.32
CA GLY B 1088 19.34 -17.77 -22.25
C GLY B 1088 19.38 -16.27 -22.47
N ASN B 1089 20.38 -15.58 -21.95
CA ASN B 1089 20.45 -14.11 -22.02
C ASN B 1089 20.85 -13.71 -23.43
N GLN B 1090 20.09 -12.80 -24.02
CA GLN B 1090 20.35 -12.33 -25.40
C GLN B 1090 21.57 -11.42 -25.35
N ILE B 1091 22.72 -11.95 -25.78
CA ILE B 1091 23.98 -11.15 -25.81
C ILE B 1091 24.32 -10.82 -27.25
N ASP B 1092 25.25 -9.90 -27.42
CA ASP B 1092 25.63 -9.40 -28.76
C ASP B 1092 27.12 -9.61 -28.94
N LEU B 1093 27.65 -9.07 -30.03
CA LEU B 1093 29.03 -9.33 -30.47
C LEU B 1093 30.01 -8.58 -29.57
N SER B 1094 29.56 -7.55 -28.85
CA SER B 1094 30.43 -6.72 -27.97
C SER B 1094 30.74 -7.45 -26.66
N ASP B 1095 30.18 -8.64 -26.45
CA ASP B 1095 30.50 -9.47 -25.26
C ASP B 1095 31.95 -9.95 -25.35
N ASN B 1096 32.52 -10.30 -24.20
CA ASN B 1096 33.91 -10.81 -24.11
C ASN B 1096 33.92 -12.34 -24.22
N ARG B 1097 32.84 -12.94 -24.69
CA ARG B 1097 32.78 -14.41 -24.91
C ARG B 1097 32.64 -14.74 -26.39
N ILE B 1098 32.30 -13.78 -27.24
CA ILE B 1098 32.15 -14.05 -28.69
C ILE B 1098 33.38 -13.50 -29.40
N SER B 1099 34.22 -14.40 -29.90
CA SER B 1099 35.45 -14.06 -30.63
C SER B 1099 35.19 -14.27 -32.12
N VAL B 1100 35.55 -13.29 -32.93
CA VAL B 1100 35.40 -13.36 -34.40
C VAL B 1100 36.79 -13.64 -34.98
N THR B 1101 37.03 -14.87 -35.37
CA THR B 1101 38.34 -15.33 -35.85
C THR B 1101 38.30 -15.33 -37.37
N GLY B 1102 38.79 -14.25 -37.98
CA GLY B 1102 38.83 -14.11 -39.44
C GLY B 1102 38.27 -12.79 -39.89
N SER B 1103 38.72 -12.32 -41.04
CA SER B 1103 38.27 -11.04 -41.64
C SER B 1103 37.95 -11.29 -43.11
N VAL B 1104 37.75 -10.22 -43.86
CA VAL B 1104 37.48 -10.29 -45.32
C VAL B 1104 38.50 -9.41 -46.03
N ASP B 1105 38.31 -9.23 -47.33
CA ASP B 1105 39.08 -8.25 -48.13
C ASP B 1105 38.15 -7.20 -48.73
N THR B 1106 37.02 -7.64 -49.30
CA THR B 1106 36.03 -6.83 -50.06
C THR B 1106 36.70 -6.15 -51.27
N ASP B 1107 37.84 -6.63 -51.73
CA ASP B 1107 38.52 -6.07 -52.92
C ASP B 1107 38.74 -7.18 -53.93
N LYS B 1108 39.06 -8.38 -53.46
CA LYS B 1108 39.15 -9.58 -54.31
C LYS B 1108 37.82 -10.35 -54.27
N VAL B 1109 37.62 -11.18 -55.28
CA VAL B 1109 36.29 -11.77 -55.60
C VAL B 1109 36.07 -13.02 -54.74
N GLY B 1110 37.14 -13.62 -54.21
CA GLY B 1110 37.12 -14.91 -53.50
C GLY B 1110 36.19 -14.91 -52.31
N THR B 1111 35.57 -16.05 -52.00
CA THR B 1111 34.73 -16.25 -50.80
C THR B 1111 35.62 -16.18 -49.55
N TYR B 1112 35.04 -15.70 -48.45
CA TYR B 1112 35.74 -15.54 -47.16
C TYR B 1112 34.87 -16.13 -46.07
N SER B 1113 35.38 -17.16 -45.40
CA SER B 1113 34.70 -17.82 -44.27
C SER B 1113 35.16 -17.16 -42.97
N VAL B 1114 34.21 -16.67 -42.19
CA VAL B 1114 34.50 -16.06 -40.87
C VAL B 1114 33.87 -16.96 -39.81
N VAL B 1115 34.68 -17.40 -38.87
CA VAL B 1115 34.21 -18.29 -37.78
C VAL B 1115 33.82 -17.40 -36.60
N TYR B 1116 32.55 -17.47 -36.22
CA TYR B 1116 32.04 -16.87 -34.97
C TYR B 1116 32.05 -17.97 -33.93
N SER B 1117 32.47 -17.64 -32.71
CA SER B 1117 32.67 -18.64 -31.64
C SER B 1117 32.28 -18.06 -30.30
N TYR B 1118 31.33 -18.68 -29.63
CA TYR B 1118 30.96 -18.34 -28.24
C TYR B 1118 31.66 -19.33 -27.32
N THR B 1119 32.60 -18.84 -26.53
CA THR B 1119 33.38 -19.67 -25.57
C THR B 1119 32.67 -19.61 -24.22
N GLY B 1120 31.97 -20.68 -23.87
CA GLY B 1120 31.12 -20.72 -22.67
C GLY B 1120 31.94 -21.00 -21.43
N ILE B 1121 31.29 -21.61 -20.45
CA ILE B 1121 31.93 -21.97 -19.16
C ILE B 1121 32.45 -23.40 -19.26
N ASP B 1122 31.83 -24.25 -20.06
CA ASP B 1122 32.24 -25.66 -20.21
C ASP B 1122 32.42 -26.02 -21.69
N LYS B 1123 31.54 -25.53 -22.56
CA LYS B 1123 31.57 -25.86 -24.00
C LYS B 1123 31.75 -24.59 -24.83
N THR B 1124 32.40 -24.73 -25.98
CA THR B 1124 32.60 -23.63 -26.94
C THR B 1124 32.00 -24.06 -28.27
N ASN B 1125 30.95 -23.38 -28.69
CA ASN B 1125 30.27 -23.69 -29.97
C ASN B 1125 30.69 -22.65 -30.99
N THR B 1126 31.17 -23.12 -32.14
CA THR B 1126 31.63 -22.28 -33.26
C THR B 1126 30.58 -22.34 -34.36
N GLU B 1127 30.33 -21.22 -35.01
CA GLU B 1127 29.37 -21.15 -36.12
C GLU B 1127 30.06 -20.54 -37.33
N LYS B 1128 30.12 -21.31 -38.41
CA LYS B 1128 30.74 -20.89 -39.69
C LYS B 1128 29.83 -19.85 -40.36
N ALA B 1129 30.42 -18.76 -40.84
CA ALA B 1129 29.69 -17.73 -41.60
C ALA B 1129 30.53 -17.33 -42.79
N THR B 1130 30.11 -17.70 -43.99
CA THR B 1130 30.85 -17.39 -45.24
C THR B 1130 30.30 -16.12 -45.87
N ILE B 1131 31.19 -15.28 -46.36
CA ILE B 1131 30.85 -13.96 -46.95
C ILE B 1131 31.48 -13.95 -48.34
N THR B 1132 30.68 -14.18 -49.37
CA THR B 1132 31.20 -14.06 -50.75
C THR B 1132 31.32 -12.58 -51.11
N VAL B 1133 32.25 -12.27 -52.00
CA VAL B 1133 32.39 -10.89 -52.54
C VAL B 1133 32.19 -10.98 -54.05
N LYS B 1134 30.95 -10.84 -54.51
CA LYS B 1134 30.66 -10.97 -55.96
C LYS B 1134 31.21 -9.75 -56.69
N LEU B 1135 31.81 -9.98 -57.85
CA LEU B 1135 32.47 -8.92 -58.66
C LEU B 1135 31.38 -7.97 -59.18
N ASP B 1136 31.56 -6.67 -58.95
CA ASP B 1136 30.64 -5.62 -59.46
C ASP B 1136 31.44 -4.67 -60.35
N LYS B 1137 30.92 -4.43 -61.56
CA LYS B 1137 31.47 -3.42 -62.50
C LYS B 1137 30.34 -2.50 -62.93
N SER B 1138 29.96 -1.54 -62.11
CA SER B 1138 28.72 -0.76 -62.31
C SER B 1138 29.07 0.68 -62.69
N SER B 1139 28.95 1.00 -63.98
CA SER B 1139 29.18 2.37 -64.50
C SER B 1139 28.04 2.78 -65.44
N ILE B 1140 27.59 4.03 -65.33
CA ILE B 1140 26.51 4.59 -66.20
C ILE B 1140 27.03 5.85 -66.88
N LYS B 1141 28.25 5.78 -67.43
CA LYS B 1141 28.98 6.85 -68.15
C LYS B 1141 28.04 7.66 -69.07
N THR B 1142 28.11 8.99 -68.97
CA THR B 1142 27.23 9.92 -69.71
C THR B 1142 28.05 10.98 -70.44
N GLN B 1143 27.38 11.69 -71.33
CA GLN B 1143 27.90 12.96 -71.93
C GLN B 1143 26.70 13.85 -72.28
N ASP B 1144 26.99 15.14 -72.43
CA ASP B 1144 25.96 16.19 -72.60
C ASP B 1144 25.46 16.21 -74.03
N SER B 1145 24.20 16.60 -74.21
CA SER B 1145 23.54 16.66 -75.53
C SER B 1145 22.70 17.94 -75.63
N THR B 1146 22.59 18.46 -76.85
CA THR B 1146 21.68 19.57 -77.18
C THR B 1146 20.65 19.04 -78.18
N LEU B 1147 19.37 19.06 -77.79
CA LEU B 1147 18.25 18.62 -78.66
C LEU B 1147 17.96 19.73 -79.67
N GLN B 1148 17.13 19.44 -80.67
CA GLN B 1148 16.74 20.40 -81.74
C GLN B 1148 15.30 20.92 -81.50
N ASN B 1149 14.77 21.66 -82.46
CA ASN B 1149 13.38 22.18 -82.44
C ASN B 1149 12.43 21.08 -81.96
N GLY B 1150 11.79 21.31 -80.81
CA GLY B 1150 10.91 20.33 -80.14
C GLY B 1150 11.40 18.91 -80.35
N LYS B 1151 12.69 18.67 -80.11
CA LYS B 1151 13.31 17.35 -80.41
C LYS B 1151 12.78 16.28 -79.46
N GLU B 1152 11.88 15.43 -79.95
CA GLU B 1152 11.40 14.25 -79.15
C GLU B 1152 12.62 13.60 -78.50
N TRP B 1153 12.50 13.21 -77.23
CA TRP B 1153 13.65 12.74 -76.42
C TRP B 1153 13.47 11.26 -76.08
N VAL B 1154 14.55 10.49 -76.21
CA VAL B 1154 14.66 9.11 -75.66
C VAL B 1154 15.94 9.06 -74.81
N ARG B 1155 16.21 7.92 -74.20
CA ARG B 1155 17.35 7.77 -73.25
C ARG B 1155 18.67 7.65 -74.03
N ALA B 1156 18.65 7.06 -75.21
CA ALA B 1156 19.84 6.50 -75.90
C ALA B 1156 20.80 7.61 -76.37
N ASP B 1157 20.37 8.87 -76.43
CA ASP B 1157 21.21 9.96 -77.01
C ASP B 1157 22.26 10.43 -75.98
N ASN B 1158 22.07 10.13 -74.69
CA ASN B 1158 23.00 10.62 -73.62
C ASN B 1158 23.75 9.43 -73.02
N LEU B 1159 23.22 8.83 -71.94
CA LEU B 1159 23.86 7.65 -71.29
C LEU B 1159 24.37 6.72 -72.39
N VAL B 1160 25.65 6.37 -72.36
CA VAL B 1160 26.32 5.65 -73.48
C VAL B 1160 26.81 4.28 -72.98
N GLU B 1161 27.35 4.19 -71.77
CA GLU B 1161 27.96 2.95 -71.26
C GLU B 1161 27.26 2.54 -69.97
N VAL B 1162 26.44 1.50 -70.04
CA VAL B 1162 25.74 0.92 -68.86
C VAL B 1162 26.04 -0.57 -68.82
N ILE B 1163 26.61 -1.03 -67.71
CA ILE B 1163 27.01 -2.46 -67.52
C ILE B 1163 26.62 -2.90 -66.12
N ASP B 1164 26.24 -4.16 -65.99
CA ASP B 1164 25.74 -4.76 -64.73
C ASP B 1164 26.94 -5.21 -63.87
N GLU B 1165 26.68 -6.07 -62.88
CA GLU B 1165 27.69 -6.55 -61.91
C GLU B 1165 28.76 -7.38 -62.63
N ASP B 1166 28.34 -8.34 -63.45
CA ASP B 1166 29.28 -9.26 -64.15
C ASP B 1166 29.83 -8.60 -65.42
N GLY B 1167 29.25 -7.48 -65.86
CA GLY B 1167 29.83 -6.57 -66.88
C GLY B 1167 29.34 -6.84 -68.29
N ASN B 1168 28.20 -7.50 -68.47
CA ASN B 1168 27.67 -7.77 -69.83
C ASN B 1168 26.84 -6.57 -70.30
N LYS B 1169 26.59 -6.49 -71.60
CA LYS B 1169 25.84 -5.36 -72.18
C LYS B 1169 24.35 -5.51 -71.83
N VAL B 1170 23.74 -4.43 -71.34
CA VAL B 1170 22.29 -4.40 -71.00
C VAL B 1170 21.67 -3.21 -71.74
N ASP B 1171 20.35 -3.26 -71.96
CA ASP B 1171 19.64 -2.20 -72.71
C ASP B 1171 19.19 -1.10 -71.74
N TYR B 1172 18.98 0.10 -72.28
CA TYR B 1172 18.61 1.29 -71.48
C TYR B 1172 17.17 1.22 -70.99
N SER B 1173 16.33 0.32 -71.52
CA SER B 1173 14.90 0.24 -71.15
C SER B 1173 14.67 -0.82 -70.06
N ASP B 1174 15.68 -1.19 -69.30
CA ASP B 1174 15.56 -2.27 -68.28
C ASP B 1174 14.75 -1.76 -67.09
N ASP B 1175 14.23 -2.71 -66.30
CA ASP B 1175 13.38 -2.41 -65.11
C ASP B 1175 14.21 -1.78 -63.98
N ARG B 1176 15.53 -1.96 -63.96
CA ARG B 1176 16.39 -1.50 -62.84
C ARG B 1176 16.80 -0.04 -63.05
N ILE B 1177 16.58 0.52 -64.24
CA ILE B 1177 16.97 1.92 -64.54
C ILE B 1177 15.82 2.84 -64.15
N ILE B 1178 16.10 3.79 -63.27
CA ILE B 1178 15.12 4.82 -62.83
C ILE B 1178 15.69 6.19 -63.19
N GLN B 1179 14.91 7.02 -63.86
CA GLN B 1179 15.32 8.40 -64.24
C GLN B 1179 14.70 9.39 -63.26
N GLU B 1180 15.29 10.58 -63.18
CA GLU B 1180 14.88 11.64 -62.24
C GLU B 1180 14.58 12.91 -63.04
N GLY B 1181 13.33 13.38 -62.98
CA GLY B 1181 12.88 14.64 -63.61
C GLY B 1181 12.35 14.43 -65.02
N ASP B 1182 12.12 15.53 -65.72
CA ASP B 1182 11.54 15.55 -67.08
C ASP B 1182 12.32 16.54 -67.94
N VAL B 1183 12.44 16.24 -69.22
CA VAL B 1183 12.99 17.17 -70.23
C VAL B 1183 11.81 17.88 -70.89
N ASP B 1184 11.73 19.20 -70.73
CA ASP B 1184 10.70 20.02 -71.40
C ASP B 1184 11.16 20.29 -72.82
N ILE B 1185 10.72 19.47 -73.77
CA ILE B 1185 11.01 19.68 -75.22
C ILE B 1185 10.24 20.90 -75.74
N ASN B 1186 9.20 21.34 -75.02
CA ASN B 1186 8.32 22.46 -75.43
C ASN B 1186 8.87 23.81 -74.98
N LYS B 1187 10.01 23.83 -74.27
CA LYS B 1187 10.54 25.04 -73.60
C LYS B 1187 12.06 25.09 -73.81
N ALA B 1188 12.57 26.21 -74.29
CA ALA B 1188 14.02 26.43 -74.50
C ALA B 1188 14.70 26.61 -73.14
N GLY B 1189 15.65 25.73 -72.80
CA GLY B 1189 16.32 25.76 -71.49
C GLY B 1189 17.12 24.50 -71.24
N VAL B 1190 18.11 24.60 -70.34
CA VAL B 1190 18.98 23.47 -69.95
C VAL B 1190 18.38 22.82 -68.70
N TYR B 1191 18.37 21.50 -68.65
CA TYR B 1191 17.68 20.71 -67.59
C TYR B 1191 18.65 19.71 -66.99
N ASP B 1192 18.56 19.51 -65.67
CA ASP B 1192 19.39 18.53 -64.93
C ASP B 1192 18.63 17.21 -64.89
N ILE B 1193 19.17 16.20 -65.58
CA ILE B 1193 18.57 14.83 -65.62
C ILE B 1193 19.60 13.83 -65.12
N THR B 1194 19.22 13.06 -64.12
CA THR B 1194 20.09 12.02 -63.50
C THR B 1194 19.41 10.67 -63.64
N PHE B 1195 20.15 9.67 -64.12
CA PHE B 1195 19.67 8.28 -64.22
C PHE B 1195 20.26 7.45 -63.09
N ARG B 1196 19.45 6.57 -62.52
CA ARG B 1196 19.87 5.67 -61.43
C ARG B 1196 19.60 4.24 -61.85
N TYR B 1197 20.65 3.42 -61.84
CA TYR B 1197 20.56 1.96 -62.05
C TYR B 1197 20.76 1.28 -60.70
N ARG B 1198 19.73 0.59 -60.21
CA ARG B 1198 19.81 -0.11 -58.92
C ARG B 1198 20.47 -1.46 -59.17
N GLY B 1199 21.79 -1.52 -58.98
CA GLY B 1199 22.54 -2.78 -58.98
C GLY B 1199 22.17 -3.65 -57.80
N LYS B 1200 22.73 -4.86 -57.75
CA LYS B 1200 22.48 -5.80 -56.63
C LYS B 1200 23.17 -5.29 -55.36
N PHE B 1201 24.23 -4.49 -55.50
CA PHE B 1201 25.10 -4.11 -54.36
C PHE B 1201 25.11 -2.61 -54.09
N LYS B 1202 24.84 -1.77 -55.08
CA LYS B 1202 24.80 -0.30 -54.89
C LYS B 1202 24.03 0.35 -56.03
N ILE B 1203 23.44 1.50 -55.74
CA ILE B 1203 22.80 2.36 -56.77
C ILE B 1203 23.84 3.40 -57.18
N ILE B 1204 24.01 3.58 -58.48
CA ILE B 1204 24.99 4.55 -59.01
C ILE B 1204 24.23 5.69 -59.69
N SER B 1205 24.83 6.87 -59.67
CA SER B 1205 24.19 8.12 -60.16
C SER B 1205 25.15 8.85 -61.09
N SER B 1206 24.63 9.31 -62.21
CA SER B 1206 25.39 10.14 -63.18
C SER B 1206 24.43 11.18 -63.76
N SER B 1207 24.77 12.45 -63.58
CA SER B 1207 23.98 13.60 -64.07
C SER B 1207 24.48 14.02 -65.45
N PHE B 1208 23.59 14.59 -66.24
CA PHE B 1208 23.94 15.26 -67.51
C PHE B 1208 22.95 16.39 -67.76
N LYS B 1209 23.37 17.35 -68.58
CA LYS B 1209 22.57 18.56 -68.88
C LYS B 1209 22.03 18.43 -70.30
N VAL B 1210 20.75 18.75 -70.47
CA VAL B 1210 20.03 18.61 -71.76
C VAL B 1210 19.52 19.99 -72.18
N THR B 1211 20.09 20.55 -73.24
CA THR B 1211 19.77 21.91 -73.70
C THR B 1211 18.78 21.81 -74.86
N VAL B 1212 17.72 22.61 -74.82
CA VAL B 1212 16.70 22.63 -75.89
C VAL B 1212 17.04 23.76 -76.87
#